data_9DCI
#
_entry.id   9DCI
#
_cell.length_a   1.00
_cell.length_b   1.00
_cell.length_c   1.00
_cell.angle_alpha   90.00
_cell.angle_beta   90.00
_cell.angle_gamma   90.00
#
_symmetry.space_group_name_H-M   'P 1'
#
_entity_poly.entity_id   1
_entity_poly.type   'polypeptide(L)'
_entity_poly.pdbx_seq_one_letter_code
;MSVHATDAKPPGPSPADQLLDGLNPQQRQAVVHEGSPLLIVAGAGSGKTAVLTRRIAYLMAARGVGVGQILAITFTNKAA
AEMRERVVGLVGEKARYMWVSTFHSTCVRILRNQAALIEGLNSNFSIYDADDSRRLLQMVGRDLGLDIKRYSPRLLANAI
SNLKNELIDPHQALAGLTEDSDDLARAVASVYDEYQRRLRAANALDFDDLIGETVAVLQAFPQIAQYYRRRFRHVLVDEY
QDTNHAQYVLVRELVGRDSNDGIPPGELCVVGDADQSIYAFRGATIRNIEDFERDYPDTRTILLEQNYRSTQNILSAANS
VIARNAGRREKRLWTDAGAGELIVGYVADNEHDEARFVAEEIDALAEGSEITYNDVAVFYRTNNSSRSLEEVLIRAGIPY
KVVGGVRFYERKEIRDIVAYLRVLDNPGDAVSLRRILNTPRRGIGDRAEACVAVYAENTGVGFGDALVAAAQGKVPMLNT
RAEKAIAGFVEMFDELRGRLDDDLGELVEAVLERTGYRRELEASTDPQELARLDNLNELVSVAHEFSTDRENAAALGPDD
EDVPDTGVLADFLERVSLVADADEIPEHGAGVVTLMTLHTAKGLEFPVVFVTGWEDGMFPHMRALDNPTELSEERRLAYV
GITRARQRLYVSRAIVRSSWGQPMLNPESRFLREIPQELIDWRRTAPKPSFSAPVSGAGRFGSARPSPTRSGASRRPLLV
LQVGDRVTHDKYGLGRVEEVSGVGESAMSLIDFGSSGRVKLMHNHAPVTKL
;
_entity_poly.pdbx_strand_id   A,B
#
# COMPACT_ATOMS: atom_id res chain seq x y z
N ALA A 16 26.10 -29.48 5.95
CA ALA A 16 25.25 -30.63 5.71
C ALA A 16 24.64 -31.13 7.02
N ASP A 17 25.45 -31.85 7.81
CA ASP A 17 24.97 -32.39 9.07
C ASP A 17 24.69 -31.30 10.10
N GLN A 18 25.12 -30.07 9.87
CA GLN A 18 24.85 -28.99 10.81
C GLN A 18 23.37 -28.69 10.92
N LEU A 19 22.62 -28.79 9.82
CA LEU A 19 21.18 -28.58 9.85
C LEU A 19 20.44 -29.67 10.61
N LEU A 20 21.09 -30.80 10.89
CA LEU A 20 20.44 -31.96 11.47
C LEU A 20 20.72 -32.15 12.96
N ASP A 21 21.95 -31.90 13.39
CA ASP A 21 22.36 -32.21 14.77
C ASP A 21 21.98 -31.11 15.74
N GLY A 22 20.74 -30.62 15.65
CA GLY A 22 20.22 -29.64 16.57
C GLY A 22 18.74 -29.79 16.81
N LEU A 23 18.15 -30.86 16.29
CA LEU A 23 16.71 -31.03 16.26
C LEU A 23 16.32 -32.41 16.78
N ASN A 24 15.08 -32.50 17.26
CA ASN A 24 14.53 -33.78 17.65
C ASN A 24 14.42 -34.69 16.42
N PRO A 25 14.56 -36.02 16.60
CA PRO A 25 14.56 -36.91 15.43
C PRO A 25 13.29 -36.86 14.60
N GLN A 26 12.17 -36.42 15.15
CA GLN A 26 10.93 -36.36 14.36
C GLN A 26 11.07 -35.39 13.19
N GLN A 27 11.47 -34.15 13.48
CA GLN A 27 11.69 -33.20 12.39
C GLN A 27 12.91 -33.55 11.57
N ARG A 28 13.88 -34.26 12.13
CA ARG A 28 15.00 -34.76 11.33
C ARG A 28 14.51 -35.69 10.23
N GLN A 29 13.69 -36.68 10.61
CA GLN A 29 13.13 -37.59 9.62
C GLN A 29 12.18 -36.87 8.67
N ALA A 30 11.46 -35.87 9.16
CA ALA A 30 10.61 -35.08 8.27
C ALA A 30 11.43 -34.33 7.24
N VAL A 31 12.60 -33.81 7.64
CA VAL A 31 13.45 -33.09 6.71
C VAL A 31 14.08 -34.02 5.69
N VAL A 32 14.68 -35.12 6.15
CA VAL A 32 15.46 -35.97 5.25
C VAL A 32 14.56 -36.68 4.26
N HIS A 33 13.38 -37.11 4.69
CA HIS A 33 12.50 -37.89 3.83
C HIS A 33 12.12 -37.11 2.57
N GLU A 34 12.27 -37.75 1.42
CA GLU A 34 12.03 -37.09 0.14
C GLU A 34 11.21 -37.91 -0.85
N GLY A 35 11.19 -39.23 -0.74
CA GLY A 35 10.44 -40.03 -1.70
C GLY A 35 8.94 -39.94 -1.45
N SER A 36 8.19 -39.83 -2.55
CA SER A 36 6.73 -39.76 -2.55
C SER A 36 6.23 -38.47 -1.89
N PRO A 37 4.98 -38.06 -2.12
CA PRO A 37 4.46 -36.88 -1.41
C PRO A 37 4.45 -37.10 0.09
N LEU A 38 4.68 -36.01 0.82
CA LEU A 38 4.81 -36.04 2.27
C LEU A 38 3.82 -35.09 2.92
N LEU A 39 3.29 -35.51 4.07
CA LEU A 39 2.42 -34.69 4.89
C LEU A 39 2.93 -34.69 6.32
N ILE A 40 2.85 -33.53 6.97
CA ILE A 40 3.34 -33.37 8.32
C ILE A 40 2.34 -32.53 9.11
N VAL A 41 2.04 -32.97 10.33
CA VAL A 41 1.15 -32.25 11.22
C VAL A 41 1.99 -31.32 12.07
N ALA A 42 1.74 -30.02 11.95
CA ALA A 42 2.50 -29.00 12.64
C ALA A 42 1.83 -28.68 13.97
N GLY A 43 2.40 -29.17 15.06
CA GLY A 43 1.83 -28.94 16.36
C GLY A 43 1.84 -27.48 16.76
N ALA A 44 1.19 -27.19 17.87
CA ALA A 44 1.05 -25.81 18.34
C ALA A 44 2.41 -25.27 18.75
N GLY A 45 2.98 -24.39 17.93
CA GLY A 45 4.27 -23.81 18.25
C GLY A 45 5.44 -24.77 18.15
N SER A 46 5.32 -25.82 17.33
CA SER A 46 6.41 -26.78 17.14
C SER A 46 7.45 -26.29 16.15
N GLY A 47 7.47 -25.00 15.84
CA GLY A 47 8.48 -24.47 14.94
C GLY A 47 8.35 -24.99 13.53
N LYS A 48 7.13 -24.98 12.99
CA LYS A 48 6.91 -25.50 11.65
C LYS A 48 7.68 -24.71 10.59
N THR A 49 7.78 -23.40 10.75
CA THR A 49 8.51 -22.60 9.76
C THR A 49 9.99 -22.96 9.74
N ALA A 50 10.59 -23.14 10.92
CA ALA A 50 12.00 -23.51 10.99
C ALA A 50 12.23 -24.88 10.37
N VAL A 51 11.38 -25.85 10.69
CA VAL A 51 11.52 -27.18 10.10
C VAL A 51 11.35 -27.12 8.60
N LEU A 52 10.39 -26.32 8.12
CA LEU A 52 10.16 -26.19 6.69
C LEU A 52 11.38 -25.62 5.98
N THR A 53 11.95 -24.53 6.51
CA THR A 53 13.09 -23.92 5.83
C THR A 53 14.33 -24.80 5.92
N ARG A 54 14.53 -25.50 7.04
CA ARG A 54 15.65 -26.43 7.12
C ARG A 54 15.49 -27.58 6.13
N ARG A 55 14.26 -28.09 5.97
CA ARG A 55 14.05 -29.13 4.97
C ARG A 55 14.31 -28.61 3.57
N ILE A 56 13.93 -27.36 3.29
CA ILE A 56 14.17 -26.79 1.96
C ILE A 56 15.67 -26.66 1.70
N ALA A 57 16.42 -26.19 2.71
CA ALA A 57 17.86 -26.08 2.56
C ALA A 57 18.50 -27.44 2.34
N TYR A 58 18.06 -28.45 3.09
CA TYR A 58 18.60 -29.79 2.90
C TYR A 58 18.25 -30.34 1.52
N LEU A 59 17.05 -30.03 1.03
CA LEU A 59 16.66 -30.43 -0.32
C LEU A 59 17.59 -29.82 -1.36
N MET A 60 17.87 -28.53 -1.23
CA MET A 60 18.77 -27.88 -2.18
C MET A 60 20.19 -28.41 -2.09
N ALA A 61 20.67 -28.68 -0.87
CA ALA A 61 22.06 -29.11 -0.71
C ALA A 61 22.27 -30.55 -1.14
N ALA A 62 21.33 -31.44 -0.81
CA ALA A 62 21.52 -32.87 -1.04
C ALA A 62 20.96 -33.31 -2.39
N ARG A 63 19.66 -33.10 -2.61
CA ARG A 63 19.03 -33.49 -3.85
C ARG A 63 19.36 -32.55 -5.01
N GLY A 64 19.83 -31.34 -4.72
CA GLY A 64 20.23 -30.41 -5.76
C GLY A 64 19.12 -30.06 -6.73
N VAL A 65 17.94 -29.75 -6.20
CA VAL A 65 16.80 -29.41 -7.05
C VAL A 65 17.08 -28.11 -7.79
N GLY A 66 16.60 -28.03 -9.03
CA GLY A 66 16.74 -26.82 -9.81
C GLY A 66 16.03 -25.64 -9.14
N VAL A 67 16.70 -24.50 -9.15
CA VAL A 67 16.14 -23.31 -8.50
C VAL A 67 14.92 -22.82 -9.25
N GLY A 68 14.94 -22.90 -10.59
CA GLY A 68 13.81 -22.48 -11.38
C GLY A 68 12.65 -23.45 -11.41
N GLN A 69 12.79 -24.60 -10.77
CA GLN A 69 11.75 -25.62 -10.75
C GLN A 69 11.08 -25.79 -9.39
N ILE A 70 11.72 -25.35 -8.30
CA ILE A 70 11.16 -25.51 -6.98
C ILE A 70 10.24 -24.33 -6.68
N LEU A 71 9.03 -24.63 -6.22
CA LEU A 71 8.03 -23.62 -5.90
C LEU A 71 7.61 -23.78 -4.44
N ALA A 72 7.71 -22.69 -3.68
CA ALA A 72 7.18 -22.61 -2.33
C ALA A 72 6.05 -21.60 -2.33
N ILE A 73 4.92 -21.95 -1.72
CA ILE A 73 3.76 -21.08 -1.72
C ILE A 73 3.30 -20.85 -0.28
N THR A 74 2.63 -19.72 -0.08
CA THR A 74 2.08 -19.35 1.22
C THR A 74 0.77 -18.61 0.97
N PHE A 75 0.17 -18.08 2.03
CA PHE A 75 -1.07 -17.34 1.90
C PHE A 75 -0.98 -15.89 2.33
N THR A 76 -0.08 -15.56 3.25
CA THR A 76 0.12 -14.19 3.71
C THR A 76 1.51 -13.71 3.32
N ASN A 77 1.62 -12.40 3.10
CA ASN A 77 2.89 -11.82 2.67
C ASN A 77 3.96 -11.92 3.75
N LYS A 78 3.58 -11.80 5.02
CA LYS A 78 4.57 -11.82 6.10
C LYS A 78 5.25 -13.17 6.21
N ALA A 79 4.47 -14.26 6.18
CA ALA A 79 5.07 -15.58 6.26
C ALA A 79 5.94 -15.91 5.05
N ALA A 80 5.49 -15.51 3.86
CA ALA A 80 6.31 -15.72 2.66
C ALA A 80 7.60 -14.93 2.75
N ALA A 81 7.53 -13.69 3.24
CA ALA A 81 8.73 -12.89 3.41
C ALA A 81 9.68 -13.53 4.41
N GLU A 82 9.15 -14.06 5.51
CA GLU A 82 10.00 -14.72 6.51
C GLU A 82 10.66 -15.96 5.93
N MET A 83 9.90 -16.77 5.19
CA MET A 83 10.47 -17.96 4.58
C MET A 83 11.54 -17.60 3.56
N ARG A 84 11.30 -16.57 2.76
CA ARG A 84 12.32 -16.12 1.81
C ARG A 84 13.54 -15.58 2.53
N GLU A 85 13.35 -14.91 3.67
CA GLU A 85 14.48 -14.46 4.48
C GLU A 85 15.32 -15.64 4.94
N ARG A 86 14.66 -16.69 5.44
CA ARG A 86 15.38 -17.88 5.88
C ARG A 86 16.12 -18.53 4.72
N VAL A 87 15.48 -18.59 3.55
CA VAL A 87 16.12 -19.18 2.38
C VAL A 87 17.36 -18.39 1.98
N VAL A 88 17.24 -17.06 1.93
CA VAL A 88 18.36 -16.22 1.53
C VAL A 88 19.50 -16.33 2.54
N GLY A 89 19.18 -16.31 3.83
CA GLY A 89 20.21 -16.40 4.84
C GLY A 89 20.75 -17.81 5.04
N LEU A 90 20.13 -18.81 4.42
CA LEU A 90 20.54 -20.19 4.62
C LEU A 90 21.19 -20.83 3.38
N VAL A 91 20.68 -20.55 2.19
CA VAL A 91 21.15 -21.29 1.01
C VAL A 91 21.78 -20.36 -0.03
N GLY A 92 21.39 -19.09 -0.03
CA GLY A 92 21.94 -18.14 -0.96
C GLY A 92 20.86 -17.22 -1.51
N GLU A 93 21.22 -16.47 -2.55
CA GLU A 93 20.35 -15.43 -3.06
C GLU A 93 19.84 -15.78 -4.46
N LYS A 94 19.43 -17.03 -4.66
CA LYS A 94 18.83 -17.47 -5.90
C LYS A 94 17.32 -17.21 -5.96
N ALA A 95 16.83 -16.22 -5.22
CA ALA A 95 15.40 -15.96 -5.17
C ALA A 95 14.83 -15.46 -6.50
N ARG A 96 15.69 -15.06 -7.44
CA ARG A 96 15.21 -14.55 -8.73
C ARG A 96 14.59 -15.63 -9.60
N TYR A 97 14.94 -16.91 -9.37
CA TYR A 97 14.41 -18.00 -10.18
C TYR A 97 13.43 -18.89 -9.44
N MET A 98 13.30 -18.74 -8.13
CA MET A 98 12.32 -19.49 -7.34
C MET A 98 11.29 -18.51 -6.80
N TRP A 99 10.00 -18.84 -6.99
CA TRP A 99 8.91 -17.97 -6.59
C TRP A 99 8.36 -18.42 -5.24
N VAL A 100 8.45 -17.55 -4.25
CA VAL A 100 7.86 -17.77 -2.93
C VAL A 100 6.90 -16.63 -2.68
N SER A 101 5.64 -16.84 -3.05
CA SER A 101 4.63 -15.78 -2.97
C SER A 101 3.31 -16.40 -2.56
N THR A 102 2.27 -15.56 -2.48
CA THR A 102 0.95 -16.03 -2.11
C THR A 102 0.28 -16.68 -3.31
N PHE A 103 -0.88 -17.30 -3.05
CA PHE A 103 -1.66 -17.91 -4.12
C PHE A 103 -2.06 -16.88 -5.16
N HIS A 104 -2.61 -15.74 -4.71
CA HIS A 104 -3.14 -14.75 -5.66
C HIS A 104 -2.05 -14.14 -6.52
N SER A 105 -0.91 -13.77 -5.91
CA SER A 105 0.16 -13.12 -6.67
C SER A 105 0.77 -14.07 -7.69
N THR A 106 1.09 -15.29 -7.25
CA THR A 106 1.67 -16.26 -8.17
C THR A 106 0.69 -16.62 -9.27
N CYS A 107 -0.59 -16.80 -8.93
CA CYS A 107 -1.59 -17.13 -9.93
C CYS A 107 -1.75 -16.02 -10.95
N VAL A 108 -1.79 -14.76 -10.50
CA VAL A 108 -1.98 -13.66 -11.45
C VAL A 108 -0.76 -13.49 -12.32
N ARG A 109 0.45 -13.67 -11.77
CA ARG A 109 1.66 -13.61 -12.59
C ARG A 109 1.65 -14.72 -13.65
N ILE A 110 1.27 -15.93 -13.25
CA ILE A 110 1.24 -17.05 -14.18
C ILE A 110 0.23 -16.81 -15.29
N LEU A 111 -0.97 -16.32 -14.94
CA LEU A 111 -1.99 -16.11 -15.96
C LEU A 111 -1.65 -14.92 -16.86
N ARG A 112 -0.95 -13.91 -16.33
CA ARG A 112 -0.58 -12.77 -17.15
C ARG A 112 0.58 -13.11 -18.09
N ASN A 113 1.47 -14.02 -17.68
CA ASN A 113 2.55 -14.44 -18.57
C ASN A 113 2.01 -15.07 -19.84
N GLN A 114 0.93 -15.84 -19.73
CA GLN A 114 0.29 -16.50 -20.86
C GLN A 114 -1.04 -15.84 -21.19
N ALA A 115 -1.16 -14.55 -20.94
CA ALA A 115 -2.43 -13.84 -21.07
C ALA A 115 -2.81 -13.56 -22.52
N ALA A 116 -1.89 -13.73 -23.46
CA ALA A 116 -2.19 -13.49 -24.86
C ALA A 116 -2.74 -14.72 -25.59
N LEU A 117 -2.78 -15.87 -24.92
CA LEU A 117 -3.22 -17.11 -25.55
C LEU A 117 -4.65 -17.47 -25.17
N ILE A 118 -5.41 -16.50 -24.66
CA ILE A 118 -6.80 -16.69 -24.31
C ILE A 118 -7.63 -15.66 -25.06
N GLU A 119 -8.64 -16.12 -25.78
CA GLU A 119 -9.52 -15.22 -26.52
C GLU A 119 -10.53 -14.58 -25.58
N GLY A 120 -10.81 -13.30 -25.80
CA GLY A 120 -11.70 -12.54 -24.96
C GLY A 120 -11.04 -11.91 -23.74
N LEU A 121 -10.00 -12.56 -23.21
CA LEU A 121 -9.27 -12.06 -22.06
C LEU A 121 -7.92 -11.52 -22.54
N ASN A 122 -7.63 -10.28 -22.16
CA ASN A 122 -6.39 -9.63 -22.53
C ASN A 122 -5.67 -9.13 -21.28
N SER A 123 -4.36 -9.01 -21.37
CA SER A 123 -3.53 -8.64 -20.24
C SER A 123 -3.71 -7.19 -19.80
N ASN A 124 -4.44 -6.39 -20.58
CA ASN A 124 -4.73 -5.01 -20.20
C ASN A 124 -5.86 -4.91 -19.19
N PHE A 125 -6.43 -6.04 -18.77
CA PHE A 125 -7.51 -6.03 -17.80
C PHE A 125 -7.02 -5.45 -16.47
N SER A 126 -7.92 -4.72 -15.81
CA SER A 126 -7.62 -4.09 -14.53
C SER A 126 -8.40 -4.78 -13.43
N ILE A 127 -7.72 -5.10 -12.33
CA ILE A 127 -8.38 -5.74 -11.20
C ILE A 127 -9.39 -4.77 -10.60
N TYR A 128 -10.51 -5.31 -10.11
CA TYR A 128 -11.60 -4.50 -9.60
C TYR A 128 -11.72 -4.69 -8.09
N ASP A 129 -11.82 -3.58 -7.37
CA ASP A 129 -12.07 -3.61 -5.94
C ASP A 129 -13.57 -3.76 -5.71
N ALA A 130 -13.99 -3.68 -4.45
CA ALA A 130 -15.41 -3.84 -4.14
C ALA A 130 -16.23 -2.67 -4.68
N ASP A 131 -15.62 -1.50 -4.88
CA ASP A 131 -16.38 -0.33 -5.31
C ASP A 131 -16.87 -0.48 -6.75
N ASP A 132 -15.98 -0.87 -7.66
CA ASP A 132 -16.38 -1.00 -9.06
C ASP A 132 -17.38 -2.13 -9.25
N SER A 133 -17.16 -3.26 -8.57
CA SER A 133 -18.12 -4.36 -8.62
C SER A 133 -19.47 -3.93 -8.05
N ARG A 134 -19.45 -3.16 -6.96
CA ARG A 134 -20.69 -2.66 -6.37
C ARG A 134 -21.43 -1.76 -7.35
N ARG A 135 -20.72 -0.86 -8.03
CA ARG A 135 -21.37 0.01 -9.01
C ARG A 135 -21.94 -0.80 -10.17
N LEU A 136 -21.17 -1.77 -10.68
CA LEU A 136 -21.64 -2.56 -11.80
C LEU A 136 -22.87 -3.38 -11.42
N LEU A 137 -22.85 -4.02 -10.26
CA LEU A 137 -23.99 -4.80 -9.84
C LEU A 137 -25.18 -3.92 -9.47
N GLN A 138 -24.94 -2.69 -9.02
CA GLN A 138 -26.04 -1.76 -8.80
C GLN A 138 -26.72 -1.42 -10.12
N MET A 139 -25.93 -1.18 -11.17
CA MET A 139 -26.53 -0.97 -12.49
C MET A 139 -27.27 -2.21 -12.96
N VAL A 140 -26.71 -3.40 -12.71
CA VAL A 140 -27.38 -4.63 -13.11
C VAL A 140 -28.73 -4.77 -12.41
N GLY A 141 -28.75 -4.52 -11.10
CA GLY A 141 -29.99 -4.57 -10.36
C GLY A 141 -31.01 -3.56 -10.84
N ARG A 142 -30.55 -2.33 -11.11
CA ARG A 142 -31.45 -1.34 -11.71
C ARG A 142 -32.02 -1.85 -13.03
N ASP A 143 -31.20 -2.56 -13.81
CA ASP A 143 -31.68 -3.17 -15.05
C ASP A 143 -32.74 -4.23 -14.79
N LEU A 144 -32.57 -5.03 -13.73
CA LEU A 144 -33.46 -6.14 -13.47
C LEU A 144 -34.38 -5.93 -12.27
N GLY A 145 -33.84 -5.71 -11.08
CA GLY A 145 -34.66 -5.63 -9.89
C GLY A 145 -34.48 -4.35 -9.10
N LEU A 146 -34.19 -4.48 -7.81
CA LEU A 146 -33.96 -3.31 -6.96
C LEU A 146 -32.99 -3.70 -5.86
N ASP A 147 -31.82 -3.07 -5.84
CA ASP A 147 -30.75 -3.45 -4.93
C ASP A 147 -30.86 -2.78 -3.57
N ILE A 148 -31.88 -1.95 -3.35
CA ILE A 148 -32.04 -1.29 -2.05
C ILE A 148 -32.86 -2.13 -1.07
N LYS A 149 -33.65 -3.08 -1.56
CA LYS A 149 -34.47 -3.94 -0.71
C LYS A 149 -34.18 -5.40 -1.05
N ARG A 150 -33.76 -6.17 -0.05
CA ARG A 150 -33.52 -7.61 -0.11
C ARG A 150 -32.40 -7.99 -1.07
N TYR A 151 -31.76 -7.03 -1.73
CA TYR A 151 -30.75 -7.29 -2.74
C TYR A 151 -29.55 -6.38 -2.52
N SER A 152 -29.07 -6.33 -1.28
CA SER A 152 -27.96 -5.46 -0.94
C SER A 152 -26.71 -5.86 -1.72
N PRO A 153 -25.92 -4.90 -2.19
CA PRO A 153 -24.72 -5.26 -2.97
C PRO A 153 -23.74 -6.12 -2.20
N ARG A 154 -23.60 -5.93 -0.89
CA ARG A 154 -22.67 -6.73 -0.13
C ARG A 154 -23.09 -8.19 -0.07
N LEU A 155 -24.38 -8.45 0.16
CA LEU A 155 -24.86 -9.83 0.18
C LEU A 155 -24.68 -10.49 -1.18
N LEU A 156 -24.99 -9.78 -2.26
CA LEU A 156 -24.81 -10.32 -3.60
C LEU A 156 -23.35 -10.63 -3.89
N ALA A 157 -22.45 -9.70 -3.53
CA ALA A 157 -21.03 -9.93 -3.78
C ALA A 157 -20.51 -11.12 -2.98
N ASN A 158 -20.92 -11.23 -1.72
CA ASN A 158 -20.50 -12.37 -0.91
C ASN A 158 -21.01 -13.68 -1.48
N ALA A 159 -22.27 -13.71 -1.91
CA ALA A 159 -22.82 -14.92 -2.50
C ALA A 159 -22.08 -15.29 -3.78
N ILE A 160 -21.75 -14.29 -4.61
CA ILE A 160 -21.04 -14.56 -5.86
C ILE A 160 -19.67 -15.14 -5.56
N SER A 161 -18.95 -14.54 -4.62
CA SER A 161 -17.62 -15.02 -4.28
C SER A 161 -17.67 -16.44 -3.73
N ASN A 162 -18.63 -16.71 -2.83
CA ASN A 162 -18.75 -18.05 -2.26
C ASN A 162 -19.10 -19.08 -3.31
N LEU A 163 -20.01 -18.76 -4.23
CA LEU A 163 -20.37 -19.70 -5.28
C LEU A 163 -19.21 -19.94 -6.24
N LYS A 164 -18.44 -18.89 -6.54
CA LYS A 164 -17.28 -19.06 -7.42
C LYS A 164 -16.20 -19.90 -6.74
N ASN A 165 -16.09 -19.80 -5.41
CA ASN A 165 -15.02 -20.47 -4.69
C ASN A 165 -15.09 -21.98 -4.81
N GLU A 166 -16.24 -22.53 -5.23
CA GLU A 166 -16.42 -23.97 -5.36
C GLU A 166 -16.33 -24.44 -6.81
N LEU A 167 -15.76 -23.63 -7.70
CA LEU A 167 -15.61 -23.96 -9.12
C LEU A 167 -16.96 -24.27 -9.76
N ILE A 168 -17.81 -23.26 -9.80
CA ILE A 168 -19.14 -23.36 -10.39
C ILE A 168 -19.15 -22.51 -11.65
N ASP A 169 -19.33 -23.17 -12.80
CA ASP A 169 -19.32 -22.46 -14.07
C ASP A 169 -20.59 -21.62 -14.20
N PRO A 170 -20.48 -20.39 -14.70
CA PRO A 170 -21.70 -19.58 -14.92
C PRO A 170 -22.69 -20.23 -15.87
N HIS A 171 -22.21 -20.97 -16.87
CA HIS A 171 -23.12 -21.61 -17.82
C HIS A 171 -24.00 -22.64 -17.15
N GLN A 172 -23.43 -23.47 -16.27
CA GLN A 172 -24.19 -24.48 -15.57
C GLN A 172 -24.92 -23.94 -14.35
N ALA A 173 -24.69 -22.68 -13.99
CA ALA A 173 -25.42 -22.07 -12.88
C ALA A 173 -26.90 -21.91 -13.18
N LEU A 174 -27.27 -21.81 -14.47
CA LEU A 174 -28.67 -21.75 -14.84
C LEU A 174 -29.40 -23.08 -14.61
N ALA A 175 -28.66 -24.18 -14.48
CA ALA A 175 -29.25 -25.48 -14.30
C ALA A 175 -29.61 -25.79 -12.85
N GLY A 176 -29.16 -24.99 -11.90
CA GLY A 176 -29.45 -25.25 -10.51
C GLY A 176 -30.57 -24.42 -9.92
N LEU A 177 -30.97 -23.36 -10.64
CA LEU A 177 -32.03 -22.49 -10.13
C LEU A 177 -33.38 -23.20 -10.09
N THR A 178 -33.67 -24.03 -11.09
CA THR A 178 -34.92 -24.78 -11.11
C THR A 178 -34.90 -25.96 -10.15
N GLU A 179 -33.72 -26.45 -9.77
CA GLU A 179 -33.64 -27.60 -8.88
C GLU A 179 -34.08 -27.23 -7.47
N ASP A 180 -33.56 -26.13 -6.93
CA ASP A 180 -33.90 -25.74 -5.57
C ASP A 180 -35.31 -25.14 -5.49
N SER A 181 -35.81 -24.60 -6.61
CA SER A 181 -37.15 -24.02 -6.68
C SER A 181 -37.32 -22.89 -5.66
N ASP A 182 -36.26 -22.10 -5.47
CA ASP A 182 -36.28 -20.97 -4.56
C ASP A 182 -36.10 -19.68 -5.34
N ASP A 183 -36.97 -18.71 -5.07
CA ASP A 183 -36.92 -17.44 -5.81
C ASP A 183 -35.59 -16.72 -5.59
N LEU A 184 -35.10 -16.71 -4.34
CA LEU A 184 -33.82 -16.07 -4.06
C LEU A 184 -32.69 -16.79 -4.76
N ALA A 185 -32.72 -18.12 -4.80
CA ALA A 185 -31.68 -18.87 -5.50
C ALA A 185 -31.69 -18.58 -6.99
N ARG A 186 -32.88 -18.55 -7.60
CA ARG A 186 -32.96 -18.20 -9.02
C ARG A 186 -32.45 -16.80 -9.27
N ALA A 187 -32.82 -15.86 -8.40
CA ALA A 187 -32.38 -14.48 -8.57
C ALA A 187 -30.86 -14.36 -8.47
N VAL A 188 -30.26 -15.01 -7.46
CA VAL A 188 -28.82 -14.90 -7.30
C VAL A 188 -28.09 -15.59 -8.44
N ALA A 189 -28.61 -16.71 -8.94
CA ALA A 189 -27.98 -17.35 -10.09
C ALA A 189 -28.05 -16.48 -11.33
N SER A 190 -29.22 -15.86 -11.57
CA SER A 190 -29.37 -15.01 -12.75
C SER A 190 -28.47 -13.78 -12.67
N VAL A 191 -28.41 -13.15 -11.50
CA VAL A 191 -27.54 -11.98 -11.37
C VAL A 191 -26.08 -12.39 -11.43
N TYR A 192 -25.74 -13.59 -10.96
CA TYR A 192 -24.37 -14.09 -11.12
C TYR A 192 -24.00 -14.20 -12.59
N ASP A 193 -24.86 -14.85 -13.37
CA ASP A 193 -24.58 -15.00 -14.79
C ASP A 193 -24.48 -13.65 -15.48
N GLU A 194 -25.41 -12.74 -15.18
CA GLU A 194 -25.40 -11.43 -15.81
C GLU A 194 -24.15 -10.64 -15.42
N TYR A 195 -23.79 -10.66 -14.14
CA TYR A 195 -22.61 -9.96 -13.68
C TYR A 195 -21.35 -10.51 -14.33
N GLN A 196 -21.24 -11.85 -14.40
CA GLN A 196 -20.06 -12.44 -15.01
C GLN A 196 -19.94 -12.07 -16.48
N ARG A 197 -21.03 -12.15 -17.23
CA ARG A 197 -20.94 -11.83 -18.65
C ARG A 197 -20.71 -10.34 -18.88
N ARG A 198 -21.30 -9.47 -18.06
CA ARG A 198 -21.06 -8.04 -18.22
C ARG A 198 -19.64 -7.66 -17.81
N LEU A 199 -19.08 -8.37 -16.82
CA LEU A 199 -17.70 -8.11 -16.41
C LEU A 199 -16.71 -8.59 -17.47
N ARG A 200 -16.99 -9.74 -18.09
CA ARG A 200 -16.16 -10.17 -19.21
C ARG A 200 -16.31 -9.22 -20.40
N ALA A 201 -17.49 -8.65 -20.58
CA ALA A 201 -17.64 -7.58 -21.57
C ALA A 201 -16.86 -6.34 -21.16
N ALA A 202 -16.58 -6.18 -19.87
CA ALA A 202 -15.78 -5.07 -19.37
C ALA A 202 -14.29 -5.37 -19.33
N ASN A 203 -13.88 -6.54 -19.84
CA ASN A 203 -12.49 -7.00 -19.88
C ASN A 203 -11.77 -6.72 -18.56
N ALA A 204 -12.31 -7.32 -17.50
CA ALA A 204 -11.73 -7.21 -16.16
C ALA A 204 -12.25 -8.36 -15.31
N LEU A 205 -11.63 -8.54 -14.15
CA LEU A 205 -12.01 -9.57 -13.21
C LEU A 205 -11.85 -9.04 -11.79
N ASP A 206 -12.54 -9.69 -10.85
CA ASP A 206 -12.45 -9.31 -9.45
C ASP A 206 -11.24 -9.99 -8.82
N PHE A 207 -11.02 -9.72 -7.53
CA PHE A 207 -9.87 -10.28 -6.83
C PHE A 207 -10.01 -11.77 -6.53
N ASP A 208 -11.19 -12.34 -6.74
CA ASP A 208 -11.43 -13.74 -6.37
C ASP A 208 -11.53 -14.68 -7.56
N ASP A 209 -12.08 -14.23 -8.69
CA ASP A 209 -12.28 -15.13 -9.82
C ASP A 209 -11.01 -15.43 -10.58
N LEU A 210 -9.88 -14.81 -10.21
CA LEU A 210 -8.63 -15.09 -10.91
C LEU A 210 -8.21 -16.55 -10.75
N ILE A 211 -8.38 -17.10 -9.55
CA ILE A 211 -8.02 -18.50 -9.31
C ILE A 211 -8.88 -19.42 -10.17
N GLY A 212 -10.19 -19.21 -10.17
CA GLY A 212 -11.06 -20.04 -10.97
C GLY A 212 -10.79 -19.92 -12.46
N GLU A 213 -10.52 -18.71 -12.93
CA GLU A 213 -10.21 -18.51 -14.34
C GLU A 213 -8.90 -19.21 -14.72
N THR A 214 -7.89 -19.13 -13.85
CA THR A 214 -6.64 -19.85 -14.11
C THR A 214 -6.88 -21.34 -14.17
N VAL A 215 -7.68 -21.87 -13.24
CA VAL A 215 -7.97 -23.30 -13.25
C VAL A 215 -8.68 -23.69 -14.54
N ALA A 216 -9.68 -22.91 -14.94
CA ALA A 216 -10.43 -23.21 -16.15
C ALA A 216 -9.55 -23.17 -17.39
N VAL A 217 -8.68 -22.15 -17.49
CA VAL A 217 -7.79 -22.04 -18.64
C VAL A 217 -6.81 -23.21 -18.67
N LEU A 218 -6.24 -23.57 -17.51
CA LEU A 218 -5.31 -24.68 -17.47
C LEU A 218 -5.98 -26.01 -17.82
N GLN A 219 -7.25 -26.18 -17.44
CA GLN A 219 -7.95 -27.42 -17.78
C GLN A 219 -8.30 -27.45 -19.26
N ALA A 220 -8.81 -26.33 -19.80
CA ALA A 220 -9.34 -26.34 -21.16
C ALA A 220 -8.24 -26.38 -22.22
N PHE A 221 -7.17 -25.62 -22.04
CA PHE A 221 -6.11 -25.55 -23.05
C PHE A 221 -5.03 -26.57 -22.70
N PRO A 222 -4.82 -27.60 -23.52
CA PRO A 222 -3.88 -28.66 -23.15
C PRO A 222 -2.42 -28.28 -23.33
N GLN A 223 -2.11 -27.50 -24.37
CA GLN A 223 -0.71 -27.14 -24.63
C GLN A 223 -0.13 -26.26 -23.52
N ILE A 224 -0.93 -25.30 -23.03
CA ILE A 224 -0.46 -24.45 -21.93
C ILE A 224 -0.24 -25.27 -20.67
N ALA A 225 -1.15 -26.21 -20.40
CA ALA A 225 -0.99 -27.09 -19.25
C ALA A 225 0.27 -27.95 -19.37
N GLN A 226 0.53 -28.48 -20.57
CA GLN A 226 1.74 -29.27 -20.78
C GLN A 226 2.99 -28.42 -20.57
N TYR A 227 2.99 -27.20 -21.11
CA TYR A 227 4.13 -26.31 -20.95
C TYR A 227 4.39 -26.01 -19.48
N TYR A 228 3.33 -25.67 -18.73
CA TYR A 228 3.52 -25.35 -17.32
C TYR A 228 3.91 -26.58 -16.50
N ARG A 229 3.38 -27.76 -16.85
CA ARG A 229 3.82 -28.97 -16.19
C ARG A 229 5.30 -29.22 -16.42
N ARG A 230 5.77 -29.01 -17.65
CA ARG A 230 7.20 -29.10 -17.91
C ARG A 230 7.97 -28.03 -17.15
N ARG A 231 7.32 -26.90 -16.85
CA ARG A 231 8.01 -25.81 -16.17
C ARG A 231 8.21 -26.08 -14.68
N PHE A 232 7.27 -26.74 -14.02
CA PHE A 232 7.29 -26.90 -12.57
C PHE A 232 7.68 -28.32 -12.19
N ARG A 233 8.45 -28.45 -11.10
CA ARG A 233 8.87 -29.75 -10.59
C ARG A 233 8.58 -29.94 -9.10
N HIS A 234 8.72 -28.89 -8.29
CA HIS A 234 8.47 -28.97 -6.86
C HIS A 234 7.43 -27.93 -6.45
N VAL A 235 6.57 -28.31 -5.51
CA VAL A 235 5.54 -27.42 -4.98
C VAL A 235 5.51 -27.55 -3.47
N LEU A 236 5.60 -26.42 -2.77
CA LEU A 236 5.48 -26.36 -1.32
C LEU A 236 4.30 -25.49 -0.92
N VAL A 237 3.66 -25.86 0.19
CA VAL A 237 2.51 -25.14 0.70
C VAL A 237 2.62 -25.02 2.21
N ASP A 238 1.97 -24.00 2.75
CA ASP A 238 1.95 -23.75 4.19
C ASP A 238 0.54 -23.41 4.62
N GLU A 239 0.26 -23.66 5.89
CA GLU A 239 -1.07 -23.48 6.50
C GLU A 239 -2.16 -24.02 5.57
N TYR A 240 -2.14 -25.34 5.37
CA TYR A 240 -3.02 -25.99 4.43
C TYR A 240 -4.50 -25.89 4.81
N GLN A 241 -4.81 -25.49 6.05
CA GLN A 241 -6.21 -25.41 6.47
C GLN A 241 -6.98 -24.37 5.67
N ASP A 242 -6.37 -23.21 5.43
CA ASP A 242 -7.08 -22.14 4.74
C ASP A 242 -7.39 -22.47 3.28
N THR A 243 -6.74 -23.49 2.73
CA THR A 243 -6.93 -23.84 1.32
C THR A 243 -8.36 -24.35 1.12
N ASN A 244 -9.15 -23.57 0.39
CA ASN A 244 -10.51 -23.99 0.05
C ASN A 244 -10.46 -24.98 -1.10
N HIS A 245 -11.62 -25.28 -1.70
CA HIS A 245 -11.68 -26.25 -2.77
C HIS A 245 -10.97 -25.76 -4.03
N ALA A 246 -11.14 -24.49 -4.37
CA ALA A 246 -10.64 -23.98 -5.65
C ALA A 246 -9.11 -23.98 -5.69
N GLN A 247 -8.47 -23.41 -4.67
CA GLN A 247 -7.01 -23.40 -4.67
C GLN A 247 -6.43 -24.80 -4.50
N TYR A 248 -7.14 -25.68 -3.78
CA TYR A 248 -6.70 -27.07 -3.71
C TYR A 248 -6.73 -27.72 -5.08
N VAL A 249 -7.78 -27.50 -5.86
CA VAL A 249 -7.85 -28.04 -7.22
C VAL A 249 -6.72 -27.45 -8.07
N LEU A 250 -6.46 -26.15 -7.91
CA LEU A 250 -5.37 -25.54 -8.66
C LEU A 250 -4.03 -26.19 -8.33
N VAL A 251 -3.76 -26.42 -7.05
CA VAL A 251 -2.50 -27.03 -6.66
C VAL A 251 -2.41 -28.46 -7.18
N ARG A 252 -3.50 -29.22 -7.07
CA ARG A 252 -3.50 -30.60 -7.56
C ARG A 252 -3.24 -30.65 -9.06
N GLU A 253 -3.84 -29.74 -9.82
CA GLU A 253 -3.62 -29.73 -11.27
C GLU A 253 -2.20 -29.29 -11.61
N LEU A 254 -1.68 -28.31 -10.86
CA LEU A 254 -0.31 -27.83 -11.12
C LEU A 254 0.75 -28.81 -10.66
N VAL A 255 0.41 -29.79 -9.84
CA VAL A 255 1.36 -30.83 -9.44
C VAL A 255 1.02 -32.19 -10.04
N GLY A 256 -0.10 -32.31 -10.74
CA GLY A 256 -0.46 -33.59 -11.32
C GLY A 256 0.55 -34.06 -12.35
N ARG A 257 0.63 -35.37 -12.51
CA ARG A 257 1.62 -36.01 -13.39
C ARG A 257 1.03 -36.36 -14.74
N ASP A 258 0.09 -35.55 -15.24
CA ASP A 258 -0.58 -35.82 -16.50
C ASP A 258 0.20 -35.32 -17.70
N SER A 259 1.37 -34.71 -17.51
CA SER A 259 2.14 -34.20 -18.64
C SER A 259 2.56 -35.33 -19.57
N ASN A 260 3.26 -36.33 -19.03
CA ASN A 260 3.65 -37.51 -19.79
C ASN A 260 2.99 -38.76 -19.23
N ASP A 261 1.77 -38.63 -18.72
CA ASP A 261 1.01 -39.74 -18.17
C ASP A 261 1.78 -40.42 -17.03
N GLY A 262 2.32 -39.61 -16.12
CA GLY A 262 2.96 -40.13 -14.93
C GLY A 262 4.43 -40.44 -15.04
N ILE A 263 5.07 -40.12 -16.16
CA ILE A 263 6.51 -40.33 -16.30
C ILE A 263 7.27 -39.37 -15.39
N PRO A 264 7.08 -38.05 -15.47
CA PRO A 264 7.79 -37.16 -14.55
C PRO A 264 7.02 -37.00 -13.26
N PRO A 265 7.56 -37.50 -12.14
CA PRO A 265 6.82 -37.43 -10.88
C PRO A 265 6.77 -36.02 -10.32
N GLY A 266 5.86 -35.83 -9.38
CA GLY A 266 5.73 -34.57 -8.67
C GLY A 266 6.21 -34.68 -7.24
N GLU A 267 6.67 -33.55 -6.70
CA GLU A 267 7.16 -33.46 -5.33
C GLU A 267 6.22 -32.58 -4.52
N LEU A 268 5.63 -33.15 -3.47
CA LEU A 268 4.71 -32.41 -2.62
C LEU A 268 5.03 -32.69 -1.16
N CYS A 269 5.16 -31.61 -0.39
CA CYS A 269 5.31 -31.69 1.05
C CYS A 269 4.41 -30.64 1.66
N VAL A 270 3.41 -31.10 2.42
CA VAL A 270 2.35 -30.23 2.91
C VAL A 270 2.46 -30.13 4.43
N VAL A 271 2.58 -28.90 4.91
CA VAL A 271 2.63 -28.64 6.33
C VAL A 271 1.31 -28.02 6.76
N GLY A 272 0.99 -28.14 8.05
CA GLY A 272 -0.24 -27.61 8.59
C GLY A 272 -0.76 -28.48 9.72
N ASP A 273 -1.96 -28.13 10.18
CA ASP A 273 -2.56 -28.80 11.33
C ASP A 273 -4.07 -28.60 11.29
N ALA A 274 -4.81 -29.70 11.21
CA ALA A 274 -6.26 -29.62 11.10
C ALA A 274 -6.92 -29.04 12.35
N ASP A 275 -6.20 -28.94 13.47
CA ASP A 275 -6.79 -28.50 14.72
C ASP A 275 -6.67 -27.00 14.96
N GLN A 276 -6.09 -26.25 14.02
CA GLN A 276 -6.01 -24.80 14.13
C GLN A 276 -6.76 -24.11 13.00
N SER A 277 -7.81 -24.75 12.49
CA SER A 277 -8.58 -24.22 11.37
C SER A 277 -9.70 -23.34 11.93
N ILE A 278 -9.52 -22.02 11.84
CA ILE A 278 -10.49 -21.06 12.35
C ILE A 278 -11.03 -20.15 11.26
N TYR A 279 -10.52 -20.24 10.03
CA TYR A 279 -10.89 -19.35 8.95
C TYR A 279 -12.00 -19.90 8.07
N ALA A 280 -12.89 -20.72 8.64
CA ALA A 280 -14.02 -21.24 7.88
C ALA A 280 -14.99 -20.13 7.46
N PHE A 281 -14.92 -18.96 8.09
CA PHE A 281 -15.79 -17.86 7.70
C PHE A 281 -15.47 -17.33 6.30
N ARG A 282 -14.26 -17.58 5.82
CA ARG A 282 -13.89 -17.23 4.45
C ARG A 282 -14.07 -18.38 3.47
N GLY A 283 -14.63 -19.50 3.92
CA GLY A 283 -14.90 -20.63 3.04
C GLY A 283 -13.91 -21.76 3.11
N ALA A 284 -12.94 -21.71 4.03
CA ALA A 284 -11.99 -22.80 4.17
C ALA A 284 -12.71 -24.07 4.63
N THR A 285 -12.22 -25.21 4.17
CA THR A 285 -12.84 -26.50 4.44
C THR A 285 -11.91 -27.34 5.31
N ILE A 286 -12.43 -27.80 6.45
CA ILE A 286 -11.66 -28.70 7.30
C ILE A 286 -11.51 -30.07 6.67
N ARG A 287 -12.43 -30.46 5.77
CA ARG A 287 -12.31 -31.73 5.07
C ARG A 287 -11.08 -31.78 4.16
N ASN A 288 -10.49 -30.61 3.85
CA ASN A 288 -9.39 -30.58 2.89
C ASN A 288 -8.19 -31.37 3.40
N ILE A 289 -7.85 -31.23 4.68
CA ILE A 289 -6.70 -31.94 5.21
C ILE A 289 -7.10 -33.31 5.78
N GLU A 290 -8.25 -33.40 6.43
CA GLU A 290 -8.67 -34.67 7.03
C GLU A 290 -8.90 -35.76 6.00
N ASP A 291 -9.12 -35.41 4.73
CA ASP A 291 -9.25 -36.38 3.65
C ASP A 291 -8.13 -36.23 2.63
N PHE A 292 -6.99 -35.68 3.07
CA PHE A 292 -5.84 -35.55 2.19
C PHE A 292 -5.32 -36.92 1.75
N GLU A 293 -5.32 -37.89 2.67
CA GLU A 293 -4.86 -39.23 2.33
C GLU A 293 -5.69 -39.88 1.24
N ARG A 294 -6.99 -39.57 1.17
CA ARG A 294 -7.83 -40.17 0.15
C ARG A 294 -7.39 -39.76 -1.25
N ASP A 295 -7.08 -38.47 -1.44
CA ASP A 295 -6.65 -37.99 -2.76
C ASP A 295 -5.20 -38.31 -3.06
N TYR A 296 -4.40 -38.62 -2.04
CA TYR A 296 -2.99 -38.98 -2.21
C TYR A 296 -2.72 -40.23 -1.40
N PRO A 297 -3.07 -41.40 -1.94
CA PRO A 297 -2.88 -42.65 -1.17
C PRO A 297 -1.43 -43.00 -0.91
N ASP A 298 -0.48 -42.41 -1.63
CA ASP A 298 0.93 -42.73 -1.51
C ASP A 298 1.68 -41.69 -0.69
N THR A 299 1.05 -41.16 0.37
CA THR A 299 1.67 -40.16 1.22
C THR A 299 2.01 -40.75 2.58
N ARG A 300 2.84 -40.02 3.31
CA ARG A 300 3.19 -40.38 4.68
C ARG A 300 2.87 -39.20 5.59
N THR A 301 2.42 -39.50 6.81
CA THR A 301 2.07 -38.48 7.78
C THR A 301 2.99 -38.59 8.99
N ILE A 302 3.27 -37.45 9.60
CA ILE A 302 4.12 -37.38 10.78
C ILE A 302 3.65 -36.22 11.64
N LEU A 303 3.70 -36.41 12.95
CA LEU A 303 3.20 -35.44 13.91
C LEU A 303 4.36 -34.74 14.62
N LEU A 304 4.09 -33.52 15.07
CA LEU A 304 5.05 -32.74 15.86
C LEU A 304 4.42 -32.53 17.23
N GLU A 305 4.67 -33.46 18.15
CA GLU A 305 4.05 -33.46 19.46
C GLU A 305 4.83 -32.64 20.48
N GLN A 306 5.93 -32.01 20.07
CA GLN A 306 6.80 -31.29 20.99
C GLN A 306 6.87 -29.82 20.56
N ASN A 307 6.80 -28.92 21.53
CA ASN A 307 6.97 -27.50 21.29
C ASN A 307 7.70 -26.87 22.47
N TYR A 308 8.28 -25.70 22.24
CA TYR A 308 9.15 -25.06 23.20
C TYR A 308 8.66 -23.69 23.65
N ARG A 309 7.47 -23.28 23.24
CA ARG A 309 7.01 -21.92 23.49
C ARG A 309 6.24 -21.79 24.80
N SER A 310 5.38 -22.76 25.11
CA SER A 310 4.50 -22.70 26.27
C SER A 310 5.01 -23.60 27.38
N THR A 311 4.38 -23.47 28.55
CA THR A 311 4.69 -24.31 29.69
C THR A 311 3.85 -25.59 29.63
N GLN A 312 4.14 -26.52 30.54
CA GLN A 312 3.47 -27.82 30.51
C GLN A 312 2.02 -27.71 30.93
N ASN A 313 1.69 -26.81 31.86
CA ASN A 313 0.32 -26.71 32.33
C ASN A 313 -0.60 -26.17 31.25
N ILE A 314 -0.20 -25.09 30.59
CA ILE A 314 -1.01 -24.54 29.50
C ILE A 314 -1.12 -25.54 28.36
N LEU A 315 -0.02 -26.24 28.06
CA LEU A 315 -0.04 -27.25 27.02
C LEU A 315 -1.04 -28.37 27.35
N SER A 316 -1.03 -28.83 28.60
CA SER A 316 -1.97 -29.87 29.00
C SER A 316 -3.40 -29.37 28.94
N ALA A 317 -3.64 -28.12 29.33
CA ALA A 317 -4.98 -27.56 29.25
C ALA A 317 -5.48 -27.51 27.81
N ALA A 318 -4.62 -27.05 26.88
CA ALA A 318 -5.00 -27.01 25.48
C ALA A 318 -5.24 -28.40 24.94
N ASN A 319 -4.40 -29.36 25.31
CA ASN A 319 -4.57 -30.73 24.86
C ASN A 319 -5.89 -31.31 25.34
N SER A 320 -6.26 -31.02 26.60
CA SER A 320 -7.52 -31.51 27.13
C SER A 320 -8.70 -30.86 26.43
N VAL A 321 -8.63 -29.55 26.17
CA VAL A 321 -9.78 -28.87 25.59
C VAL A 321 -9.99 -29.25 24.13
N ILE A 322 -8.91 -29.51 23.38
CA ILE A 322 -9.09 -29.83 21.96
C ILE A 322 -9.45 -31.29 21.73
N ALA A 323 -9.40 -32.12 22.77
CA ALA A 323 -9.56 -33.56 22.60
C ALA A 323 -11.01 -34.01 22.48
N ARG A 324 -11.98 -33.14 22.76
CA ARG A 324 -13.37 -33.58 22.81
C ARG A 324 -14.04 -33.57 21.44
N ASN A 325 -13.41 -33.01 20.41
CA ASN A 325 -13.99 -33.10 19.08
C ASN A 325 -13.99 -34.55 18.60
N ALA A 326 -15.13 -35.01 18.10
CA ALA A 326 -15.27 -36.41 17.74
C ALA A 326 -14.37 -36.77 16.56
N GLY A 327 -14.44 -36.00 15.48
CA GLY A 327 -13.62 -36.28 14.32
C GLY A 327 -12.31 -35.52 14.34
N ARG A 328 -11.24 -36.18 14.77
CA ARG A 328 -9.95 -35.52 14.89
C ARG A 328 -8.85 -36.56 14.89
N ARG A 329 -7.75 -36.26 14.19
CA ARG A 329 -6.57 -37.11 14.26
C ARG A 329 -5.97 -37.03 15.66
N GLU A 330 -5.56 -38.19 16.18
CA GLU A 330 -5.00 -38.24 17.53
C GLU A 330 -3.68 -37.50 17.59
N LYS A 331 -3.53 -36.63 18.58
CA LYS A 331 -2.32 -35.83 18.73
C LYS A 331 -2.21 -35.35 20.17
N ARG A 332 -1.16 -35.79 20.85
CA ARG A 332 -0.89 -35.42 22.24
C ARG A 332 0.35 -34.54 22.28
N LEU A 333 0.22 -33.32 22.79
CA LEU A 333 1.34 -32.40 22.88
C LEU A 333 2.10 -32.63 24.18
N TRP A 334 3.41 -32.42 24.13
CA TRP A 334 4.26 -32.56 25.30
C TRP A 334 5.47 -31.65 25.15
N THR A 335 6.11 -31.35 26.27
CA THR A 335 7.30 -30.52 26.27
C THR A 335 8.19 -30.93 27.44
N ASP A 336 9.47 -30.59 27.33
CA ASP A 336 10.47 -30.93 28.34
C ASP A 336 10.69 -29.80 29.35
N ALA A 337 9.95 -28.71 29.25
CA ALA A 337 10.12 -27.60 30.17
C ALA A 337 9.42 -27.91 31.50
N GLY A 338 9.48 -26.96 32.42
CA GLY A 338 8.87 -27.15 33.73
C GLY A 338 7.36 -27.05 33.67
N ALA A 339 6.74 -27.37 34.80
CA ALA A 339 5.28 -27.30 34.90
C ALA A 339 4.79 -25.86 34.76
N GLY A 340 5.50 -24.90 35.36
CA GLY A 340 5.09 -23.53 35.30
C GLY A 340 4.00 -23.21 36.31
N GLU A 341 3.50 -21.98 36.22
CA GLU A 341 2.50 -21.50 37.16
C GLU A 341 1.15 -22.18 36.89
N LEU A 342 0.16 -21.84 37.72
CA LEU A 342 -1.18 -22.39 37.57
C LEU A 342 -1.98 -21.52 36.60
N ILE A 343 -3.30 -21.74 36.56
CA ILE A 343 -4.20 -20.98 35.72
C ILE A 343 -5.17 -20.24 36.62
N VAL A 344 -5.18 -18.91 36.53
CA VAL A 344 -5.98 -18.07 37.40
C VAL A 344 -7.37 -17.92 36.79
N GLY A 345 -8.36 -18.56 37.41
CA GLY A 345 -9.72 -18.47 36.93
C GLY A 345 -10.56 -17.54 37.79
N TYR A 346 -10.85 -16.36 37.27
CA TYR A 346 -11.52 -15.32 38.05
C TYR A 346 -12.98 -15.22 37.66
N VAL A 347 -13.82 -14.92 38.65
CA VAL A 347 -15.24 -14.67 38.44
C VAL A 347 -15.55 -13.26 38.93
N ALA A 348 -16.19 -12.47 38.09
CA ALA A 348 -16.48 -11.08 38.40
C ALA A 348 -17.98 -10.86 38.57
N ASP A 349 -18.33 -9.71 39.11
CA ASP A 349 -19.74 -9.38 39.32
C ASP A 349 -20.41 -8.96 38.02
N ASN A 350 -19.71 -8.21 37.19
CA ASN A 350 -20.24 -7.83 35.88
C ASN A 350 -19.06 -7.51 34.96
N GLU A 351 -19.37 -6.94 33.80
CA GLU A 351 -18.31 -6.60 32.84
C GLU A 351 -17.33 -5.60 33.43
N HIS A 352 -17.84 -4.56 34.10
CA HIS A 352 -16.96 -3.57 34.70
C HIS A 352 -16.08 -4.19 35.78
N ASP A 353 -16.65 -5.10 36.57
CA ASP A 353 -15.85 -5.78 37.58
C ASP A 353 -14.72 -6.58 36.94
N GLU A 354 -15.01 -7.24 35.81
CA GLU A 354 -13.99 -8.01 35.12
C GLU A 354 -12.89 -7.11 34.58
N ALA A 355 -13.26 -5.96 33.99
CA ALA A 355 -12.26 -5.03 33.49
C ALA A 355 -11.41 -4.48 34.63
N ARG A 356 -12.05 -4.18 35.77
CA ARG A 356 -11.29 -3.72 36.94
C ARG A 356 -10.31 -4.78 37.41
N PHE A 357 -10.75 -6.04 37.46
CA PHE A 357 -9.87 -7.10 37.90
C PHE A 357 -8.69 -7.26 36.96
N VAL A 358 -8.92 -7.24 35.64
CA VAL A 358 -7.82 -7.46 34.73
C VAL A 358 -6.85 -6.28 34.75
N ALA A 359 -7.36 -5.05 34.88
CA ALA A 359 -6.47 -3.90 35.01
C ALA A 359 -5.64 -4.00 36.29
N GLU A 360 -6.28 -4.38 37.39
CA GLU A 360 -5.56 -4.51 38.66
C GLU A 360 -4.46 -5.57 38.56
N GLU A 361 -4.77 -6.71 37.94
CA GLU A 361 -3.77 -7.75 37.81
C GLU A 361 -2.64 -7.33 36.88
N ILE A 362 -2.96 -6.63 35.80
CA ILE A 362 -1.91 -6.14 34.90
C ILE A 362 -0.98 -5.20 35.65
N ASP A 363 -1.56 -4.27 36.42
CA ASP A 363 -0.72 -3.34 37.18
C ASP A 363 0.12 -4.07 38.21
N ALA A 364 -0.46 -5.03 38.92
CA ALA A 364 0.29 -5.75 39.95
C ALA A 364 1.43 -6.56 39.34
N LEU A 365 1.18 -7.24 38.23
CA LEU A 365 2.22 -8.04 37.59
C LEU A 365 3.28 -7.18 36.92
N ALA A 366 2.92 -5.98 36.49
CA ALA A 366 3.91 -5.08 35.88
C ALA A 366 4.87 -4.51 36.92
N GLU A 367 4.44 -4.42 38.17
CA GLU A 367 5.27 -3.83 39.23
C GLU A 367 6.19 -4.89 39.86
N GLY A 368 6.91 -5.61 39.02
CA GLY A 368 7.86 -6.59 39.49
C GLY A 368 9.16 -6.52 38.72
N SER A 369 9.19 -5.66 37.70
CA SER A 369 10.38 -5.43 36.86
C SER A 369 10.81 -6.69 36.14
N GLU A 370 9.91 -7.66 35.99
CA GLU A 370 10.21 -8.85 35.20
C GLU A 370 9.76 -8.69 33.75
N ILE A 371 8.55 -8.19 33.56
CA ILE A 371 7.98 -7.99 32.23
C ILE A 371 7.29 -6.64 32.19
N THR A 372 7.29 -6.04 31.01
CA THR A 372 6.65 -4.75 30.79
C THR A 372 5.26 -4.97 30.23
N TYR A 373 4.59 -3.86 29.87
CA TYR A 373 3.25 -3.97 29.30
C TYR A 373 3.27 -4.59 27.91
N ASN A 374 4.42 -4.62 27.25
CA ASN A 374 4.50 -5.22 25.92
C ASN A 374 4.49 -6.75 25.97
N ASP A 375 4.64 -7.34 27.16
CA ASP A 375 4.64 -8.78 27.31
C ASP A 375 3.30 -9.32 27.80
N VAL A 376 2.26 -8.48 27.83
CA VAL A 376 0.94 -8.88 28.30
C VAL A 376 -0.06 -8.61 27.18
N ALA A 377 -0.90 -9.61 26.89
CA ALA A 377 -1.93 -9.49 25.87
C ALA A 377 -3.27 -9.94 26.44
N VAL A 378 -4.34 -9.31 25.98
CA VAL A 378 -5.69 -9.62 26.42
C VAL A 378 -6.56 -9.86 25.20
N PHE A 379 -7.31 -10.95 25.21
CA PHE A 379 -8.14 -11.37 24.09
C PHE A 379 -9.61 -11.33 24.47
N TYR A 380 -10.45 -11.03 23.48
CA TYR A 380 -11.89 -11.01 23.64
C TYR A 380 -12.52 -11.61 22.39
N ARG A 381 -13.70 -12.22 22.56
CA ARG A 381 -14.33 -12.92 21.44
C ARG A 381 -14.80 -11.94 20.36
N THR A 382 -15.33 -10.80 20.76
CA THR A 382 -15.88 -9.83 19.82
C THR A 382 -15.51 -8.42 20.27
N ASN A 383 -15.56 -7.48 19.32
CA ASN A 383 -15.20 -6.10 19.61
C ASN A 383 -16.05 -5.49 20.71
N ASN A 384 -17.34 -5.80 20.76
CA ASN A 384 -18.23 -5.19 21.74
C ASN A 384 -17.79 -5.46 23.18
N SER A 385 -17.02 -6.53 23.40
CA SER A 385 -16.51 -6.86 24.72
C SER A 385 -15.21 -6.16 25.04
N SER A 386 -14.91 -5.05 24.38
CA SER A 386 -13.70 -4.29 24.65
C SER A 386 -13.96 -2.94 25.28
N ARG A 387 -15.16 -2.36 25.06
CA ARG A 387 -15.44 -1.00 25.52
C ARG A 387 -15.04 -0.82 26.98
N SER A 388 -15.68 -1.57 27.88
CA SER A 388 -15.39 -1.44 29.30
C SER A 388 -13.90 -1.56 29.56
N LEU A 389 -13.25 -2.53 28.94
CA LEU A 389 -11.81 -2.70 29.13
C LEU A 389 -11.08 -1.40 28.82
N GLU A 390 -11.31 -0.84 27.63
CA GLU A 390 -10.66 0.41 27.26
C GLU A 390 -10.88 1.46 28.34
N GLU A 391 -12.12 1.55 28.83
CA GLU A 391 -12.41 2.54 29.86
C GLU A 391 -11.48 2.39 31.04
N VAL A 392 -11.38 1.18 31.61
CA VAL A 392 -10.53 1.05 32.78
C VAL A 392 -9.07 1.26 32.38
N LEU A 393 -8.71 0.88 31.16
CA LEU A 393 -7.34 1.09 30.72
C LEU A 393 -7.04 2.56 30.49
N ILE A 394 -8.08 3.39 30.28
CA ILE A 394 -7.82 4.82 30.21
C ILE A 394 -7.96 5.44 31.59
N ARG A 395 -8.50 4.70 32.56
CA ARG A 395 -8.65 5.24 33.91
C ARG A 395 -7.40 5.03 34.75
N ALA A 396 -6.86 3.81 34.74
CA ALA A 396 -5.66 3.51 35.49
C ALA A 396 -4.40 4.09 34.84
N GLY A 397 -4.50 4.59 33.62
CA GLY A 397 -3.39 5.24 32.96
C GLY A 397 -2.47 4.33 32.17
N ILE A 398 -2.72 3.03 32.17
CA ILE A 398 -1.86 2.10 31.43
C ILE A 398 -2.15 2.26 29.94
N PRO A 399 -1.14 2.55 29.12
CA PRO A 399 -1.37 2.69 27.69
C PRO A 399 -1.78 1.38 27.05
N TYR A 400 -2.59 1.48 25.99
CA TYR A 400 -3.08 0.30 25.29
C TYR A 400 -3.17 0.61 23.79
N LYS A 401 -2.96 -0.43 22.99
CA LYS A 401 -3.10 -0.34 21.54
C LYS A 401 -3.88 -1.55 21.05
N VAL A 402 -4.54 -1.40 19.91
CA VAL A 402 -5.42 -2.41 19.35
C VAL A 402 -4.89 -2.83 17.99
N VAL A 403 -4.79 -4.14 17.78
CA VAL A 403 -4.28 -4.71 16.53
C VAL A 403 -5.46 -5.26 15.75
N GLY A 404 -5.50 -4.97 14.45
CA GLY A 404 -6.57 -5.45 13.61
C GLY A 404 -7.83 -4.63 13.67
N GLY A 405 -7.74 -3.36 14.04
CA GLY A 405 -8.91 -2.52 14.13
C GLY A 405 -8.57 -1.17 14.69
N VAL A 406 -9.57 -0.50 15.25
CA VAL A 406 -9.42 0.80 15.87
C VAL A 406 -10.04 0.74 17.26
N ARG A 407 -10.02 1.88 17.95
CA ARG A 407 -10.67 1.98 19.26
C ARG A 407 -12.17 1.79 19.12
N PHE A 408 -12.85 1.67 20.26
CA PHE A 408 -14.29 1.44 20.24
C PHE A 408 -15.04 2.63 19.65
N TYR A 409 -14.64 3.84 20.03
CA TYR A 409 -15.31 5.03 19.51
C TYR A 409 -14.82 5.44 18.14
N GLU A 410 -13.79 4.77 17.61
CA GLU A 410 -13.27 5.09 16.29
C GLU A 410 -13.90 4.26 15.18
N ARG A 411 -14.76 3.30 15.51
CA ARG A 411 -15.40 2.49 14.48
C ARG A 411 -16.49 3.29 13.78
N LYS A 412 -16.80 2.90 12.55
CA LYS A 412 -17.64 3.74 11.69
C LYS A 412 -19.11 3.69 12.08
N GLU A 413 -19.61 2.57 12.61
CA GLU A 413 -21.03 2.47 12.94
C GLU A 413 -21.38 3.34 14.13
N ILE A 414 -20.60 3.23 15.21
CA ILE A 414 -20.81 4.11 16.35
C ILE A 414 -20.56 5.55 15.96
N ARG A 415 -19.65 5.78 15.01
CA ARG A 415 -19.46 7.12 14.48
C ARG A 415 -20.73 7.65 13.84
N ASP A 416 -21.40 6.83 13.02
CA ASP A 416 -22.64 7.25 12.39
C ASP A 416 -23.71 7.55 13.42
N ILE A 417 -23.83 6.69 14.44
CA ILE A 417 -24.89 6.91 15.43
C ILE A 417 -24.61 8.15 16.26
N VAL A 418 -23.36 8.37 16.66
CA VAL A 418 -23.04 9.58 17.42
C VAL A 418 -23.20 10.81 16.55
N ALA A 419 -22.95 10.71 15.24
CA ALA A 419 -23.22 11.84 14.36
C ALA A 419 -24.71 12.12 14.26
N TYR A 420 -25.53 11.07 14.20
CA TYR A 420 -26.99 11.25 14.25
C TYR A 420 -27.39 11.98 15.51
N LEU A 421 -26.84 11.57 16.65
CA LEU A 421 -27.15 12.23 17.92
C LEU A 421 -26.72 13.70 17.88
N ARG A 422 -25.53 13.96 17.36
CA ARG A 422 -25.03 15.33 17.32
C ARG A 422 -25.91 16.22 16.44
N VAL A 423 -26.36 15.69 15.30
CA VAL A 423 -27.27 16.44 14.45
C VAL A 423 -28.59 16.69 15.16
N LEU A 424 -29.09 15.67 15.87
CA LEU A 424 -30.33 15.87 16.63
C LEU A 424 -30.16 16.93 17.71
N ASP A 425 -28.94 17.09 18.22
CA ASP A 425 -28.69 18.15 19.20
C ASP A 425 -28.70 19.52 18.53
N ASN A 426 -27.79 19.74 17.60
CA ASN A 426 -27.68 21.02 16.92
C ASN A 426 -28.23 20.90 15.51
N PRO A 427 -29.40 21.48 15.21
CA PRO A 427 -29.93 21.39 13.85
C PRO A 427 -29.04 22.06 12.81
N GLY A 428 -28.17 22.97 13.23
CA GLY A 428 -27.30 23.70 12.32
C GLY A 428 -25.97 23.06 12.03
N ASP A 429 -25.73 21.84 12.51
CA ASP A 429 -24.49 21.15 12.19
C ASP A 429 -24.43 20.82 10.71
N ALA A 430 -23.22 20.87 10.14
CA ALA A 430 -23.03 20.67 8.71
C ALA A 430 -22.25 19.40 8.39
N VAL A 431 -21.06 19.23 8.98
CA VAL A 431 -20.25 18.05 8.68
C VAL A 431 -20.96 16.79 9.13
N SER A 432 -21.49 16.79 10.35
CA SER A 432 -22.18 15.62 10.87
C SER A 432 -23.41 15.30 10.04
N LEU A 433 -24.17 16.32 9.64
CA LEU A 433 -25.35 16.08 8.82
C LEU A 433 -24.97 15.61 7.43
N ARG A 434 -23.86 16.12 6.88
CA ARG A 434 -23.44 15.72 5.54
C ARG A 434 -22.86 14.30 5.51
N ARG A 435 -22.31 13.83 6.64
CA ARG A 435 -21.75 12.48 6.65
C ARG A 435 -22.82 11.41 6.72
N ILE A 436 -23.97 11.72 7.34
CA ILE A 436 -24.99 10.72 7.61
C ILE A 436 -26.09 10.70 6.57
N LEU A 437 -26.05 11.59 5.58
CA LEU A 437 -27.13 11.64 4.60
C LEU A 437 -27.20 10.35 3.79
N ASN A 438 -26.06 9.83 3.35
CA ASN A 438 -26.09 8.69 2.45
C ASN A 438 -25.23 7.52 2.92
N THR A 439 -24.27 7.75 3.82
CA THR A 439 -23.42 6.66 4.29
C THR A 439 -24.21 5.50 4.87
N PRO A 440 -25.26 5.72 5.70
CA PRO A 440 -26.20 4.62 5.94
C PRO A 440 -27.08 4.45 4.72
N ARG A 441 -26.62 3.65 3.76
CA ARG A 441 -27.19 3.64 2.41
C ARG A 441 -28.71 3.53 2.40
N ARG A 442 -29.34 4.59 1.93
CA ARG A 442 -30.78 4.62 1.71
C ARG A 442 -31.13 4.95 0.27
N GLY A 443 -30.43 5.89 -0.34
CA GLY A 443 -30.65 6.20 -1.74
C GLY A 443 -32.08 6.62 -1.99
N ILE A 444 -32.86 5.70 -2.55
CA ILE A 444 -34.31 5.87 -2.64
C ILE A 444 -34.88 6.24 -1.27
N GLY A 445 -34.24 5.79 -0.20
CA GLY A 445 -34.63 6.17 1.14
C GLY A 445 -34.35 7.62 1.46
N ASP A 446 -33.08 8.03 1.37
CA ASP A 446 -32.70 9.41 1.70
C ASP A 446 -32.20 10.17 0.48
N ARG A 447 -31.12 9.71 -0.17
CA ARG A 447 -30.54 10.39 -1.33
C ARG A 447 -29.38 9.57 -1.88
N ALA A 448 -29.16 9.63 -3.20
CA ALA A 448 -28.02 8.92 -3.76
C ALA A 448 -26.78 9.81 -3.81
N GLU A 449 -26.91 11.01 -4.35
CA GLU A 449 -25.77 11.92 -4.52
C GLU A 449 -25.51 12.65 -3.20
N ALA A 450 -24.67 13.67 -3.23
CA ALA A 450 -24.27 14.32 -1.99
C ALA A 450 -24.44 15.83 -1.98
N CYS A 451 -24.15 16.50 -3.10
CA CYS A 451 -24.08 17.96 -3.11
C CYS A 451 -25.43 18.56 -3.48
N VAL A 452 -26.15 18.99 -2.45
CA VAL A 452 -27.41 19.71 -2.63
C VAL A 452 -27.27 21.20 -2.26
N ALA A 453 -26.33 21.54 -1.38
CA ALA A 453 -26.17 22.94 -0.99
C ALA A 453 -25.74 23.80 -2.18
N VAL A 454 -24.89 23.26 -3.05
CA VAL A 454 -24.44 24.00 -4.22
C VAL A 454 -25.60 24.37 -5.12
N TYR A 455 -26.69 23.59 -5.09
CA TYR A 455 -27.89 23.98 -5.84
C TYR A 455 -28.46 25.29 -5.32
N ALA A 456 -28.35 25.53 -4.01
CA ALA A 456 -28.90 26.72 -3.38
C ALA A 456 -27.89 27.87 -3.42
N GLU A 457 -27.59 28.31 -4.65
CA GLU A 457 -26.67 29.42 -4.91
C GLU A 457 -25.35 29.21 -4.17
N ASN A 458 -24.70 28.09 -4.49
CA ASN A 458 -23.49 27.64 -3.81
C ASN A 458 -23.79 27.39 -2.34
N THR A 459 -24.12 28.46 -1.62
CA THR A 459 -24.60 28.35 -0.26
C THR A 459 -25.82 29.21 0.03
N GLY A 460 -26.26 30.05 -0.90
CA GLY A 460 -27.36 30.94 -0.64
C GLY A 460 -27.01 31.91 0.47
N VAL A 461 -28.02 32.26 1.28
CA VAL A 461 -27.79 33.12 2.45
C VAL A 461 -27.52 32.16 3.61
N GLY A 462 -26.29 31.64 3.65
CA GLY A 462 -25.88 30.75 4.71
C GLY A 462 -26.77 29.54 4.90
N PHE A 463 -27.19 28.92 3.79
CA PHE A 463 -28.18 27.84 3.85
C PHE A 463 -27.50 26.50 4.12
N GLY A 464 -27.03 26.36 5.36
CA GLY A 464 -26.54 25.07 5.80
C GLY A 464 -27.62 24.00 5.87
N ASP A 465 -28.81 24.39 6.33
CA ASP A 465 -29.95 23.48 6.42
C ASP A 465 -30.83 23.55 5.17
N ALA A 466 -30.20 23.44 4.00
CA ALA A 466 -30.95 23.52 2.76
C ALA A 466 -31.92 22.36 2.59
N LEU A 467 -31.79 21.31 3.39
CA LEU A 467 -32.65 20.14 3.25
C LEU A 467 -34.11 20.49 3.46
N VAL A 468 -34.40 21.31 4.48
CA VAL A 468 -35.80 21.69 4.72
C VAL A 468 -36.36 22.51 3.58
N ALA A 469 -35.56 23.41 2.97
CA ALA A 469 -36.04 24.14 1.81
C ALA A 469 -36.26 23.21 0.63
N ALA A 470 -35.42 22.18 0.49
CA ALA A 470 -35.57 21.21 -0.58
C ALA A 470 -36.77 20.29 -0.39
N ALA A 471 -37.21 20.09 0.85
CA ALA A 471 -38.39 19.27 1.09
C ALA A 471 -39.63 19.87 0.44
N GLN A 472 -39.84 21.17 0.63
CA GLN A 472 -40.94 21.84 -0.05
C GLN A 472 -40.70 21.95 -1.55
N GLY A 473 -39.46 21.78 -1.99
CA GLY A 473 -39.14 21.78 -3.41
C GLY A 473 -38.85 23.15 -3.97
N LYS A 474 -38.10 23.97 -3.24
CA LYS A 474 -37.72 25.27 -3.78
C LYS A 474 -36.69 25.13 -4.90
N VAL A 475 -35.83 24.13 -4.83
CA VAL A 475 -34.87 23.87 -5.90
C VAL A 475 -35.57 23.09 -7.01
N PRO A 476 -35.63 23.61 -8.23
CA PRO A 476 -36.41 22.92 -9.28
C PRO A 476 -35.58 21.95 -10.12
N MET A 477 -34.26 21.97 -9.98
CA MET A 477 -33.43 21.12 -10.84
C MET A 477 -33.36 19.67 -10.35
N LEU A 478 -33.84 19.39 -9.15
CA LEU A 478 -33.78 18.05 -8.60
C LEU A 478 -34.97 17.22 -9.03
N ASN A 479 -34.76 15.92 -9.23
CA ASN A 479 -35.83 15.04 -9.69
C ASN A 479 -36.85 14.79 -8.58
N THR A 480 -38.01 14.28 -8.97
CA THR A 480 -39.10 14.08 -8.02
C THR A 480 -38.76 13.01 -6.99
N ARG A 481 -38.07 11.95 -7.42
CA ARG A 481 -37.73 10.88 -6.49
C ARG A 481 -36.82 11.37 -5.37
N ALA A 482 -35.81 12.18 -5.71
CA ALA A 482 -34.90 12.69 -4.69
C ALA A 482 -35.62 13.57 -3.69
N GLU A 483 -36.51 14.45 -4.17
CA GLU A 483 -37.23 15.32 -3.24
C GLU A 483 -38.22 14.55 -2.40
N LYS A 484 -38.86 13.52 -2.95
CA LYS A 484 -39.71 12.65 -2.14
C LYS A 484 -38.90 11.98 -1.03
N ALA A 485 -37.70 11.49 -1.37
CA ALA A 485 -36.86 10.86 -0.35
C ALA A 485 -36.43 11.85 0.72
N ILE A 486 -36.06 13.06 0.31
CA ILE A 486 -35.58 14.05 1.27
C ILE A 486 -36.72 14.51 2.18
N ALA A 487 -37.93 14.62 1.63
CA ALA A 487 -39.07 15.02 2.45
C ALA A 487 -39.34 14.03 3.57
N GLY A 488 -39.30 12.74 3.25
CA GLY A 488 -39.47 11.73 4.28
C GLY A 488 -38.38 11.77 5.33
N PHE A 489 -37.13 11.97 4.90
CA PHE A 489 -36.02 12.06 5.84
C PHE A 489 -36.21 13.22 6.80
N VAL A 490 -36.51 14.41 6.29
CA VAL A 490 -36.65 15.55 7.17
C VAL A 490 -37.89 15.40 8.05
N GLU A 491 -38.99 14.84 7.53
CA GLU A 491 -40.18 14.66 8.34
C GLU A 491 -39.94 13.67 9.48
N MET A 492 -39.26 12.56 9.20
CA MET A 492 -38.99 11.61 10.27
C MET A 492 -38.00 12.18 11.28
N PHE A 493 -37.03 12.96 10.83
CA PHE A 493 -36.13 13.60 11.77
C PHE A 493 -36.87 14.58 12.67
N ASP A 494 -37.79 15.36 12.10
CA ASP A 494 -38.58 16.28 12.90
C ASP A 494 -39.44 15.54 13.91
N GLU A 495 -40.07 14.44 13.48
CA GLU A 495 -40.88 13.65 14.39
C GLU A 495 -40.04 13.08 15.52
N LEU A 496 -38.84 12.60 15.20
CA LEU A 496 -37.93 12.09 16.22
C LEU A 496 -37.53 13.19 17.20
N ARG A 497 -37.34 14.41 16.69
CA ARG A 497 -36.97 15.53 17.55
C ARG A 497 -38.05 15.88 18.55
N GLY A 498 -39.30 15.50 18.28
CA GLY A 498 -40.40 15.86 19.15
C GLY A 498 -40.66 14.86 20.25
N ARG A 499 -39.69 13.98 20.51
CA ARG A 499 -39.81 12.93 21.53
C ARG A 499 -38.59 12.95 22.44
N LEU A 500 -38.21 14.14 22.89
CA LEU A 500 -37.08 14.30 23.80
C LEU A 500 -37.46 14.16 25.26
N ASP A 501 -38.59 13.54 25.55
CA ASP A 501 -39.09 13.37 26.91
C ASP A 501 -39.00 11.91 27.36
N ASP A 502 -37.89 11.25 27.05
CA ASP A 502 -37.67 9.87 27.45
C ASP A 502 -36.20 9.72 27.82
N ASP A 503 -35.80 8.49 28.14
CA ASP A 503 -34.44 8.18 28.53
C ASP A 503 -33.52 8.13 27.30
N LEU A 504 -32.22 8.22 27.55
CA LEU A 504 -31.25 8.21 26.45
C LEU A 504 -31.25 6.89 25.71
N GLY A 505 -31.27 5.77 26.44
CA GLY A 505 -31.21 4.47 25.79
C GLY A 505 -32.41 4.22 24.88
N GLU A 506 -33.60 4.54 25.37
CA GLU A 506 -34.78 4.41 24.53
C GLU A 506 -34.71 5.33 23.33
N LEU A 507 -34.13 6.52 23.49
CA LEU A 507 -33.95 7.42 22.35
C LEU A 507 -33.04 6.81 21.30
N VAL A 508 -31.93 6.21 21.72
CA VAL A 508 -31.01 5.61 20.76
C VAL A 508 -31.67 4.42 20.07
N GLU A 509 -32.41 3.61 20.82
CA GLU A 509 -33.11 2.49 20.21
C GLU A 509 -34.16 2.97 19.21
N ALA A 510 -34.86 4.06 19.53
CA ALA A 510 -35.82 4.64 18.60
C ALA A 510 -35.12 5.13 17.34
N VAL A 511 -33.97 5.76 17.48
CA VAL A 511 -33.21 6.19 16.31
C VAL A 511 -32.86 4.99 15.45
N LEU A 512 -32.38 3.92 16.08
CA LEU A 512 -31.98 2.74 15.32
C LEU A 512 -33.17 2.12 14.58
N GLU A 513 -34.32 2.02 15.24
CA GLU A 513 -35.47 1.40 14.58
C GLU A 513 -36.08 2.29 13.51
N ARG A 514 -36.01 3.62 13.68
CA ARG A 514 -36.57 4.50 12.67
C ARG A 514 -35.67 4.61 11.45
N THR A 515 -34.35 4.62 11.64
CA THR A 515 -33.45 4.83 10.52
C THR A 515 -33.23 3.58 9.68
N GLY A 516 -33.72 2.43 10.12
CA GLY A 516 -33.54 1.21 9.37
C GLY A 516 -32.16 0.61 9.42
N TYR A 517 -31.27 1.14 10.27
CA TYR A 517 -29.93 0.58 10.39
C TYR A 517 -29.98 -0.86 10.88
N ARG A 518 -30.80 -1.13 11.90
CA ARG A 518 -30.79 -2.44 12.55
C ARG A 518 -31.25 -3.54 11.61
N ARG A 519 -32.38 -3.34 10.93
CA ARG A 519 -32.92 -4.41 10.08
C ARG A 519 -31.97 -4.74 8.94
N GLU A 520 -31.44 -3.72 8.28
CA GLU A 520 -30.56 -3.97 7.15
C GLU A 520 -29.20 -4.51 7.59
N LEU A 521 -28.76 -4.17 8.81
CA LEU A 521 -27.54 -4.77 9.32
C LEU A 521 -27.75 -6.22 9.73
N GLU A 522 -28.93 -6.55 10.22
CA GLU A 522 -29.22 -7.92 10.63
C GLU A 522 -29.41 -8.84 9.43
N ALA A 523 -30.13 -8.38 8.41
CA ALA A 523 -30.50 -9.22 7.29
C ALA A 523 -29.33 -9.58 6.38
N SER A 524 -28.20 -8.87 6.48
CA SER A 524 -27.09 -9.14 5.58
C SER A 524 -26.47 -10.50 5.84
N THR A 525 -26.49 -10.96 7.09
CA THR A 525 -26.05 -12.31 7.46
C THR A 525 -24.60 -12.55 7.06
N ASP A 526 -23.71 -11.71 7.60
CA ASP A 526 -22.27 -11.85 7.46
C ASP A 526 -21.65 -11.54 8.80
N PRO A 527 -20.47 -12.10 9.08
CA PRO A 527 -19.82 -11.82 10.37
C PRO A 527 -19.53 -10.36 10.61
N GLN A 528 -19.19 -9.59 9.57
CA GLN A 528 -18.91 -8.18 9.75
C GLN A 528 -20.15 -7.42 10.21
N GLU A 529 -21.27 -7.63 9.53
CA GLU A 529 -22.52 -6.98 9.91
C GLU A 529 -23.04 -7.46 11.25
N LEU A 530 -22.84 -8.74 11.58
CA LEU A 530 -23.20 -9.22 12.92
C LEU A 530 -22.37 -8.53 13.99
N ALA A 531 -21.06 -8.36 13.73
CA ALA A 531 -20.23 -7.62 14.66
C ALA A 531 -20.71 -6.19 14.81
N ARG A 532 -21.11 -5.57 13.70
CA ARG A 532 -21.62 -4.20 13.77
C ARG A 532 -22.92 -4.13 14.57
N LEU A 533 -23.80 -5.11 14.41
CA LEU A 533 -25.03 -5.14 15.19
C LEU A 533 -24.74 -5.28 16.69
N ASP A 534 -23.84 -6.19 17.04
CA ASP A 534 -23.46 -6.33 18.45
C ASP A 534 -22.83 -5.07 18.97
N ASN A 535 -22.03 -4.40 18.13
CA ASN A 535 -21.43 -3.12 18.51
C ASN A 535 -22.50 -2.07 18.79
N LEU A 536 -23.52 -2.01 17.95
CA LEU A 536 -24.62 -1.07 18.17
C LEU A 536 -25.34 -1.37 19.47
N ASN A 537 -25.61 -2.65 19.75
CA ASN A 537 -26.25 -2.98 21.01
C ASN A 537 -25.38 -2.60 22.20
N GLU A 538 -24.07 -2.79 22.10
CA GLU A 538 -23.19 -2.37 23.18
C GLU A 538 -23.22 -0.86 23.36
N LEU A 539 -23.30 -0.11 22.25
CA LEU A 539 -23.42 1.34 22.37
C LEU A 539 -24.71 1.73 23.07
N VAL A 540 -25.80 1.03 22.76
CA VAL A 540 -27.06 1.28 23.48
C VAL A 540 -26.88 1.03 24.97
N SER A 541 -26.18 -0.06 25.32
CA SER A 541 -25.94 -0.36 26.73
C SER A 541 -25.14 0.75 27.40
N VAL A 542 -24.11 1.26 26.72
CA VAL A 542 -23.30 2.34 27.28
C VAL A 542 -24.13 3.59 27.48
N ALA A 543 -24.97 3.92 26.51
CA ALA A 543 -25.84 5.09 26.64
C ALA A 543 -26.78 4.93 27.82
N HIS A 544 -27.36 3.74 27.99
CA HIS A 544 -28.25 3.51 29.13
C HIS A 544 -27.50 3.64 30.45
N GLU A 545 -26.27 3.10 30.50
CA GLU A 545 -25.50 3.19 31.73
C GLU A 545 -25.19 4.64 32.09
N PHE A 546 -24.78 5.44 31.11
CA PHE A 546 -24.51 6.85 31.39
C PHE A 546 -25.78 7.58 31.81
N SER A 547 -26.90 7.28 31.16
CA SER A 547 -28.16 7.92 31.55
C SER A 547 -28.52 7.58 32.98
N THR A 548 -28.34 6.31 33.38
CA THR A 548 -28.62 5.93 34.75
C THR A 548 -27.69 6.66 35.72
N ASP A 549 -26.40 6.74 35.38
CA ASP A 549 -25.46 7.39 36.29
C ASP A 549 -25.69 8.89 36.39
N ARG A 550 -26.31 9.49 35.38
CA ARG A 550 -26.48 10.94 35.39
C ARG A 550 -27.88 11.39 35.82
N GLU A 551 -28.88 10.53 35.71
CA GLU A 551 -30.27 10.93 35.93
C GLU A 551 -30.79 10.53 37.31
N ASN A 552 -30.77 9.25 37.63
CA ASN A 552 -31.31 8.75 38.88
C ASN A 552 -30.22 8.30 39.84
N ALA A 553 -29.36 7.37 39.42
CA ALA A 553 -28.30 6.89 40.30
C ALA A 553 -27.29 8.01 40.53
N ALA A 554 -26.97 8.24 41.81
CA ALA A 554 -25.99 9.26 42.21
C ALA A 554 -26.37 10.64 41.66
N ALA A 555 -27.67 10.87 41.49
CA ALA A 555 -28.13 12.14 40.94
C ALA A 555 -29.41 12.65 41.60
N LEU A 556 -29.90 12.00 42.65
CA LEU A 556 -31.13 12.40 43.32
C LEU A 556 -30.81 12.86 44.73
N GLY A 557 -31.87 13.23 45.47
CA GLY A 557 -31.72 13.71 46.81
C GLY A 557 -32.13 15.16 46.94
N PRO A 558 -31.68 15.82 48.01
CA PRO A 558 -32.03 17.24 48.19
C PRO A 558 -31.47 18.14 47.10
N ASP A 559 -30.44 17.71 46.37
CA ASP A 559 -29.83 18.55 45.35
C ASP A 559 -30.76 18.78 44.17
N ASP A 560 -31.54 17.76 43.78
CA ASP A 560 -32.37 17.87 42.60
C ASP A 560 -33.82 17.53 42.89
N GLU A 561 -34.06 16.70 43.89
CA GLU A 561 -35.40 16.20 44.25
C GLU A 561 -35.97 15.47 43.03
N ASP A 562 -37.28 15.53 42.82
CA ASP A 562 -37.89 14.88 41.67
C ASP A 562 -37.64 15.65 40.37
N VAL A 563 -37.53 16.97 40.44
CA VAL A 563 -37.31 17.76 39.23
C VAL A 563 -35.91 17.48 38.70
N PRO A 564 -35.76 17.12 37.43
CA PRO A 564 -34.42 16.86 36.88
C PRO A 564 -33.65 18.15 36.67
N ASP A 565 -32.40 18.00 36.25
CA ASP A 565 -31.54 19.13 35.93
C ASP A 565 -31.53 19.46 34.44
N THR A 566 -32.67 19.27 33.78
CA THR A 566 -32.79 19.39 32.32
C THR A 566 -31.78 18.46 31.64
N GLY A 567 -31.86 17.19 32.02
CA GLY A 567 -30.94 16.19 31.52
C GLY A 567 -31.09 15.96 30.04
N VAL A 568 -30.13 16.45 29.26
CA VAL A 568 -30.19 16.37 27.81
C VAL A 568 -29.08 15.47 27.31
N LEU A 569 -29.06 15.20 26.00
CA LEU A 569 -28.04 14.37 25.40
C LEU A 569 -26.73 15.11 25.18
N ALA A 570 -26.68 16.42 25.43
CA ALA A 570 -25.44 17.15 25.28
C ALA A 570 -24.36 16.62 26.22
N ASP A 571 -24.76 16.20 27.43
CA ASP A 571 -23.79 15.61 28.35
C ASP A 571 -23.21 14.32 27.78
N PHE A 572 -24.05 13.47 27.20
CA PHE A 572 -23.57 12.25 26.57
C PHE A 572 -22.63 12.57 25.41
N LEU A 573 -23.00 13.55 24.60
CA LEU A 573 -22.16 13.92 23.45
C LEU A 573 -20.80 14.42 23.91
N GLU A 574 -20.77 15.28 24.92
CA GLU A 574 -19.48 15.81 25.38
C GLU A 574 -18.65 14.74 26.06
N ARG A 575 -19.28 13.80 26.78
CA ARG A 575 -18.53 12.70 27.35
C ARG A 575 -17.90 11.84 26.26
N VAL A 576 -18.67 11.53 25.22
CA VAL A 576 -18.15 10.74 24.12
C VAL A 576 -17.00 11.46 23.43
N SER A 577 -17.16 12.76 23.19
CA SER A 577 -16.08 13.52 22.56
C SER A 577 -14.84 13.55 23.43
N LEU A 578 -15.00 13.72 24.75
CA LEU A 578 -13.85 13.76 25.65
C LEU A 578 -13.12 12.43 25.68
N VAL A 579 -13.86 11.31 25.74
CA VAL A 579 -13.22 10.00 25.75
C VAL A 579 -12.77 9.56 24.38
N ALA A 580 -13.13 10.30 23.33
CA ALA A 580 -12.65 9.99 21.98
C ALA A 580 -11.16 10.26 21.80
N ASP A 581 -10.43 10.63 22.85
CA ASP A 581 -9.00 10.88 22.79
C ASP A 581 -8.17 9.62 23.02
N ALA A 582 -8.75 8.44 22.79
CA ALA A 582 -8.04 7.19 23.00
C ALA A 582 -6.96 6.95 21.96
N ASP A 583 -6.94 7.72 20.88
CA ASP A 583 -5.86 7.65 19.89
C ASP A 583 -4.64 8.46 20.30
N GLU A 584 -4.75 9.27 21.36
CA GLU A 584 -3.61 9.99 21.91
C GLU A 584 -2.62 9.07 22.61
N ILE A 585 -3.00 7.82 22.85
CA ILE A 585 -2.12 6.86 23.51
C ILE A 585 -1.00 6.46 22.56
N PRO A 586 0.24 6.35 23.02
CA PRO A 586 1.35 6.00 22.12
C PRO A 586 1.17 4.59 21.55
N GLU A 587 1.84 4.37 20.41
CA GLU A 587 1.79 3.10 19.71
C GLU A 587 2.92 2.19 20.22
N HIS A 588 3.22 1.12 19.50
CA HIS A 588 4.09 0.05 19.97
C HIS A 588 5.52 0.50 20.28
N GLY A 589 5.82 1.80 20.18
CA GLY A 589 7.15 2.28 20.52
C GLY A 589 7.46 2.34 22.01
N ALA A 590 6.49 2.09 22.87
CA ALA A 590 6.73 2.13 24.32
C ALA A 590 6.20 0.89 25.01
N GLY A 591 6.04 0.95 26.33
CA GLY A 591 5.49 -0.15 27.10
C GLY A 591 3.97 -0.18 27.04
N VAL A 592 3.43 -0.63 25.91
CA VAL A 592 2.00 -0.56 25.63
C VAL A 592 1.42 -1.97 25.60
N VAL A 593 0.26 -2.14 26.22
CA VAL A 593 -0.43 -3.43 26.24
C VAL A 593 -1.21 -3.57 24.94
N THR A 594 -1.57 -4.81 24.61
CA THR A 594 -2.16 -5.15 23.33
C THR A 594 -3.58 -5.69 23.51
N LEU A 595 -4.48 -5.27 22.63
CA LEU A 595 -5.84 -5.78 22.57
C LEU A 595 -6.14 -6.24 21.15
N MET A 596 -6.83 -7.37 21.03
CA MET A 596 -7.18 -7.92 19.72
C MET A 596 -8.28 -8.94 19.92
N THR A 597 -8.87 -9.35 18.80
CA THR A 597 -9.88 -10.40 18.81
C THR A 597 -9.24 -11.76 18.56
N LEU A 598 -10.00 -12.82 18.84
CA LEU A 598 -9.45 -14.16 18.71
C LEU A 598 -9.08 -14.49 17.28
N HIS A 599 -9.89 -14.06 16.30
CA HIS A 599 -9.66 -14.46 14.91
C HIS A 599 -8.35 -13.92 14.36
N THR A 600 -7.80 -12.85 14.93
CA THR A 600 -6.54 -12.30 14.47
C THR A 600 -5.38 -12.67 15.38
N ALA A 601 -5.58 -13.61 16.29
CA ALA A 601 -4.53 -14.03 17.21
C ALA A 601 -3.63 -15.11 16.64
N LYS A 602 -3.92 -15.61 15.44
CA LYS A 602 -3.13 -16.69 14.87
C LYS A 602 -1.78 -16.16 14.38
N GLY A 603 -0.72 -16.89 14.74
CA GLY A 603 0.62 -16.56 14.31
C GLY A 603 1.42 -15.68 15.24
N LEU A 604 0.81 -15.16 16.30
CA LEU A 604 1.51 -14.31 17.25
C LEU A 604 1.97 -15.12 18.46
N GLU A 605 2.65 -14.45 19.38
CA GLU A 605 3.16 -15.09 20.57
C GLU A 605 3.28 -14.05 21.68
N PHE A 606 2.89 -14.44 22.90
CA PHE A 606 2.93 -13.51 24.01
C PHE A 606 3.19 -14.24 25.32
N PRO A 607 3.94 -13.65 26.24
CA PRO A 607 4.29 -14.33 27.49
C PRO A 607 3.11 -14.57 28.42
N VAL A 608 2.32 -13.53 28.68
CA VAL A 608 1.19 -13.60 29.59
C VAL A 608 -0.06 -13.16 28.83
N VAL A 609 -1.12 -13.96 28.92
CA VAL A 609 -2.36 -13.69 28.22
C VAL A 609 -3.52 -13.73 29.18
N PHE A 610 -4.53 -12.92 28.88
CA PHE A 610 -5.82 -12.92 29.55
C PHE A 610 -6.88 -13.15 28.49
N VAL A 611 -7.96 -13.82 28.86
CA VAL A 611 -9.09 -14.01 27.96
C VAL A 611 -10.36 -13.57 28.70
N THR A 612 -11.21 -12.84 27.99
CA THR A 612 -12.41 -12.25 28.58
C THR A 612 -13.65 -12.83 27.90
N GLY A 613 -14.74 -12.91 28.66
CA GLY A 613 -16.00 -13.33 28.10
C GLY A 613 -16.09 -14.82 27.92
N TRP A 614 -15.68 -15.57 28.94
CA TRP A 614 -15.62 -17.03 28.87
C TRP A 614 -16.92 -17.67 29.37
N GLU A 615 -18.05 -17.25 28.82
CA GLU A 615 -19.35 -17.80 29.19
C GLU A 615 -20.08 -18.27 27.94
N ASP A 616 -20.93 -19.28 28.12
CA ASP A 616 -21.74 -19.77 27.02
C ASP A 616 -22.74 -18.69 26.59
N GLY A 617 -22.98 -18.59 25.30
CA GLY A 617 -23.84 -17.56 24.78
C GLY A 617 -23.04 -16.39 24.27
N MET A 618 -21.81 -16.23 24.77
CA MET A 618 -20.88 -15.22 24.28
C MET A 618 -19.65 -15.82 23.63
N PHE A 619 -18.91 -16.67 24.34
CA PHE A 619 -17.73 -17.25 23.71
C PHE A 619 -18.19 -18.40 22.81
N PRO A 620 -19.01 -19.34 23.28
CA PRO A 620 -19.81 -20.12 22.32
C PRO A 620 -20.96 -19.25 21.82
N HIS A 621 -20.86 -18.80 20.58
CA HIS A 621 -21.76 -17.80 20.05
C HIS A 621 -23.15 -18.38 19.81
N MET A 622 -24.14 -17.48 19.76
CA MET A 622 -25.51 -17.91 19.52
C MET A 622 -25.66 -18.60 18.17
N ARG A 623 -24.77 -18.30 17.22
CA ARG A 623 -24.78 -18.96 15.94
C ARG A 623 -24.14 -20.34 15.98
N ALA A 624 -23.55 -20.73 17.11
CA ALA A 624 -22.86 -22.01 17.23
C ALA A 624 -23.51 -22.96 18.23
N LEU A 625 -24.56 -22.54 18.93
CA LEU A 625 -25.20 -23.42 19.90
C LEU A 625 -25.96 -24.56 19.25
N ASP A 626 -26.26 -24.45 17.96
CA ASP A 626 -27.06 -25.47 17.27
C ASP A 626 -26.26 -26.22 16.22
N ASN A 627 -25.62 -25.51 15.30
CA ASN A 627 -24.89 -26.17 14.22
C ASN A 627 -23.64 -26.85 14.77
N PRO A 628 -23.49 -28.16 14.61
CA PRO A 628 -22.28 -28.82 15.12
C PRO A 628 -20.99 -28.30 14.50
N THR A 629 -21.03 -27.93 13.22
CA THR A 629 -19.84 -27.42 12.56
C THR A 629 -19.33 -26.15 13.24
N GLU A 630 -20.23 -25.21 13.52
CA GLU A 630 -19.84 -23.99 14.20
C GLU A 630 -19.35 -24.28 15.62
N LEU A 631 -19.97 -25.24 16.31
CA LEU A 631 -19.53 -25.60 17.65
C LEU A 631 -18.09 -26.09 17.62
N SER A 632 -17.78 -27.03 16.73
CA SER A 632 -16.42 -27.55 16.63
C SER A 632 -15.44 -26.46 16.21
N GLU A 633 -15.86 -25.59 15.29
CA GLU A 633 -14.98 -24.51 14.85
C GLU A 633 -14.65 -23.57 16.00
N GLU A 634 -15.64 -23.22 16.81
CA GLU A 634 -15.35 -22.35 17.94
C GLU A 634 -14.56 -23.06 19.03
N ARG A 635 -14.71 -24.38 19.15
CA ARG A 635 -13.83 -25.11 20.06
C ARG A 635 -12.39 -25.04 19.60
N ARG A 636 -12.14 -25.21 18.30
CA ARG A 636 -10.80 -25.05 17.77
C ARG A 636 -10.29 -23.62 17.96
N LEU A 637 -11.20 -22.65 17.85
CA LEU A 637 -10.83 -21.26 18.12
C LEU A 637 -10.39 -21.09 19.57
N ALA A 638 -11.09 -21.73 20.50
CA ALA A 638 -10.67 -21.69 21.90
C ALA A 638 -9.31 -22.33 22.07
N TYR A 639 -9.05 -23.41 21.35
CA TYR A 639 -7.74 -24.06 21.43
C TYR A 639 -6.63 -23.12 20.96
N VAL A 640 -6.82 -22.48 19.81
CA VAL A 640 -5.78 -21.59 19.29
C VAL A 640 -5.64 -20.36 20.18
N GLY A 641 -6.71 -19.93 20.84
CA GLY A 641 -6.58 -18.85 21.80
C GLY A 641 -5.80 -19.26 23.03
N ILE A 642 -6.06 -20.45 23.56
CA ILE A 642 -5.35 -20.92 24.75
C ILE A 642 -3.88 -21.07 24.47
N THR A 643 -3.51 -21.68 23.34
CA THR A 643 -2.11 -22.00 23.10
C THR A 643 -1.26 -20.79 22.76
N ARG A 644 -1.79 -19.58 22.89
CA ARG A 644 -0.99 -18.37 22.65
C ARG A 644 -0.16 -17.97 23.87
N ALA A 645 -0.41 -18.55 25.03
CA ALA A 645 0.31 -18.19 26.24
C ALA A 645 1.68 -18.87 26.26
N ARG A 646 2.58 -18.31 27.06
CA ARG A 646 3.91 -18.87 27.24
C ARG A 646 4.17 -19.34 28.66
N GLN A 647 3.86 -18.51 29.67
CA GLN A 647 3.99 -18.93 31.06
C GLN A 647 2.80 -18.59 31.94
N ARG A 648 1.95 -17.65 31.57
CA ARG A 648 0.78 -17.31 32.37
C ARG A 648 -0.42 -17.06 31.48
N LEU A 649 -1.51 -17.76 31.79
CA LEU A 649 -2.77 -17.63 31.05
C LEU A 649 -3.90 -17.53 32.06
N TYR A 650 -4.62 -16.41 32.04
CA TYR A 650 -5.67 -16.14 33.00
C TYR A 650 -7.01 -16.03 32.27
N VAL A 651 -8.04 -16.65 32.85
CA VAL A 651 -9.36 -16.70 32.25
C VAL A 651 -10.31 -15.89 33.13
N SER A 652 -11.18 -15.11 32.50
CA SER A 652 -12.14 -14.32 33.26
C SER A 652 -13.54 -14.52 32.71
N ARG A 653 -14.52 -14.54 33.61
CA ARG A 653 -15.92 -14.65 33.23
C ARG A 653 -16.74 -13.73 34.12
N ALA A 654 -17.93 -13.37 33.65
CA ALA A 654 -18.82 -12.47 34.35
C ALA A 654 -20.17 -13.13 34.54
N ILE A 655 -20.72 -13.02 35.76
CA ILE A 655 -22.00 -13.65 36.05
C ILE A 655 -23.14 -12.94 35.32
N VAL A 656 -23.10 -11.61 35.28
CA VAL A 656 -24.12 -10.83 34.59
C VAL A 656 -23.46 -9.83 33.67
N ARG A 657 -24.17 -9.45 32.62
CA ARG A 657 -23.67 -8.48 31.66
C ARG A 657 -24.86 -7.83 30.96
N SER A 658 -24.69 -6.57 30.58
CA SER A 658 -25.73 -5.82 29.90
C SER A 658 -25.51 -5.94 28.40
N SER A 659 -26.53 -6.42 27.69
CA SER A 659 -26.52 -6.50 26.24
C SER A 659 -27.85 -5.98 25.71
N TRP A 660 -27.77 -5.21 24.63
CA TRP A 660 -28.97 -4.67 23.98
C TRP A 660 -29.83 -3.89 24.96
N GLY A 661 -29.19 -3.21 25.91
CA GLY A 661 -29.88 -2.40 26.88
C GLY A 661 -30.53 -3.17 28.01
N GLN A 662 -30.36 -4.48 28.09
CA GLN A 662 -30.98 -5.27 29.14
C GLN A 662 -29.95 -6.17 29.79
N PRO A 663 -30.07 -6.42 31.09
CA PRO A 663 -29.14 -7.31 31.79
C PRO A 663 -29.52 -8.77 31.57
N MET A 664 -28.63 -9.52 30.94
CA MET A 664 -28.88 -10.93 30.68
C MET A 664 -28.08 -11.80 31.63
N LEU A 665 -28.60 -13.01 31.87
CA LEU A 665 -27.94 -14.01 32.71
C LEU A 665 -27.34 -15.10 31.83
N ASN A 666 -26.03 -15.30 31.96
CA ASN A 666 -25.33 -16.29 31.16
C ASN A 666 -24.52 -17.18 32.09
N PRO A 667 -24.72 -18.49 32.07
CA PRO A 667 -23.96 -19.39 32.94
C PRO A 667 -22.51 -19.45 32.49
N GLU A 668 -21.72 -20.23 33.22
CA GLU A 668 -20.35 -20.48 32.77
C GLU A 668 -20.37 -21.32 31.50
N SER A 669 -19.38 -21.07 30.65
CA SER A 669 -19.32 -21.80 29.40
C SER A 669 -18.96 -23.26 29.66
N ARG A 670 -19.31 -24.11 28.69
CA ARG A 670 -18.98 -25.52 28.77
C ARG A 670 -17.48 -25.76 28.69
N PHE A 671 -16.69 -24.74 28.33
CA PHE A 671 -15.25 -24.87 28.24
C PHE A 671 -14.55 -24.81 29.59
N LEU A 672 -15.21 -24.29 30.63
CA LEU A 672 -14.58 -24.30 31.95
C LEU A 672 -14.43 -25.71 32.49
N ARG A 673 -15.49 -26.50 32.46
CA ARG A 673 -15.43 -27.88 32.89
C ARG A 673 -14.62 -28.75 31.95
N GLU A 674 -14.37 -28.28 30.72
CA GLU A 674 -13.53 -29.03 29.80
C GLU A 674 -12.13 -29.19 30.35
N ILE A 675 -11.52 -28.11 30.80
CA ILE A 675 -10.20 -28.18 31.42
C ILE A 675 -10.33 -28.92 32.75
N PRO A 676 -9.44 -29.88 33.05
CA PRO A 676 -9.56 -30.61 34.32
C PRO A 676 -9.45 -29.67 35.52
N GLN A 677 -10.27 -29.95 36.53
CA GLN A 677 -10.43 -29.03 37.66
C GLN A 677 -9.39 -29.30 38.76
N GLU A 678 -8.13 -29.36 38.34
CA GLU A 678 -7.01 -29.37 39.27
C GLU A 678 -5.86 -28.49 38.85
N LEU A 679 -5.88 -27.93 37.64
CA LEU A 679 -4.81 -27.10 37.14
C LEU A 679 -5.19 -25.63 37.07
N ILE A 680 -6.41 -25.28 37.46
CA ILE A 680 -6.90 -23.91 37.42
C ILE A 680 -6.94 -23.37 38.84
N ASP A 681 -6.09 -22.37 39.12
CA ASP A 681 -6.11 -21.71 40.42
C ASP A 681 -7.38 -20.88 40.53
N TRP A 682 -8.45 -21.47 41.04
CA TRP A 682 -9.77 -20.88 40.96
C TRP A 682 -9.87 -19.66 41.87
N ARG A 683 -10.41 -18.57 41.31
CA ARG A 683 -10.66 -17.31 42.03
C ARG A 683 -9.37 -16.64 42.49
N ARG A 684 -9.45 -15.34 42.76
CA ARG A 684 -8.28 -14.58 43.19
C ARG A 684 -8.75 -13.45 44.10
N THR A 685 -8.47 -13.58 45.39
CA THR A 685 -8.82 -12.58 46.41
C THR A 685 -10.32 -12.38 46.49
CA LEU A 719 -25.29 -6.07 38.24
C LEU A 719 -24.18 -5.98 39.28
N VAL A 720 -23.20 -5.14 39.02
CA VAL A 720 -22.11 -4.89 39.94
C VAL A 720 -22.58 -3.85 40.96
N LEU A 721 -22.09 -3.96 42.18
CA LEU A 721 -22.39 -3.00 43.23
C LEU A 721 -21.10 -2.47 43.81
N GLN A 722 -20.57 -1.41 43.21
CA GLN A 722 -19.31 -0.81 43.61
C GLN A 722 -19.56 0.36 44.56
N VAL A 723 -18.48 0.85 45.16
CA VAL A 723 -18.57 1.93 46.13
C VAL A 723 -19.13 3.18 45.45
N GLY A 724 -20.17 3.77 46.06
CA GLY A 724 -20.79 4.97 45.55
C GLY A 724 -21.88 4.73 44.54
N ASP A 725 -21.96 3.53 43.98
CA ASP A 725 -22.97 3.24 42.96
C ASP A 725 -24.34 3.14 43.58
N ARG A 726 -25.33 3.74 42.90
CA ARG A 726 -26.72 3.63 43.30
C ARG A 726 -27.43 2.66 42.35
N VAL A 727 -28.24 1.78 42.93
CA VAL A 727 -29.07 0.86 42.15
C VAL A 727 -30.48 0.87 42.72
N THR A 728 -31.38 0.18 42.02
CA THR A 728 -32.79 0.18 42.36
C THR A 728 -33.29 -1.26 42.49
N HIS A 729 -34.13 -1.47 43.51
CA HIS A 729 -34.84 -2.72 43.73
C HIS A 729 -36.33 -2.41 43.81
N ASP A 730 -37.14 -3.27 43.18
CA ASP A 730 -38.56 -2.99 43.06
C ASP A 730 -39.26 -2.97 44.42
N LYS A 731 -38.71 -3.68 45.40
CA LYS A 731 -39.34 -3.79 46.72
C LYS A 731 -38.68 -2.92 47.77
N TYR A 732 -37.38 -2.66 47.65
CA TYR A 732 -36.65 -1.89 48.65
C TYR A 732 -36.41 -0.44 48.24
N GLY A 733 -36.67 -0.08 46.99
CA GLY A 733 -36.40 1.27 46.54
C GLY A 733 -34.96 1.45 46.07
N LEU A 734 -34.46 2.67 46.25
CA LEU A 734 -33.11 3.00 45.82
C LEU A 734 -32.11 2.68 46.94
N GLY A 735 -30.89 2.34 46.54
CA GLY A 735 -29.86 2.04 47.52
C GLY A 735 -28.50 2.39 46.99
N ARG A 736 -27.60 2.73 47.91
CA ARG A 736 -26.23 3.10 47.59
C ARG A 736 -25.28 2.11 48.24
N VAL A 737 -24.38 1.54 47.45
CA VAL A 737 -23.50 0.49 47.93
C VAL A 737 -22.36 1.10 48.73
N GLU A 738 -21.98 0.43 49.82
CA GLU A 738 -20.90 0.92 50.67
C GLU A 738 -19.61 0.12 50.51
N GLU A 739 -19.66 -1.19 50.70
CA GLU A 739 -18.46 -2.02 50.70
C GLU A 739 -18.62 -3.14 49.69
N VAL A 740 -17.54 -3.41 48.97
CA VAL A 740 -17.46 -4.50 48.01
C VAL A 740 -16.52 -5.55 48.57
N SER A 741 -17.05 -6.73 48.86
CA SER A 741 -16.27 -7.81 49.48
C SER A 741 -16.53 -9.10 48.73
N GLY A 742 -15.51 -9.96 48.70
CA GLY A 742 -15.60 -11.24 48.04
C GLY A 742 -15.35 -11.14 46.54
N VAL A 743 -15.32 -12.30 45.90
CA VAL A 743 -15.11 -12.40 44.47
C VAL A 743 -16.13 -13.36 43.89
N GLY A 744 -16.82 -12.93 42.83
CA GLY A 744 -17.76 -13.78 42.13
C GLY A 744 -18.97 -14.20 42.93
N GLU A 745 -19.33 -15.47 42.84
CA GLU A 745 -20.55 -15.96 43.48
C GLU A 745 -20.44 -15.94 45.01
N SER A 746 -19.24 -15.81 45.56
CA SER A 746 -19.07 -15.69 47.00
C SER A 746 -19.20 -14.25 47.51
N ALA A 747 -19.41 -13.29 46.60
CA ALA A 747 -19.48 -11.89 47.00
C ALA A 747 -20.89 -11.54 47.49
N MET A 748 -20.97 -10.84 48.63
CA MET A 748 -22.21 -10.30 49.14
C MET A 748 -22.04 -8.79 49.33
N SER A 749 -23.05 -8.03 48.91
CA SER A 749 -22.97 -6.59 48.79
C SER A 749 -23.79 -5.90 49.87
N LEU A 750 -23.21 -4.87 50.49
CA LEU A 750 -23.88 -4.08 51.51
C LEU A 750 -24.36 -2.77 50.90
N ILE A 751 -25.67 -2.52 51.01
CA ILE A 751 -26.30 -1.32 50.44
C ILE A 751 -27.00 -0.58 51.57
N ASP A 752 -26.70 0.71 51.70
CA ASP A 752 -27.45 1.58 52.60
C ASP A 752 -28.61 2.18 51.81
N PHE A 753 -29.81 2.12 52.37
CA PHE A 753 -31.00 2.62 51.70
C PHE A 753 -31.36 4.04 52.12
N GLY A 754 -30.56 4.66 52.98
CA GLY A 754 -30.89 5.98 53.48
C GLY A 754 -31.82 5.93 54.67
N SER A 755 -33.11 6.14 54.43
CA SER A 755 -34.09 6.08 55.51
C SER A 755 -34.36 4.64 55.94
N SER A 756 -34.17 3.67 55.05
CA SER A 756 -34.52 2.29 55.32
C SER A 756 -33.37 1.46 55.88
N GLY A 757 -32.20 2.06 56.11
CA GLY A 757 -31.10 1.37 56.74
C GLY A 757 -30.19 0.66 55.75
N ARG A 758 -29.39 -0.25 56.29
CA ARG A 758 -28.39 -1.01 55.53
C ARG A 758 -28.82 -2.47 55.46
N VAL A 759 -28.69 -3.07 54.28
CA VAL A 759 -29.02 -4.47 54.06
C VAL A 759 -27.91 -5.11 53.23
N LYS A 760 -27.53 -6.33 53.59
CA LYS A 760 -26.54 -7.11 52.83
C LYS A 760 -27.26 -8.19 52.04
N LEU A 761 -27.02 -8.23 50.73
CA LEU A 761 -27.74 -9.12 49.83
C LEU A 761 -26.79 -9.74 48.83
N MET A 762 -27.35 -10.59 47.96
CA MET A 762 -26.61 -11.22 46.88
C MET A 762 -26.88 -10.51 45.56
N HIS A 763 -26.29 -11.04 44.49
CA HIS A 763 -26.33 -10.35 43.20
C HIS A 763 -27.21 -11.07 42.18
N ASN A 764 -27.22 -12.40 42.20
CA ASN A 764 -27.93 -13.16 41.18
C ASN A 764 -29.37 -13.48 41.56
N HIS A 765 -29.73 -13.37 42.84
CA HIS A 765 -31.07 -13.72 43.29
C HIS A 765 -31.91 -12.52 43.72
N ALA A 766 -31.28 -11.36 43.94
CA ALA A 766 -32.03 -10.16 44.27
C ALA A 766 -32.37 -9.40 43.00
N PRO A 767 -33.65 -9.19 42.69
CA PRO A 767 -34.00 -8.50 41.43
C PRO A 767 -33.61 -7.03 41.46
N VAL A 768 -32.33 -6.76 41.23
CA VAL A 768 -31.78 -5.41 41.22
C VAL A 768 -31.61 -4.98 39.77
N THR A 769 -32.11 -3.79 39.45
CA THR A 769 -32.00 -3.28 38.09
C THR A 769 -31.10 -2.05 38.04
CA ALA B 16 33.90 -16.02 14.77
C ALA B 16 34.71 -15.59 13.56
N ASP B 17 35.84 -16.27 13.34
CA ASP B 17 36.72 -15.94 12.22
C ASP B 17 36.11 -16.30 10.87
N GLN B 18 35.00 -17.03 10.85
CA GLN B 18 34.36 -17.39 9.59
C GLN B 18 33.87 -16.17 8.83
N LEU B 19 33.47 -15.10 9.55
CA LEU B 19 33.06 -13.87 8.91
C LEU B 19 34.22 -13.16 8.23
N LEU B 20 35.46 -13.46 8.63
CA LEU B 20 36.63 -12.70 8.20
C LEU B 20 37.43 -13.38 7.09
N ASP B 21 37.57 -14.70 7.15
CA ASP B 21 38.46 -15.40 6.23
C ASP B 21 37.79 -15.71 4.89
N GLY B 22 37.11 -14.71 4.34
CA GLY B 22 36.50 -14.84 3.03
C GLY B 22 36.50 -13.53 2.26
N LEU B 23 37.20 -12.53 2.80
CA LEU B 23 37.12 -11.17 2.28
C LEU B 23 38.53 -10.59 2.13
N ASN B 24 38.62 -9.54 1.33
CA ASN B 24 39.88 -8.81 1.21
C ASN B 24 40.19 -8.12 2.54
N PRO B 25 41.47 -7.88 2.86
CA PRO B 25 41.79 -7.29 4.17
C PRO B 25 41.21 -5.90 4.38
N GLN B 26 40.86 -5.17 3.31
CA GLN B 26 40.32 -3.82 3.49
C GLN B 26 38.98 -3.86 4.23
N GLN B 27 38.03 -4.67 3.75
CA GLN B 27 36.77 -4.78 4.46
C GLN B 27 36.92 -5.53 5.78
N ARG B 28 37.91 -6.39 5.92
CA ARG B 28 38.19 -7.01 7.21
C ARG B 28 38.53 -5.95 8.25
N GLN B 29 39.47 -5.05 7.91
CA GLN B 29 39.83 -3.98 8.83
C GLN B 29 38.68 -3.01 9.03
N ALA B 30 37.87 -2.78 8.00
CA ALA B 30 36.68 -1.94 8.18
C ALA B 30 35.70 -2.57 9.15
N VAL B 31 35.57 -3.89 9.12
CA VAL B 31 34.64 -4.57 10.02
C VAL B 31 35.16 -4.55 11.46
N VAL B 32 36.43 -4.93 11.65
CA VAL B 32 36.94 -5.12 13.00
C VAL B 32 37.06 -3.78 13.73
N HIS B 33 37.45 -2.72 13.01
CA HIS B 33 37.71 -1.45 13.64
C HIS B 33 36.47 -0.92 14.35
N GLU B 34 36.64 -0.49 15.60
CA GLU B 34 35.52 -0.06 16.43
C GLU B 34 35.75 1.24 17.18
N GLY B 35 36.98 1.63 17.46
CA GLY B 35 37.22 2.86 18.19
C GLY B 35 36.94 4.08 17.33
N SER B 36 36.23 5.06 17.92
CA SER B 36 35.89 6.33 17.29
C SER B 36 34.94 6.13 16.11
N PRO B 37 34.23 7.19 15.68
CA PRO B 37 33.37 7.05 14.51
C PRO B 37 34.18 6.69 13.26
N LEU B 38 33.57 5.89 12.40
CA LEU B 38 34.23 5.36 11.22
C LEU B 38 33.54 5.84 9.95
N LEU B 39 34.33 6.06 8.90
CA LEU B 39 33.80 6.36 7.58
C LEU B 39 34.43 5.42 6.57
N ILE B 40 33.63 5.05 5.56
CA ILE B 40 34.09 4.11 4.54
C ILE B 40 33.48 4.53 3.22
N VAL B 41 34.30 4.49 2.17
CA VAL B 41 33.87 4.80 0.82
C VAL B 41 33.48 3.50 0.14
N ALA B 42 32.21 3.39 -0.26
CA ALA B 42 31.69 2.19 -0.87
C ALA B 42 31.87 2.29 -2.39
N GLY B 43 32.80 1.52 -2.94
CA GLY B 43 33.06 1.56 -4.35
C GLY B 43 31.88 1.06 -5.17
N ALA B 44 32.05 1.11 -6.49
CA ALA B 44 30.99 0.72 -7.41
C ALA B 44 30.75 -0.77 -7.29
N GLY B 45 29.69 -1.15 -6.60
CA GLY B 45 29.38 -2.56 -6.40
C GLY B 45 30.43 -3.32 -5.63
N SER B 46 30.98 -2.73 -4.57
CA SER B 46 31.96 -3.39 -3.73
C SER B 46 31.35 -4.15 -2.58
N GLY B 47 30.06 -4.50 -2.68
CA GLY B 47 29.41 -5.27 -1.65
C GLY B 47 29.30 -4.53 -0.33
N LYS B 48 28.89 -3.27 -0.39
CA LYS B 48 28.79 -2.47 0.83
C LYS B 48 27.76 -3.05 1.79
N THR B 49 26.65 -3.58 1.27
CA THR B 49 25.65 -4.20 2.13
C THR B 49 26.22 -5.43 2.84
N ALA B 50 26.99 -6.25 2.10
CA ALA B 50 27.61 -7.42 2.70
C ALA B 50 28.60 -7.02 3.79
N VAL B 51 29.43 -6.01 3.51
CA VAL B 51 30.39 -5.57 4.51
C VAL B 51 29.67 -5.00 5.73
N LEU B 52 28.58 -4.27 5.50
CA LEU B 52 27.81 -3.70 6.61
C LEU B 52 27.23 -4.81 7.49
N THR B 53 26.60 -5.81 6.89
CA THR B 53 26.00 -6.87 7.70
C THR B 53 27.06 -7.72 8.40
N ARG B 54 28.19 -7.98 7.74
CA ARG B 54 29.25 -8.72 8.40
C ARG B 54 29.82 -7.93 9.58
N ARG B 55 29.96 -6.62 9.42
CA ARG B 55 30.42 -5.80 10.54
C ARG B 55 29.41 -5.81 11.68
N ILE B 56 28.12 -5.80 11.35
CA ILE B 56 27.10 -5.87 12.39
C ILE B 56 27.19 -7.19 13.15
N ALA B 57 27.36 -8.30 12.42
CA ALA B 57 27.48 -9.60 13.07
C ALA B 57 28.72 -9.64 13.96
N TYR B 58 29.84 -9.08 13.48
CA TYR B 58 31.05 -9.04 14.29
C TYR B 58 30.86 -8.19 15.54
N LEU B 59 30.13 -7.08 15.40
CA LEU B 59 29.83 -6.25 16.56
C LEU B 59 29.01 -7.02 17.60
N MET B 60 28.01 -7.76 17.13
CA MET B 60 27.20 -8.55 18.06
C MET B 60 28.02 -9.65 18.73
N ALA B 61 28.90 -10.30 17.96
CA ALA B 61 29.63 -11.46 18.50
C ALA B 61 30.77 -11.05 19.42
N ALA B 62 31.46 -9.95 19.11
CA ALA B 62 32.65 -9.57 19.88
C ALA B 62 32.32 -8.55 20.97
N ARG B 63 31.81 -7.38 20.57
CA ARG B 63 31.51 -6.32 21.52
C ARG B 63 30.21 -6.52 22.26
N GLY B 64 29.33 -7.40 21.77
CA GLY B 64 28.10 -7.72 22.47
C GLY B 64 27.21 -6.51 22.70
N VAL B 65 26.94 -5.75 21.63
CA VAL B 65 26.12 -4.55 21.76
C VAL B 65 24.71 -4.93 22.17
N GLY B 66 24.07 -4.06 22.95
CA GLY B 66 22.70 -4.25 23.34
C GLY B 66 21.78 -4.34 22.14
N VAL B 67 20.93 -5.37 22.12
CA VAL B 67 20.04 -5.57 20.98
C VAL B 67 19.02 -4.44 20.88
N GLY B 68 18.56 -3.91 22.01
CA GLY B 68 17.63 -2.80 22.01
C GLY B 68 18.27 -1.43 21.90
N GLN B 69 19.59 -1.37 21.74
CA GLN B 69 20.31 -0.11 21.64
C GLN B 69 20.93 0.12 20.26
N ILE B 70 21.27 -0.94 19.54
CA ILE B 70 21.91 -0.80 18.23
C ILE B 70 20.88 -0.30 17.22
N LEU B 71 21.24 0.76 16.49
CA LEU B 71 20.36 1.36 15.50
C LEU B 71 21.09 1.40 14.16
N ALA B 72 20.59 0.63 13.20
CA ALA B 72 21.01 0.73 11.81
C ALA B 72 19.85 1.30 11.01
N ILE B 73 20.09 2.40 10.32
CA ILE B 73 19.04 3.09 9.59
C ILE B 73 19.41 3.18 8.12
N THR B 74 18.39 3.23 7.27
CA THR B 74 18.57 3.35 5.82
C THR B 74 17.57 4.39 5.33
N PHE B 75 17.39 4.45 4.01
CA PHE B 75 16.44 5.38 3.42
C PHE B 75 15.29 4.70 2.69
N THR B 76 15.50 3.48 2.19
CA THR B 76 14.46 2.74 1.49
C THR B 76 14.13 1.45 2.22
N ASN B 77 12.87 1.02 2.09
CA ASN B 77 12.40 -0.16 2.79
C ASN B 77 13.10 -1.43 2.31
N LYS B 78 13.33 -1.54 1.00
CA LYS B 78 13.92 -2.76 0.45
C LYS B 78 15.32 -3.00 1.00
N ALA B 79 16.14 -1.96 1.08
CA ALA B 79 17.50 -2.11 1.60
C ALA B 79 17.47 -2.52 3.07
N ALA B 80 16.59 -1.91 3.86
CA ALA B 80 16.48 -2.28 5.27
C ALA B 80 16.04 -3.73 5.42
N ALA B 81 15.07 -4.15 4.60
CA ALA B 81 14.61 -5.54 4.66
C ALA B 81 15.75 -6.50 4.31
N GLU B 82 16.50 -6.20 3.25
CA GLU B 82 17.61 -7.06 2.87
C GLU B 82 18.67 -7.11 3.97
N MET B 83 18.98 -5.96 4.56
CA MET B 83 19.99 -5.91 5.62
C MET B 83 19.57 -6.75 6.82
N ARG B 84 18.32 -6.58 7.27
CA ARG B 84 17.87 -7.36 8.43
C ARG B 84 17.81 -8.85 8.10
N GLU B 85 17.38 -9.21 6.89
CA GLU B 85 17.34 -10.61 6.50
C GLU B 85 18.74 -11.23 6.52
N ARG B 86 19.71 -10.51 5.95
CA ARG B 86 21.07 -11.05 5.91
C ARG B 86 21.70 -11.09 7.30
N VAL B 87 21.40 -10.11 8.15
CA VAL B 87 21.90 -10.15 9.52
C VAL B 87 21.34 -11.36 10.24
N VAL B 88 20.03 -11.60 10.13
CA VAL B 88 19.42 -12.74 10.79
C VAL B 88 20.00 -14.04 10.26
N GLY B 89 20.18 -14.15 8.94
CA GLY B 89 20.77 -15.35 8.38
C GLY B 89 22.23 -15.52 8.73
N LEU B 90 22.89 -14.44 9.15
CA LEU B 90 24.31 -14.48 9.49
C LEU B 90 24.57 -14.60 10.99
N VAL B 91 23.80 -13.93 11.82
CA VAL B 91 24.05 -13.92 13.26
C VAL B 91 22.90 -14.49 14.08
N GLY B 92 21.67 -14.46 13.59
CA GLY B 92 20.53 -14.99 14.31
C GLY B 92 19.38 -14.00 14.38
N GLU B 93 18.23 -14.54 14.76
CA GLU B 93 16.97 -13.79 14.80
C GLU B 93 16.85 -13.08 16.14
N LYS B 94 17.21 -11.80 16.18
CA LYS B 94 17.00 -10.96 17.35
C LYS B 94 16.29 -9.66 16.97
N ALA B 95 15.47 -9.68 15.92
CA ALA B 95 14.86 -8.48 15.38
C ALA B 95 13.79 -7.88 16.28
N ARG B 96 13.39 -8.57 17.34
CA ARG B 96 12.35 -8.04 18.22
C ARG B 96 12.80 -6.73 18.87
N TYR B 97 14.04 -6.68 19.35
CA TYR B 97 14.61 -5.46 19.90
C TYR B 97 15.58 -4.76 18.96
N MET B 98 16.19 -5.51 18.04
CA MET B 98 17.07 -4.90 17.05
C MET B 98 16.24 -4.08 16.06
N TRP B 99 16.72 -2.90 15.72
CA TRP B 99 15.98 -1.95 14.90
C TRP B 99 16.73 -1.68 13.60
N VAL B 100 16.08 -1.96 12.48
CA VAL B 100 16.55 -1.56 11.16
C VAL B 100 15.35 -1.00 10.42
N SER B 101 15.37 0.32 10.17
CA SER B 101 14.24 0.98 9.52
C SER B 101 14.80 2.14 8.70
N THR B 102 13.88 2.91 8.11
CA THR B 102 14.24 4.09 7.34
C THR B 102 14.12 5.34 8.22
N PHE B 103 14.46 6.49 7.63
CA PHE B 103 14.43 7.73 8.39
C PHE B 103 13.02 8.06 8.86
N HIS B 104 12.04 8.02 7.95
CA HIS B 104 10.69 8.42 8.33
C HIS B 104 10.06 7.44 9.31
N SER B 105 10.27 6.13 9.11
CA SER B 105 9.68 5.15 10.02
C SER B 105 10.26 5.27 11.42
N THR B 106 11.59 5.37 11.52
CA THR B 106 12.22 5.52 12.82
C THR B 106 11.79 6.83 13.48
N CYS B 107 11.73 7.91 12.71
CA CYS B 107 11.33 9.20 13.27
C CYS B 107 9.91 9.15 13.81
N VAL B 108 8.98 8.57 13.04
CA VAL B 108 7.60 8.54 13.51
C VAL B 108 7.45 7.60 14.71
N ARG B 109 8.17 6.47 14.72
CA ARG B 109 8.12 5.60 15.88
C ARG B 109 8.63 6.30 17.13
N ILE B 110 9.77 6.98 17.02
CA ILE B 110 10.34 7.67 18.18
C ILE B 110 9.42 8.80 18.64
N LEU B 111 8.84 9.55 17.70
CA LEU B 111 7.91 10.62 18.07
C LEU B 111 6.66 10.06 18.74
N ARG B 112 6.11 8.96 18.21
CA ARG B 112 4.93 8.36 18.83
C ARG B 112 5.24 7.83 20.22
N ASN B 113 6.49 7.41 20.46
CA ASN B 113 6.87 7.01 21.81
C ASN B 113 6.69 8.14 22.81
N GLN B 114 6.83 9.39 22.37
CA GLN B 114 6.67 10.55 23.25
C GLN B 114 5.76 11.58 22.59
N ALA B 115 4.65 11.13 22.01
CA ALA B 115 3.82 12.01 21.19
C ALA B 115 2.91 12.93 22.00
N ALA B 116 2.69 12.64 23.28
CA ALA B 116 1.79 13.44 24.10
C ALA B 116 2.53 14.41 25.03
N LEU B 117 3.85 14.51 24.92
CA LEU B 117 4.64 15.36 25.80
C LEU B 117 5.01 16.68 25.13
N ILE B 118 4.26 17.07 24.10
CA ILE B 118 4.48 18.32 23.39
C ILE B 118 3.19 19.11 23.43
N GLU B 119 3.26 20.35 23.92
CA GLU B 119 2.09 21.21 23.97
C GLU B 119 1.80 21.78 22.60
N GLY B 120 0.52 21.82 22.24
CA GLY B 120 0.09 22.33 20.96
C GLY B 120 0.12 21.32 19.84
N LEU B 121 0.77 20.17 20.03
CA LEU B 121 0.84 19.11 19.03
C LEU B 121 0.12 17.89 19.57
N ASN B 122 -1.05 17.59 19.02
CA ASN B 122 -1.81 16.43 19.45
C ASN B 122 -1.05 15.15 19.13
N SER B 123 -1.14 14.19 20.04
CA SER B 123 -0.55 12.87 19.82
C SER B 123 -1.36 12.02 18.85
N ASN B 124 -2.52 12.52 18.41
CA ASN B 124 -3.35 11.83 17.43
C ASN B 124 -3.31 12.50 16.06
N PHE B 125 -2.19 13.14 15.73
CA PHE B 125 -2.07 13.84 14.46
C PHE B 125 -2.11 12.86 13.29
N SER B 126 -2.70 13.32 12.19
CA SER B 126 -2.79 12.54 10.96
C SER B 126 -1.73 13.02 9.98
N ILE B 127 -1.77 12.49 8.76
CA ILE B 127 -0.85 12.87 7.70
C ILE B 127 -1.66 13.37 6.52
N TYR B 128 -1.04 14.23 5.71
CA TYR B 128 -1.69 14.83 4.56
C TYR B 128 -0.93 14.50 3.29
N ASP B 129 -1.67 14.16 2.24
CA ASP B 129 -1.10 13.90 0.93
C ASP B 129 -1.00 15.22 0.16
N ALA B 130 -0.62 15.15 -1.11
CA ALA B 130 -0.51 16.37 -1.91
C ALA B 130 -1.86 17.02 -2.15
N ASP B 131 -2.94 16.23 -2.24
CA ASP B 131 -4.25 16.80 -2.49
C ASP B 131 -4.74 17.64 -1.31
N ASP B 132 -4.56 17.14 -0.08
CA ASP B 132 -4.99 17.91 1.08
C ASP B 132 -4.18 19.18 1.23
N SER B 133 -2.87 19.11 0.98
CA SER B 133 -2.05 20.32 1.00
C SER B 133 -2.49 21.30 -0.08
N ARG B 134 -2.88 20.79 -1.25
CA ARG B 134 -3.38 21.66 -2.31
C ARG B 134 -4.66 22.35 -1.88
N ARG B 135 -5.57 21.61 -1.23
CA ARG B 135 -6.81 22.22 -0.74
C ARG B 135 -6.51 23.30 0.30
N LEU B 136 -5.61 23.01 1.23
CA LEU B 136 -5.25 23.99 2.25
C LEU B 136 -4.64 25.23 1.62
N LEU B 137 -3.74 25.05 0.65
CA LEU B 137 -3.09 26.20 0.04
C LEU B 137 -4.03 26.99 -0.85
N GLN B 138 -5.00 26.32 -1.50
CA GLN B 138 -5.97 27.07 -2.28
C GLN B 138 -6.90 27.87 -1.38
N MET B 139 -7.27 27.32 -0.22
CA MET B 139 -7.98 28.12 0.77
C MET B 139 -7.14 29.31 1.23
N VAL B 140 -5.85 29.10 1.47
CA VAL B 140 -4.96 30.20 1.85
C VAL B 140 -4.96 31.29 0.79
N GLY B 141 -4.79 30.89 -0.48
CA GLY B 141 -4.74 31.86 -1.55
C GLY B 141 -6.04 32.61 -1.72
N ARG B 142 -7.16 31.89 -1.74
CA ARG B 142 -8.46 32.56 -1.84
C ARG B 142 -8.72 33.46 -0.63
N ASP B 143 -8.08 33.18 0.51
CA ASP B 143 -8.11 34.13 1.61
C ASP B 143 -7.25 35.35 1.31
N LEU B 144 -6.13 35.17 0.61
CA LEU B 144 -5.19 36.26 0.35
C LEU B 144 -5.18 36.69 -1.11
N GLY B 145 -4.87 35.79 -2.04
CA GLY B 145 -4.71 36.18 -3.43
C GLY B 145 -5.35 35.22 -4.42
N LEU B 146 -4.58 34.76 -5.40
CA LEU B 146 -5.09 33.83 -6.41
C LEU B 146 -3.99 32.83 -6.73
N ASP B 147 -4.32 31.54 -6.63
CA ASP B 147 -3.32 30.48 -6.76
C ASP B 147 -3.34 29.83 -8.14
N ILE B 148 -3.73 30.56 -9.19
CA ILE B 148 -3.72 30.01 -10.53
C ILE B 148 -2.84 30.80 -11.49
N LYS B 149 -2.50 32.06 -11.16
CA LYS B 149 -1.61 32.86 -11.99
C LYS B 149 -0.33 33.13 -11.21
N ARG B 150 0.78 32.59 -11.70
CA ARG B 150 2.11 32.78 -11.11
C ARG B 150 2.20 32.20 -9.71
N TYR B 151 1.13 31.56 -9.24
CA TYR B 151 1.04 31.02 -7.88
C TYR B 151 0.50 29.60 -7.90
N SER B 152 1.06 28.78 -8.78
CA SER B 152 0.57 27.41 -8.94
C SER B 152 0.76 26.63 -7.65
N PRO B 153 -0.17 25.74 -7.29
CA PRO B 153 -0.03 24.98 -6.04
C PRO B 153 1.22 24.14 -5.98
N ARG B 154 1.64 23.54 -7.09
CA ARG B 154 2.79 22.65 -7.06
C ARG B 154 4.08 23.43 -6.79
N LEU B 155 4.23 24.59 -7.42
CA LEU B 155 5.40 25.42 -7.16
C LEU B 155 5.45 25.85 -5.70
N LEU B 156 4.31 26.26 -5.15
CA LEU B 156 4.26 26.66 -3.75
C LEU B 156 4.63 25.50 -2.83
N ALA B 157 4.07 24.32 -3.09
CA ALA B 157 4.37 23.16 -2.25
C ALA B 157 5.84 22.79 -2.31
N ASN B 158 6.42 22.81 -3.52
CA ASN B 158 7.84 22.49 -3.65
C ASN B 158 8.70 23.52 -2.93
N ALA B 159 8.36 24.80 -3.04
CA ALA B 159 9.11 25.83 -2.34
C ALA B 159 9.02 25.65 -0.83
N ILE B 160 7.82 25.32 -0.32
CA ILE B 160 7.65 25.12 1.11
C ILE B 160 8.48 23.95 1.59
N SER B 161 8.45 22.85 0.84
CA SER B 161 9.22 21.67 1.23
C SER B 161 10.72 21.97 1.22
N ASN B 162 11.20 22.65 0.17
CA ASN B 162 12.63 22.97 0.10
C ASN B 162 13.05 23.91 1.22
N LEU B 163 12.23 24.92 1.53
CA LEU B 163 12.58 25.83 2.62
C LEU B 163 12.55 25.13 3.97
N LYS B 164 11.60 24.22 4.18
CA LYS B 164 11.56 23.46 5.42
C LYS B 164 12.76 22.54 5.54
N ASN B 165 13.24 22.00 4.42
CA ASN B 165 14.34 21.04 4.47
C ASN B 165 15.62 21.63 5.07
N GLU B 166 15.73 22.96 5.12
CA GLU B 166 16.90 23.62 5.66
C GLU B 166 16.69 24.14 7.07
N LEU B 167 15.65 23.67 7.77
CA LEU B 167 15.35 24.07 9.14
C LEU B 167 15.16 25.58 9.26
N ILE B 168 14.12 26.07 8.59
CA ILE B 168 13.76 27.48 8.63
C ILE B 168 12.45 27.60 9.38
N ASP B 169 12.49 28.23 10.55
CA ASP B 169 11.30 28.37 11.37
C ASP B 169 10.34 29.37 10.76
N PRO B 170 9.03 29.14 10.90
CA PRO B 170 8.06 30.13 10.38
C PRO B 170 8.21 31.51 10.98
N HIS B 171 8.58 31.61 12.26
CA HIS B 171 8.71 32.93 12.87
C HIS B 171 9.87 33.73 12.27
N GLN B 172 10.96 33.05 11.92
CA GLN B 172 12.08 33.71 11.27
C GLN B 172 11.97 33.71 9.74
N ALA B 173 10.99 32.98 9.19
CA ALA B 173 10.80 33.00 7.73
C ALA B 173 10.33 34.37 7.26
N LEU B 174 9.45 35.01 8.01
CA LEU B 174 8.99 36.35 7.65
C LEU B 174 10.07 37.41 7.84
N ALA B 175 11.19 37.06 8.47
CA ALA B 175 12.28 38.00 8.65
C ALA B 175 13.18 38.13 7.43
N GLY B 176 13.02 37.25 6.44
CA GLY B 176 13.87 37.29 5.26
C GLY B 176 13.22 37.87 4.03
N LEU B 177 11.91 38.14 4.10
CA LEU B 177 11.20 38.66 2.93
C LEU B 177 11.70 40.05 2.56
N THR B 178 11.97 40.90 3.55
CA THR B 178 12.51 42.23 3.27
C THR B 178 13.99 42.20 2.96
N GLU B 179 14.70 41.13 3.33
CA GLU B 179 16.13 41.06 3.06
C GLU B 179 16.41 40.91 1.57
N ASP B 180 15.72 39.98 0.91
CA ASP B 180 15.93 39.76 -0.52
C ASP B 180 15.25 40.82 -1.37
N SER B 181 14.24 41.51 -0.82
CA SER B 181 13.51 42.56 -1.52
C SER B 181 12.90 42.05 -2.83
N ASP B 182 12.38 40.82 -2.79
CA ASP B 182 11.72 40.21 -3.94
C ASP B 182 10.26 39.93 -3.61
N ASP B 183 9.37 40.34 -4.51
CA ASP B 183 7.94 40.18 -4.27
C ASP B 183 7.57 38.70 -4.16
N LEU B 184 8.12 37.86 -5.03
CA LEU B 184 7.82 36.43 -4.95
C LEU B 184 8.33 35.83 -3.66
N ALA B 185 9.50 36.29 -3.19
CA ALA B 185 10.02 35.81 -1.91
C ALA B 185 9.10 36.20 -0.76
N ARG B 186 8.59 37.44 -0.76
CA ARG B 186 7.65 37.86 0.27
C ARG B 186 6.39 37.03 0.22
N ALA B 187 5.86 36.78 -0.99
CA ALA B 187 4.65 36.00 -1.13
C ALA B 187 4.84 34.57 -0.62
N VAL B 188 5.96 33.93 -0.99
CA VAL B 188 6.17 32.56 -0.55
C VAL B 188 6.40 32.50 0.96
N ALA B 189 7.07 33.51 1.53
CA ALA B 189 7.25 33.53 2.98
C ALA B 189 5.92 33.68 3.70
N SER B 190 5.06 34.60 3.23
CA SER B 190 3.77 34.80 3.86
C SER B 190 2.89 33.55 3.75
N VAL B 191 2.87 32.93 2.57
CA VAL B 191 2.05 31.74 2.40
C VAL B 191 2.62 30.58 3.22
N TYR B 192 3.95 30.52 3.37
CA TYR B 192 4.55 29.50 4.24
C TYR B 192 4.11 29.69 5.68
N ASP B 193 4.14 30.93 6.17
CA ASP B 193 3.74 31.18 7.55
C ASP B 193 2.26 30.83 7.76
N GLU B 194 1.41 31.26 6.83
CA GLU B 194 -0.01 30.95 6.93
C GLU B 194 -0.27 29.45 6.88
N TYR B 195 0.40 28.76 5.95
CA TYR B 195 0.23 27.32 5.82
C TYR B 195 0.67 26.60 7.09
N GLN B 196 1.81 26.98 7.65
CA GLN B 196 2.29 26.33 8.87
C GLN B 196 1.33 26.57 10.02
N ARG B 197 0.88 27.81 10.22
CA ARG B 197 0.03 28.08 11.37
C ARG B 197 -1.34 27.42 11.24
N ARG B 198 -1.92 27.41 10.03
CA ARG B 198 -3.20 26.76 9.85
C ARG B 198 -3.09 25.24 9.79
N LEU B 199 -1.92 24.70 9.48
CA LEU B 199 -1.71 23.27 9.56
C LEU B 199 -1.57 22.83 11.01
N ARG B 200 -0.88 23.63 11.83
CA ARG B 200 -0.86 23.36 13.26
C ARG B 200 -2.24 23.53 13.87
N ALA B 201 -3.04 24.46 13.33
CA ALA B 201 -4.44 24.53 13.73
C ALA B 201 -5.23 23.31 13.28
N ALA B 202 -4.74 22.59 12.28
CA ALA B 202 -5.38 21.37 11.80
C ALA B 202 -4.90 20.12 12.53
N ASN B 203 -4.18 20.29 13.63
CA ASN B 203 -3.67 19.23 14.49
C ASN B 203 -3.08 18.05 13.72
N ALA B 204 -2.32 18.34 12.66
CA ALA B 204 -1.65 17.31 11.87
C ALA B 204 -0.53 17.97 11.08
N LEU B 205 0.23 17.15 10.35
CA LEU B 205 1.36 17.62 9.57
C LEU B 205 1.40 16.86 8.24
N ASP B 206 2.40 17.17 7.42
CA ASP B 206 2.60 16.52 6.14
C ASP B 206 3.67 15.45 6.28
N PHE B 207 4.05 14.84 5.15
CA PHE B 207 5.03 13.77 5.15
C PHE B 207 6.46 14.28 5.18
N ASP B 208 6.67 15.60 5.05
CA ASP B 208 8.02 16.16 4.98
C ASP B 208 8.43 16.90 6.24
N ASP B 209 7.51 17.63 6.87
CA ASP B 209 7.89 18.46 8.02
C ASP B 209 8.06 17.66 9.30
N LEU B 210 7.75 16.36 9.29
CA LEU B 210 7.87 15.57 10.51
C LEU B 210 9.31 15.53 11.01
N ILE B 211 10.27 15.40 10.09
CA ILE B 211 11.68 15.36 10.48
C ILE B 211 12.08 16.67 11.14
N GLY B 212 11.73 17.80 10.51
CA GLY B 212 12.08 19.09 11.06
C GLY B 212 11.43 19.35 12.41
N GLU B 213 10.16 18.97 12.55
CA GLU B 213 9.48 19.14 13.83
C GLU B 213 10.09 18.26 14.91
N THR B 214 10.46 17.03 14.58
CA THR B 214 11.14 16.18 15.55
C THR B 214 12.47 16.80 15.99
N VAL B 215 13.22 17.34 15.03
CA VAL B 215 14.49 18.00 15.37
C VAL B 215 14.24 19.18 16.29
N ALA B 216 13.23 20.01 15.97
CA ALA B 216 12.94 21.17 16.79
C ALA B 216 12.51 20.78 18.19
N VAL B 217 11.68 19.75 18.32
CA VAL B 217 11.25 19.30 19.64
C VAL B 217 12.42 18.76 20.43
N LEU B 218 13.29 17.98 19.80
CA LEU B 218 14.45 17.44 20.50
C LEU B 218 15.41 18.54 20.92
N GLN B 219 15.51 19.61 20.14
CA GLN B 219 16.38 20.73 20.50
C GLN B 219 15.78 21.56 21.63
N ALA B 220 14.48 21.82 21.60
CA ALA B 220 13.86 22.74 22.54
C ALA B 220 13.58 22.10 23.90
N PHE B 221 13.05 20.89 23.91
CA PHE B 221 12.73 20.22 25.16
C PHE B 221 13.95 19.47 25.67
N PRO B 222 14.52 19.86 26.81
CA PRO B 222 15.77 19.22 27.27
C PRO B 222 15.56 17.85 27.89
N GLN B 223 14.47 17.67 28.64
CA GLN B 223 14.25 16.39 29.30
C GLN B 223 14.02 15.27 28.30
N ILE B 224 13.27 15.53 27.24
CA ILE B 224 13.06 14.50 26.22
C ILE B 224 14.36 14.18 25.51
N ALA B 225 15.18 15.21 25.25
CA ALA B 225 16.47 14.97 24.61
C ALA B 225 17.37 14.12 25.48
N GLN B 226 17.40 14.40 26.79
CA GLN B 226 18.21 13.59 27.70
C GLN B 226 17.69 12.16 27.78
N TYR B 227 16.36 11.99 27.82
CA TYR B 227 15.77 10.66 27.86
C TYR B 227 16.14 9.87 26.61
N TYR B 228 16.04 10.48 25.43
CA TYR B 228 16.37 9.78 24.21
C TYR B 228 17.87 9.53 24.07
N ARG B 229 18.71 10.45 24.55
CA ARG B 229 20.14 10.20 24.56
C ARG B 229 20.49 9.03 25.44
N ARG B 230 19.86 8.93 26.61
CA ARG B 230 20.03 7.74 27.44
C ARG B 230 19.48 6.50 26.73
N ARG B 231 18.46 6.69 25.88
CA ARG B 231 17.80 5.56 25.25
C ARG B 231 18.61 4.99 24.08
N PHE B 232 19.59 5.75 23.57
CA PHE B 232 20.34 5.35 22.39
C PHE B 232 21.83 5.27 22.71
N ARG B 233 22.50 4.27 22.13
CA ARG B 233 23.95 4.11 22.27
C ARG B 233 24.66 3.92 20.93
N HIS B 234 24.05 3.22 19.98
CA HIS B 234 24.67 2.95 18.68
C HIS B 234 23.75 3.43 17.58
N VAL B 235 24.32 4.09 16.57
CA VAL B 235 23.55 4.59 15.42
C VAL B 235 24.39 4.35 14.17
N LEU B 236 23.80 3.69 13.18
CA LEU B 236 24.42 3.52 11.88
C LEU B 236 23.56 4.19 10.82
N VAL B 237 24.08 4.22 9.59
CA VAL B 237 23.39 4.89 8.49
C VAL B 237 23.98 4.37 7.18
N ASP B 238 23.18 4.42 6.12
CA ASP B 238 23.58 3.96 4.80
C ASP B 238 23.16 4.99 3.77
N GLU B 239 23.75 4.87 2.57
CA GLU B 239 23.55 5.81 1.45
C GLU B 239 23.57 7.25 1.93
N TYR B 240 24.68 7.67 2.53
CA TYR B 240 24.78 8.97 3.17
C TYR B 240 24.62 10.14 2.20
N GLN B 241 24.75 9.89 0.89
CA GLN B 241 24.68 10.98 -0.09
C GLN B 241 23.32 11.65 -0.08
N ASP B 242 22.25 10.85 -0.01
CA ASP B 242 20.91 11.41 -0.09
C ASP B 242 20.52 12.24 1.13
N THR B 243 21.28 12.13 2.22
CA THR B 243 20.96 12.84 3.45
C THR B 243 21.13 14.33 3.23
N ASN B 244 20.03 15.08 3.32
CA ASN B 244 20.09 16.53 3.22
C ASN B 244 20.51 17.11 4.56
N HIS B 245 20.34 18.42 4.73
CA HIS B 245 20.78 19.08 5.96
C HIS B 245 19.94 18.65 7.16
N ALA B 246 18.61 18.52 6.97
CA ALA B 246 17.73 18.28 8.10
C ALA B 246 17.97 16.92 8.73
N GLN B 247 17.99 15.87 7.92
CA GLN B 247 18.25 14.54 8.47
C GLN B 247 19.67 14.41 9.01
N TYR B 248 20.63 15.12 8.41
CA TYR B 248 21.98 15.12 8.97
C TYR B 248 21.99 15.74 10.36
N VAL B 249 21.26 16.85 10.54
CA VAL B 249 21.16 17.47 11.86
C VAL B 249 20.50 16.52 12.85
N LEU B 250 19.44 15.83 12.39
CA LEU B 250 18.77 14.88 13.26
C LEU B 250 19.74 13.78 13.71
N VAL B 251 20.51 13.23 12.79
CA VAL B 251 21.45 12.16 13.14
C VAL B 251 22.52 12.67 14.08
N ARG B 252 23.05 13.87 13.80
CA ARG B 252 24.10 14.42 14.67
C ARG B 252 23.58 14.66 16.08
N GLU B 253 22.33 15.14 16.21
CA GLU B 253 21.78 15.38 17.54
C GLU B 253 21.46 14.07 18.25
N LEU B 254 21.02 13.06 17.51
CA LEU B 254 20.67 11.77 18.09
C LEU B 254 21.90 10.89 18.36
N VAL B 255 23.07 11.29 17.88
CA VAL B 255 24.30 10.57 18.17
C VAL B 255 25.29 11.39 18.99
N GLY B 256 24.95 12.64 19.31
CA GLY B 256 25.85 13.46 20.11
C GLY B 256 26.15 12.78 21.43
N ARG B 257 27.41 12.88 21.85
CA ARG B 257 27.94 12.10 22.97
C ARG B 257 27.98 12.92 24.26
N ASP B 258 26.99 13.80 24.45
CA ASP B 258 26.93 14.66 25.62
C ASP B 258 26.08 14.06 26.75
N SER B 259 25.54 12.86 26.56
CA SER B 259 24.71 12.25 27.61
C SER B 259 25.56 11.69 28.74
N ASN B 260 26.41 10.71 28.42
CA ASN B 260 27.30 10.09 29.40
C ASN B 260 28.76 10.40 29.13
N ASP B 261 29.05 11.38 28.28
CA ASP B 261 30.43 11.80 27.98
C ASP B 261 31.27 10.67 27.42
N GLY B 262 30.63 9.71 26.77
CA GLY B 262 31.34 8.65 26.08
C GLY B 262 31.94 7.57 26.96
N ILE B 263 31.43 7.39 28.17
CA ILE B 263 31.91 6.30 29.02
C ILE B 263 31.61 4.98 28.32
N PRO B 264 30.41 4.75 27.78
CA PRO B 264 30.25 3.70 26.78
C PRO B 264 30.40 4.27 25.38
N PRO B 265 31.09 3.58 24.49
CA PRO B 265 31.33 4.13 23.16
C PRO B 265 30.04 4.36 22.39
N GLY B 266 30.03 5.45 21.61
CA GLY B 266 28.94 5.71 20.70
C GLY B 266 29.34 5.36 19.28
N GLU B 267 28.90 4.21 18.79
CA GLU B 267 29.34 3.70 17.50
C GLU B 267 28.50 4.34 16.40
N LEU B 268 29.13 5.20 15.61
CA LEU B 268 28.52 5.78 14.41
C LEU B 268 29.47 5.58 13.25
N CYS B 269 29.16 4.62 12.38
CA CYS B 269 29.95 4.39 11.19
C CYS B 269 29.05 4.59 9.98
N VAL B 270 29.58 5.30 8.98
CA VAL B 270 28.78 5.77 7.86
C VAL B 270 29.32 5.12 6.59
N VAL B 271 28.43 4.45 5.86
CA VAL B 271 28.76 3.81 4.61
C VAL B 271 28.15 4.63 3.48
N GLY B 272 28.92 4.82 2.41
CA GLY B 272 28.45 5.60 1.29
C GLY B 272 29.61 6.02 0.41
N ASP B 273 29.27 6.77 -0.64
CA ASP B 273 30.27 7.20 -1.62
C ASP B 273 29.77 8.46 -2.32
N ALA B 274 30.56 9.52 -2.24
CA ALA B 274 30.17 10.81 -2.78
C ALA B 274 30.08 10.82 -4.30
N ASP B 275 30.58 9.79 -4.97
CA ASP B 275 30.63 9.78 -6.43
C ASP B 275 29.38 9.17 -7.07
N GLN B 276 28.42 8.71 -6.27
CA GLN B 276 27.16 8.19 -6.81
C GLN B 276 25.98 9.03 -6.34
N SER B 277 26.20 10.32 -6.12
CA SER B 277 25.16 11.23 -5.64
C SER B 277 24.42 11.81 -6.85
N ILE B 278 23.22 11.29 -7.12
CA ILE B 278 22.41 11.72 -8.24
C ILE B 278 21.07 12.30 -7.81
N TYR B 279 20.75 12.25 -6.52
CA TYR B 279 19.44 12.67 -6.04
C TYR B 279 19.43 14.11 -5.55
N ALA B 280 20.26 14.97 -6.13
CA ALA B 280 20.24 16.39 -5.77
C ALA B 280 18.94 17.08 -6.15
N PHE B 281 18.14 16.47 -7.03
CA PHE B 281 16.86 17.06 -7.39
C PHE B 281 15.87 17.04 -6.23
N ARG B 282 16.09 16.17 -5.25
CA ARG B 282 15.27 16.16 -4.05
C ARG B 282 15.87 16.97 -2.91
N GLY B 283 16.96 17.67 -3.15
CA GLY B 283 17.59 18.51 -2.15
C GLY B 283 18.80 17.92 -1.47
N ALA B 284 19.26 16.75 -1.89
CA ALA B 284 20.46 16.17 -1.30
C ALA B 284 21.68 17.04 -1.57
N THR B 285 22.61 17.05 -0.62
CA THR B 285 23.78 17.91 -0.69
C THR B 285 25.03 17.06 -0.79
N ILE B 286 25.82 17.32 -1.84
CA ILE B 286 27.10 16.61 -1.98
C ILE B 286 28.10 17.07 -0.94
N ARG B 287 27.95 18.28 -0.41
CA ARG B 287 28.84 18.77 0.65
C ARG B 287 28.71 17.96 1.93
N ASN B 288 27.64 17.18 2.07
CA ASN B 288 27.39 16.48 3.32
C ASN B 288 28.50 15.48 3.63
N ILE B 289 28.95 14.73 2.63
CA ILE B 289 30.00 13.73 2.85
C ILE B 289 31.39 14.32 2.63
N GLU B 290 31.55 15.18 1.64
CA GLU B 290 32.87 15.75 1.37
C GLU B 290 33.40 16.61 2.51
N ASP B 291 32.53 17.10 3.38
CA ASP B 291 32.93 17.84 4.57
C ASP B 291 32.58 17.09 5.84
N PHE B 292 32.44 15.76 5.74
CA PHE B 292 32.18 14.95 6.91
C PHE B 292 33.33 15.01 7.89
N GLU B 293 34.56 15.02 7.40
CA GLU B 293 35.73 15.11 8.28
C GLU B 293 35.73 16.42 9.06
N ARG B 294 35.29 17.51 8.43
CA ARG B 294 35.25 18.80 9.12
C ARG B 294 34.31 18.76 10.31
N ASP B 295 33.15 18.13 10.15
CA ASP B 295 32.20 18.06 11.26
C ASP B 295 32.70 17.14 12.36
N TYR B 296 33.26 15.98 12.00
CA TYR B 296 33.79 15.04 12.99
C TYR B 296 35.28 14.91 12.80
N PRO B 297 36.10 15.59 13.61
CA PRO B 297 37.55 15.54 13.41
C PRO B 297 38.19 14.24 13.85
N ASP B 298 37.49 13.39 14.57
CA ASP B 298 38.04 12.16 15.13
C ASP B 298 37.57 10.93 14.36
N THR B 299 37.38 11.07 13.05
CA THR B 299 36.91 9.98 12.22
C THR B 299 38.07 9.37 11.43
N ARG B 300 37.82 8.17 10.90
CA ARG B 300 38.76 7.47 10.05
C ARG B 300 38.06 7.04 8.78
N THR B 301 38.75 7.17 7.65
CA THR B 301 38.19 6.86 6.34
C THR B 301 38.94 5.70 5.70
N ILE B 302 38.22 4.93 4.88
CA ILE B 302 38.80 3.79 4.18
C ILE B 302 38.05 3.61 2.87
N LEU B 303 38.78 3.25 1.83
CA LEU B 303 38.24 3.11 0.48
C LEU B 303 38.03 1.64 0.15
N LEU B 304 37.10 1.40 -0.77
CA LEU B 304 36.83 0.07 -1.31
C LEU B 304 37.10 0.12 -2.81
N GLU B 305 38.34 -0.16 -3.20
CA GLU B 305 38.79 -0.05 -4.57
C GLU B 305 38.56 -1.31 -5.39
N GLN B 306 37.96 -2.34 -4.78
CA GLN B 306 37.78 -3.62 -5.45
C GLN B 306 36.31 -3.97 -5.53
N ASN B 307 35.90 -4.53 -6.67
CA ASN B 307 34.54 -5.01 -6.86
C ASN B 307 34.58 -6.22 -7.78
N TYR B 308 33.52 -7.03 -7.70
CA TYR B 308 33.47 -8.29 -8.44
C TYR B 308 32.29 -8.38 -9.40
N ARG B 309 31.62 -7.26 -9.69
CA ARG B 309 30.40 -7.30 -10.49
C ARG B 309 30.67 -7.10 -11.98
N SER B 310 31.57 -6.17 -12.31
CA SER B 310 31.82 -5.79 -13.69
C SER B 310 33.18 -6.32 -14.16
N THR B 311 33.43 -6.13 -15.45
CA THR B 311 34.71 -6.49 -16.04
C THR B 311 35.70 -5.34 -15.89
N GLN B 312 36.95 -5.59 -16.29
CA GLN B 312 38.00 -4.60 -16.09
C GLN B 312 37.84 -3.42 -17.05
N ASN B 313 37.39 -3.68 -18.29
CA ASN B 313 37.28 -2.59 -19.26
C ASN B 313 36.19 -1.60 -18.86
N ILE B 314 35.02 -2.10 -18.48
CA ILE B 314 33.94 -1.22 -18.06
C ILE B 314 34.33 -0.46 -16.80
N LEU B 315 34.99 -1.16 -15.86
CA LEU B 315 35.43 -0.51 -14.63
C LEU B 315 36.42 0.62 -14.93
N SER B 316 37.38 0.37 -15.82
CA SER B 316 38.35 1.39 -16.18
C SER B 316 37.68 2.56 -16.88
N ALA B 317 36.71 2.28 -17.75
CA ALA B 317 35.99 3.35 -18.43
C ALA B 317 35.25 4.23 -17.43
N ALA B 318 34.55 3.62 -16.48
CA ALA B 318 33.83 4.38 -15.47
C ALA B 318 34.80 5.19 -14.61
N ASN B 319 35.91 4.58 -14.21
CA ASN B 319 36.88 5.29 -13.38
C ASN B 319 37.48 6.48 -14.12
N SER B 320 37.75 6.33 -15.42
CA SER B 320 38.29 7.44 -16.20
C SER B 320 37.25 8.55 -16.36
N VAL B 321 35.99 8.19 -16.62
CA VAL B 321 34.98 9.22 -16.84
C VAL B 321 34.62 9.96 -15.55
N ILE B 322 34.73 9.30 -14.39
CA ILE B 322 34.38 9.98 -13.15
C ILE B 322 35.52 10.82 -12.58
N ALA B 323 36.74 10.65 -13.07
CA ALA B 323 37.89 11.36 -12.51
C ALA B 323 38.03 12.78 -13.04
N ARG B 324 37.20 13.20 -13.98
CA ARG B 324 37.33 14.51 -14.59
C ARG B 324 36.68 15.63 -13.78
N ASN B 325 36.01 15.30 -12.69
CA ASN B 325 35.48 16.34 -11.81
C ASN B 325 36.62 17.02 -11.05
N ALA B 326 36.40 18.28 -10.67
CA ALA B 326 37.45 19.06 -10.02
C ALA B 326 37.65 18.64 -8.58
N GLY B 327 36.62 18.84 -7.74
CA GLY B 327 36.72 18.50 -6.34
C GLY B 327 36.18 17.12 -6.04
N ARG B 328 37.08 16.15 -5.89
CA ARG B 328 36.66 14.77 -5.68
C ARG B 328 37.75 14.03 -4.92
N ARG B 329 37.34 13.18 -3.99
CA ARG B 329 38.27 12.30 -3.30
C ARG B 329 38.85 11.29 -4.27
N GLU B 330 40.17 11.09 -4.18
CA GLU B 330 40.84 10.18 -5.10
C GLU B 330 40.41 8.74 -4.84
N LYS B 331 40.08 8.03 -5.92
CA LYS B 331 39.62 6.65 -5.81
C LYS B 331 39.82 5.95 -7.14
N ARG B 332 40.60 4.87 -7.13
CA ARG B 332 40.92 4.09 -8.33
C ARG B 332 40.33 2.70 -8.15
N LEU B 333 39.44 2.31 -9.07
CA LEU B 333 38.81 1.00 -8.98
C LEU B 333 39.64 -0.04 -9.71
N TRP B 334 39.59 -1.27 -9.20
CA TRP B 334 40.31 -2.38 -9.80
C TRP B 334 39.58 -3.67 -9.47
N THR B 335 39.86 -4.71 -10.27
CA THR B 335 39.27 -6.02 -10.06
C THR B 335 40.22 -7.08 -10.58
N ASP B 336 40.05 -8.30 -10.07
CA ASP B 336 40.91 -9.43 -10.43
C ASP B 336 40.34 -10.27 -11.58
N ALA B 337 39.21 -9.87 -12.15
CA ALA B 337 38.61 -10.61 -13.24
C ALA B 337 39.34 -10.31 -14.54
N GLY B 338 38.83 -10.88 -15.64
CA GLY B 338 39.44 -10.68 -16.94
C GLY B 338 39.18 -9.30 -17.51
N ALA B 339 39.86 -9.01 -18.62
CA ALA B 339 39.67 -7.72 -19.28
C ALA B 339 38.25 -7.59 -19.82
N GLY B 340 37.69 -8.66 -20.36
CA GLY B 340 36.35 -8.62 -20.88
C GLY B 340 36.28 -8.05 -22.29
N GLU B 341 35.07 -8.03 -22.83
CA GLU B 341 34.86 -7.57 -24.20
C GLU B 341 35.05 -6.05 -24.28
N LEU B 342 35.11 -5.55 -25.50
CA LEU B 342 35.28 -4.13 -25.74
C LEU B 342 33.96 -3.39 -25.52
N ILE B 343 33.98 -2.08 -25.80
CA ILE B 343 32.80 -1.23 -25.69
C ILE B 343 32.41 -0.84 -27.11
N VAL B 344 31.45 -1.56 -27.68
CA VAL B 344 31.09 -1.37 -29.08
C VAL B 344 30.10 -0.23 -29.18
N GLY B 345 30.61 0.96 -29.49
CA GLY B 345 29.76 2.10 -29.73
C GLY B 345 29.12 2.05 -31.09
N TYR B 346 28.16 2.95 -31.31
CA TYR B 346 27.45 2.98 -32.57
C TYR B 346 26.98 4.40 -32.86
N VAL B 347 26.90 4.72 -34.15
CA VAL B 347 26.36 5.98 -34.62
C VAL B 347 25.25 5.66 -35.62
N ALA B 348 24.08 6.26 -35.41
CA ALA B 348 22.92 6.00 -36.26
C ALA B 348 22.55 7.26 -37.04
N ASP B 349 21.66 7.07 -38.01
CA ASP B 349 21.18 8.19 -38.82
C ASP B 349 20.21 9.06 -38.03
N ASN B 350 19.33 8.45 -37.25
CA ASN B 350 18.42 9.20 -36.40
C ASN B 350 17.99 8.31 -35.25
N GLU B 351 16.98 8.75 -34.50
CA GLU B 351 16.48 7.94 -33.38
C GLU B 351 15.88 6.63 -33.87
N HIS B 352 15.18 6.65 -35.01
CA HIS B 352 14.63 5.41 -35.55
C HIS B 352 15.74 4.44 -35.93
N ASP B 353 16.80 4.95 -36.56
CA ASP B 353 17.94 4.10 -36.90
C ASP B 353 18.58 3.52 -35.64
N GLU B 354 18.67 4.33 -34.59
CA GLU B 354 19.26 3.86 -33.34
C GLU B 354 18.41 2.76 -32.71
N ALA B 355 17.09 2.94 -32.70
CA ALA B 355 16.21 1.91 -32.17
C ALA B 355 16.30 0.64 -32.99
N ARG B 356 16.36 0.77 -34.32
CA ARG B 356 16.53 -0.40 -35.17
C ARG B 356 17.83 -1.12 -34.85
N PHE B 357 18.92 -0.36 -34.67
CA PHE B 357 20.21 -0.98 -34.34
C PHE B 357 20.16 -1.72 -33.02
N VAL B 358 19.56 -1.10 -32.00
CA VAL B 358 19.55 -1.74 -30.69
C VAL B 358 18.65 -2.97 -30.71
N ALA B 359 17.53 -2.93 -31.42
CA ALA B 359 16.69 -4.11 -31.54
C ALA B 359 17.42 -5.23 -32.28
N GLU B 360 18.12 -4.89 -33.36
CA GLU B 360 18.86 -5.89 -34.10
C GLU B 360 19.94 -6.53 -33.24
N GLU B 361 20.66 -5.71 -32.47
CA GLU B 361 21.70 -6.25 -31.61
C GLU B 361 21.13 -7.12 -30.50
N ILE B 362 20.00 -6.70 -29.92
CA ILE B 362 19.36 -7.52 -28.88
C ILE B 362 18.96 -8.87 -29.45
N ASP B 363 18.35 -8.87 -30.64
CA ASP B 363 17.94 -10.14 -31.25
C ASP B 363 19.15 -11.01 -31.57
N ALA B 364 20.22 -10.42 -32.10
CA ALA B 364 21.40 -11.20 -32.46
C ALA B 364 22.05 -11.80 -31.22
N LEU B 365 22.17 -11.03 -30.14
CA LEU B 365 22.79 -11.53 -28.93
C LEU B 365 21.91 -12.55 -28.22
N ALA B 366 20.59 -12.43 -28.32
CA ALA B 366 19.71 -13.40 -27.68
C ALA B 366 19.73 -14.75 -28.40
N GLU B 367 20.06 -14.76 -29.68
CA GLU B 367 20.09 -16.00 -30.45
C GLU B 367 21.43 -16.71 -30.31
N GLY B 368 21.86 -16.90 -29.06
CA GLY B 368 23.08 -17.63 -28.79
C GLY B 368 22.91 -18.59 -27.63
N SER B 369 21.72 -18.56 -27.01
CA SER B 369 21.34 -19.43 -25.90
C SER B 369 22.21 -19.20 -24.66
N GLU B 370 22.95 -18.10 -24.62
CA GLU B 370 23.74 -17.78 -23.43
C GLU B 370 22.94 -16.97 -22.42
N ILE B 371 22.24 -15.94 -22.89
CA ILE B 371 21.46 -15.06 -22.03
C ILE B 371 20.12 -14.79 -22.70
N THR B 372 19.07 -14.75 -21.87
CA THR B 372 17.73 -14.49 -22.35
C THR B 372 17.50 -12.98 -22.42
N TYR B 373 16.28 -12.57 -22.74
CA TYR B 373 15.98 -11.14 -22.78
C TYR B 373 16.05 -10.52 -21.40
N ASN B 374 15.85 -11.32 -20.34
CA ASN B 374 15.88 -10.80 -18.98
C ASN B 374 17.27 -10.35 -18.55
N ASP B 375 18.31 -10.68 -19.30
CA ASP B 375 19.67 -10.29 -18.99
C ASP B 375 20.12 -9.05 -19.75
N VAL B 376 19.23 -8.40 -20.50
CA VAL B 376 19.57 -7.23 -21.30
C VAL B 376 18.75 -6.06 -20.79
N ALA B 377 19.40 -4.93 -20.54
CA ALA B 377 18.72 -3.73 -20.09
C ALA B 377 19.13 -2.55 -20.98
N VAL B 378 18.21 -1.61 -21.14
CA VAL B 378 18.42 -0.43 -21.97
C VAL B 378 18.08 0.81 -21.15
N PHE B 379 18.96 1.80 -21.17
CA PHE B 379 18.79 3.03 -20.43
C PHE B 379 18.67 4.22 -21.37
N TYR B 380 17.87 5.20 -20.95
CA TYR B 380 17.69 6.44 -21.68
C TYR B 380 17.60 7.59 -20.67
N ARG B 381 17.98 8.78 -21.11
CA ARG B 381 18.07 9.91 -20.19
C ARG B 381 16.69 10.38 -19.74
N THR B 382 15.73 10.45 -20.65
CA THR B 382 14.40 10.97 -20.36
C THR B 382 13.35 10.13 -21.06
N ASN B 383 12.12 10.18 -20.53
CA ASN B 383 11.04 9.39 -21.09
C ASN B 383 10.75 9.74 -22.55
N ASN B 384 10.98 10.98 -22.96
CA ASN B 384 10.68 11.36 -24.33
C ASN B 384 11.48 10.57 -25.35
N SER B 385 12.65 10.08 -24.97
CA SER B 385 13.46 9.25 -25.85
C SER B 385 13.11 7.77 -25.74
N SER B 386 11.89 7.46 -25.32
CA SER B 386 11.47 6.08 -25.13
C SER B 386 10.42 5.62 -26.14
N ARG B 387 9.87 6.51 -26.96
CA ARG B 387 8.84 6.09 -27.89
C ARG B 387 9.41 5.21 -28.98
N SER B 388 10.36 5.74 -29.76
CA SER B 388 10.85 5.05 -30.95
C SER B 388 11.28 3.64 -30.61
N LEU B 389 12.06 3.47 -29.54
CA LEU B 389 12.49 2.15 -29.13
C LEU B 389 11.30 1.21 -28.95
N GLU B 390 10.31 1.64 -28.17
CA GLU B 390 9.12 0.81 -27.99
C GLU B 390 8.55 0.39 -29.32
N GLU B 391 8.45 1.33 -30.27
CA GLU B 391 7.91 1.00 -31.58
C GLU B 391 8.67 -0.16 -32.20
N VAL B 392 9.99 -0.07 -32.27
CA VAL B 392 10.72 -1.17 -32.89
C VAL B 392 10.59 -2.41 -32.03
N LEU B 393 10.53 -2.25 -30.70
CA LEU B 393 10.37 -3.39 -29.82
C LEU B 393 8.98 -4.00 -29.95
N ILE B 394 8.01 -3.24 -30.42
CA ILE B 394 6.70 -3.84 -30.71
C ILE B 394 6.62 -4.31 -32.15
N ARG B 395 7.60 -3.94 -32.98
CA ARG B 395 7.59 -4.37 -34.37
C ARG B 395 8.35 -5.67 -34.58
N ALA B 396 9.54 -5.79 -33.98
CA ALA B 396 10.32 -7.01 -34.07
C ALA B 396 9.73 -8.13 -33.21
N GLY B 397 8.77 -7.82 -32.34
CA GLY B 397 8.10 -8.84 -31.56
C GLY B 397 8.76 -9.17 -30.23
N ILE B 398 9.92 -8.60 -29.93
CA ILE B 398 10.60 -8.89 -28.67
C ILE B 398 9.84 -8.22 -27.54
N PRO B 399 9.42 -8.97 -26.52
CA PRO B 399 8.67 -8.36 -25.41
C PRO B 399 9.52 -7.37 -24.63
N TYR B 400 8.85 -6.36 -24.08
CA TYR B 400 9.50 -5.32 -23.31
C TYR B 400 8.63 -4.93 -22.12
N LYS B 401 9.30 -4.48 -21.05
CA LYS B 401 8.59 -3.93 -19.89
C LYS B 401 9.40 -2.75 -19.37
N VAL B 402 8.68 -1.76 -18.86
CA VAL B 402 9.27 -0.53 -18.33
C VAL B 402 9.02 -0.48 -16.82
N VAL B 403 10.05 -0.12 -16.08
CA VAL B 403 9.96 -0.01 -14.63
C VAL B 403 10.09 1.46 -14.25
N GLY B 404 9.46 1.82 -13.13
CA GLY B 404 9.44 3.21 -12.72
C GLY B 404 8.65 4.10 -13.65
N GLY B 405 7.50 3.63 -14.11
CA GLY B 405 6.69 4.41 -15.03
C GLY B 405 5.70 3.50 -15.75
N VAL B 406 5.20 4.01 -16.88
CA VAL B 406 4.28 3.28 -17.73
C VAL B 406 4.76 3.41 -19.17
N ARG B 407 3.96 2.85 -20.09
CA ARG B 407 4.26 2.96 -21.51
C ARG B 407 4.25 4.43 -21.94
N PHE B 408 4.73 4.67 -23.16
CA PHE B 408 4.76 6.05 -23.66
C PHE B 408 3.35 6.60 -23.86
N TYR B 409 2.45 5.80 -24.44
CA TYR B 409 1.07 6.25 -24.62
C TYR B 409 0.24 6.13 -23.35
N GLU B 410 0.77 5.52 -22.30
CA GLU B 410 0.04 5.34 -21.06
C GLU B 410 0.22 6.48 -20.08
N ARG B 411 1.14 7.40 -20.34
CA ARG B 411 1.34 8.53 -19.44
C ARG B 411 0.16 9.50 -19.54
N LYS B 412 -0.02 10.29 -18.49
CA LYS B 412 -1.25 11.07 -18.37
C LYS B 412 -1.28 12.29 -19.27
N GLU B 413 -0.13 12.90 -19.56
CA GLU B 413 -0.12 14.11 -20.39
C GLU B 413 -0.48 13.79 -21.84
N ILE B 414 0.16 12.78 -22.41
CA ILE B 414 -0.20 12.33 -23.75
C ILE B 414 -1.64 11.82 -23.76
N ARG B 415 -2.10 11.26 -22.64
CA ARG B 415 -3.49 10.86 -22.54
C ARG B 415 -4.41 12.06 -22.65
N ASP B 416 -4.08 13.16 -21.98
CA ASP B 416 -4.90 14.37 -22.08
C ASP B 416 -4.89 14.91 -23.50
N ILE B 417 -3.73 14.91 -24.15
CA ILE B 417 -3.66 15.42 -25.51
C ILE B 417 -4.49 14.57 -26.47
N VAL B 418 -4.38 13.25 -26.36
CA VAL B 418 -5.16 12.40 -27.25
C VAL B 418 -6.65 12.50 -26.94
N ALA B 419 -7.02 12.73 -25.68
CA ALA B 419 -8.43 12.96 -25.38
C ALA B 419 -8.92 14.26 -25.98
N TYR B 420 -8.09 15.30 -25.94
CA TYR B 420 -8.45 16.54 -26.64
C TYR B 420 -8.64 16.31 -28.12
N LEU B 421 -7.75 15.51 -28.73
CA LEU B 421 -7.90 15.17 -30.14
C LEU B 421 -9.18 14.40 -30.39
N ARG B 422 -9.52 13.46 -29.50
CA ARG B 422 -10.73 12.68 -29.66
C ARG B 422 -11.96 13.58 -29.61
N VAL B 423 -11.98 14.53 -28.68
CA VAL B 423 -13.08 15.50 -28.65
C VAL B 423 -13.10 16.32 -29.91
N LEU B 424 -11.93 16.73 -30.40
CA LEU B 424 -11.86 17.49 -31.64
C LEU B 424 -12.36 16.70 -32.84
N ASP B 425 -12.29 15.37 -32.78
CA ASP B 425 -12.79 14.56 -33.89
C ASP B 425 -14.30 14.69 -34.03
N ASN B 426 -15.04 14.30 -33.00
CA ASN B 426 -16.50 14.38 -33.00
C ASN B 426 -16.95 14.95 -31.67
N PRO B 427 -18.08 15.69 -31.66
CA PRO B 427 -18.61 16.19 -30.39
C PRO B 427 -19.33 15.13 -29.57
N GLY B 428 -19.53 13.94 -30.13
CA GLY B 428 -20.34 12.92 -29.47
C GLY B 428 -19.69 12.22 -28.30
N ASP B 429 -18.38 12.37 -28.13
CA ASP B 429 -17.71 11.72 -27.01
C ASP B 429 -18.10 12.39 -25.70
N ALA B 430 -18.19 11.57 -24.65
CA ALA B 430 -18.57 12.05 -23.33
C ALA B 430 -17.48 11.83 -22.30
N VAL B 431 -16.91 10.62 -22.23
CA VAL B 431 -15.85 10.35 -21.26
C VAL B 431 -14.63 11.22 -21.55
N SER B 432 -14.23 11.30 -22.82
CA SER B 432 -13.07 12.11 -23.18
C SER B 432 -13.30 13.59 -22.87
N LEU B 433 -14.50 14.09 -23.19
CA LEU B 433 -14.80 15.48 -22.88
C LEU B 433 -14.89 15.72 -21.39
N ARG B 434 -15.40 14.75 -20.63
CA ARG B 434 -15.49 14.93 -19.18
C ARG B 434 -14.13 14.84 -18.52
N ARG B 435 -13.16 14.18 -19.14
CA ARG B 435 -11.83 14.06 -18.55
C ARG B 435 -11.00 15.33 -18.74
N ILE B 436 -11.18 16.05 -19.85
CA ILE B 436 -10.34 17.20 -20.16
C ILE B 436 -11.04 18.52 -19.88
N LEU B 437 -12.20 18.50 -19.22
CA LEU B 437 -12.89 19.75 -18.93
C LEU B 437 -12.03 20.67 -18.06
N ASN B 438 -11.37 20.12 -17.06
CA ASN B 438 -10.61 20.88 -16.09
C ASN B 438 -9.22 20.30 -15.91
N THR B 439 -8.66 19.70 -16.97
CA THR B 439 -7.29 19.19 -16.86
C THR B 439 -6.29 20.32 -16.65
N PRO B 440 -6.29 21.40 -17.43
CA PRO B 440 -5.63 22.62 -16.95
C PRO B 440 -6.61 23.48 -16.17
N ARG B 441 -6.22 23.79 -14.93
CA ARG B 441 -7.14 24.48 -14.03
C ARG B 441 -7.50 25.86 -14.57
N ARG B 442 -6.48 26.65 -14.92
CA ARG B 442 -6.65 27.90 -15.67
C ARG B 442 -7.40 28.96 -14.88
N GLY B 443 -7.92 28.60 -13.71
CA GLY B 443 -8.72 29.53 -12.93
C GLY B 443 -9.92 29.96 -13.75
N ILE B 444 -9.92 31.23 -14.15
CA ILE B 444 -10.93 31.71 -15.08
C ILE B 444 -10.66 31.14 -16.46
N GLY B 445 -11.66 30.50 -17.05
CA GLY B 445 -11.49 29.81 -18.31
C GLY B 445 -12.07 28.41 -18.27
N ASP B 446 -12.01 27.78 -17.10
CA ASP B 446 -12.64 26.49 -16.86
C ASP B 446 -12.60 26.19 -15.37
N ARG B 447 -13.67 25.56 -14.88
CA ARG B 447 -13.75 25.17 -13.48
C ARG B 447 -14.68 23.98 -13.37
N ALA B 448 -14.32 23.03 -12.50
CA ALA B 448 -15.12 21.82 -12.35
C ALA B 448 -15.27 21.33 -10.91
N GLU B 449 -14.74 22.06 -9.93
CA GLU B 449 -14.90 21.65 -8.54
C GLU B 449 -16.24 22.15 -8.00
N ALA B 450 -16.50 21.83 -6.73
CA ALA B 450 -17.75 22.20 -6.05
C ALA B 450 -18.97 21.71 -6.83
N CYS B 451 -18.86 20.49 -7.37
CA CYS B 451 -19.94 19.84 -8.11
C CYS B 451 -20.38 20.65 -9.32
N VAL B 452 -19.48 21.45 -9.89
CA VAL B 452 -19.79 22.11 -11.15
C VAL B 452 -19.73 21.12 -12.31
N ALA B 453 -18.78 20.19 -12.26
CA ALA B 453 -18.61 19.24 -13.36
C ALA B 453 -19.82 18.34 -13.51
N VAL B 454 -20.53 18.07 -12.40
CA VAL B 454 -21.68 17.17 -12.46
C VAL B 454 -22.91 17.83 -13.07
N TYR B 455 -22.79 19.07 -13.54
CA TYR B 455 -23.95 19.79 -14.06
C TYR B 455 -24.30 19.35 -15.48
N ALA B 456 -25.08 18.28 -15.57
CA ALA B 456 -25.81 17.92 -16.78
C ALA B 456 -27.31 17.99 -16.55
N GLU B 457 -27.72 18.75 -15.52
CA GLU B 457 -29.08 18.82 -15.01
C GLU B 457 -29.59 17.47 -14.51
N ASN B 458 -28.70 16.48 -14.38
CA ASN B 458 -29.06 15.13 -13.94
C ASN B 458 -30.15 14.53 -14.83
N THR B 459 -30.26 15.03 -16.06
CA THR B 459 -31.24 14.55 -17.02
C THR B 459 -30.55 14.34 -18.36
N GLY B 460 -30.86 13.22 -19.01
CA GLY B 460 -30.24 12.89 -20.26
C GLY B 460 -30.91 13.55 -21.45
N VAL B 461 -31.04 14.88 -21.40
CA VAL B 461 -31.59 15.64 -22.52
C VAL B 461 -30.62 15.48 -23.68
N GLY B 462 -31.00 14.69 -24.68
CA GLY B 462 -30.07 14.30 -25.72
C GLY B 462 -28.89 13.56 -25.15
N PHE B 463 -27.69 14.06 -25.38
CA PHE B 463 -26.47 13.50 -24.79
C PHE B 463 -25.82 14.59 -23.94
N GLY B 464 -25.08 14.15 -22.92
CA GLY B 464 -24.53 15.11 -21.99
C GLY B 464 -23.40 15.93 -22.58
N ASP B 465 -23.70 17.18 -22.90
CA ASP B 465 -22.70 18.16 -23.30
C ASP B 465 -22.91 19.51 -22.63
N ALA B 466 -24.17 19.94 -22.45
CA ALA B 466 -24.48 21.31 -22.06
C ALA B 466 -23.80 22.30 -22.99
N LEU B 467 -22.66 22.85 -22.56
CA LEU B 467 -21.88 23.78 -23.35
C LEU B 467 -22.73 24.96 -23.82
N VAL B 468 -23.24 24.87 -25.06
CA VAL B 468 -24.11 25.91 -25.56
C VAL B 468 -25.33 26.07 -24.66
N ALA B 469 -25.90 24.97 -24.20
CA ALA B 469 -26.93 25.06 -23.17
C ALA B 469 -26.37 25.66 -21.88
N ALA B 470 -25.14 25.26 -21.52
CA ALA B 470 -24.50 25.85 -20.34
C ALA B 470 -24.20 27.32 -20.53
N ALA B 471 -23.76 27.72 -21.73
CA ALA B 471 -23.45 29.11 -21.97
C ALA B 471 -24.72 29.98 -21.96
N GLN B 472 -25.81 29.47 -22.53
CA GLN B 472 -27.03 30.26 -22.58
C GLN B 472 -27.72 30.37 -21.24
N GLY B 473 -27.56 29.38 -20.36
CA GLY B 473 -28.18 29.43 -19.05
C GLY B 473 -29.22 28.36 -18.80
N LYS B 474 -29.05 27.20 -19.41
CA LYS B 474 -29.97 26.09 -19.14
C LYS B 474 -29.92 25.69 -17.67
N VAL B 475 -28.72 25.61 -17.10
CA VAL B 475 -28.54 25.31 -15.68
C VAL B 475 -28.54 26.64 -14.92
N PRO B 476 -29.52 26.89 -14.05
CA PRO B 476 -29.55 28.17 -13.32
C PRO B 476 -28.69 28.22 -12.07
N MET B 477 -28.18 27.10 -11.57
CA MET B 477 -27.34 27.14 -10.38
C MET B 477 -25.93 27.64 -10.68
N LEU B 478 -25.52 27.68 -11.94
CA LEU B 478 -24.16 28.04 -12.30
C LEU B 478 -23.98 29.55 -12.16
N ASN B 479 -22.97 29.97 -11.40
CA ASN B 479 -22.74 31.39 -11.17
C ASN B 479 -22.12 32.04 -12.39
N THR B 480 -21.87 33.34 -12.29
CA THR B 480 -21.36 34.10 -13.43
C THR B 480 -19.96 33.65 -13.83
N ARG B 481 -19.09 33.41 -12.85
CA ARG B 481 -17.72 33.02 -13.17
C ARG B 481 -17.68 31.70 -13.94
N ALA B 482 -18.42 30.70 -13.44
CA ALA B 482 -18.42 29.40 -14.09
C ALA B 482 -19.03 29.46 -15.49
N GLU B 483 -20.12 30.20 -15.67
CA GLU B 483 -20.72 30.29 -16.99
C GLU B 483 -19.82 31.03 -17.96
N LYS B 484 -19.12 32.07 -17.51
CA LYS B 484 -18.15 32.74 -18.36
C LYS B 484 -17.02 31.80 -18.75
N ALA B 485 -16.54 31.00 -17.80
CA ALA B 485 -15.49 30.04 -18.09
C ALA B 485 -15.93 29.01 -19.13
N ILE B 486 -17.15 28.49 -18.97
CA ILE B 486 -17.65 27.49 -19.92
C ILE B 486 -17.87 28.13 -21.28
N ALA B 487 -18.31 29.39 -21.31
CA ALA B 487 -18.45 30.08 -22.58
C ALA B 487 -17.10 30.23 -23.28
N GLY B 488 -16.06 30.59 -22.52
CA GLY B 488 -14.73 30.65 -23.11
C GLY B 488 -14.26 29.30 -23.61
N PHE B 489 -14.55 28.24 -22.86
CA PHE B 489 -14.17 26.89 -23.27
C PHE B 489 -14.84 26.51 -24.58
N VAL B 490 -16.14 26.75 -24.70
CA VAL B 490 -16.84 26.37 -25.92
C VAL B 490 -16.41 27.27 -27.09
N GLU B 491 -16.09 28.54 -26.82
CA GLU B 491 -15.56 29.38 -27.89
C GLU B 491 -14.21 28.88 -28.38
N MET B 492 -13.35 28.44 -27.47
CA MET B 492 -12.08 27.84 -27.87
C MET B 492 -12.31 26.59 -28.70
N PHE B 493 -13.27 25.76 -28.29
CA PHE B 493 -13.60 24.56 -29.04
C PHE B 493 -14.08 24.91 -30.45
N ASP B 494 -14.92 25.93 -30.57
CA ASP B 494 -15.41 26.35 -31.88
C ASP B 494 -14.28 26.90 -32.74
N GLU B 495 -13.37 27.67 -32.14
CA GLU B 495 -12.22 28.17 -32.88
C GLU B 495 -11.37 27.03 -33.40
N LEU B 496 -11.13 26.02 -32.57
CA LEU B 496 -10.39 24.86 -33.01
C LEU B 496 -11.12 24.11 -34.11
N ARG B 497 -12.45 24.02 -34.03
CA ARG B 497 -13.24 23.42 -35.09
C ARG B 497 -13.03 24.16 -36.41
N GLY B 498 -13.08 25.49 -36.36
CA GLY B 498 -12.90 26.31 -37.54
C GLY B 498 -11.49 26.39 -38.06
N ARG B 499 -10.50 26.03 -37.25
CA ARG B 499 -9.11 26.05 -37.67
C ARG B 499 -8.70 24.81 -38.43
N LEU B 500 -9.59 23.83 -38.58
CA LEU B 500 -9.23 22.54 -39.17
C LEU B 500 -9.00 22.74 -40.66
N ASP B 501 -7.82 23.26 -40.99
CA ASP B 501 -7.45 23.51 -42.38
C ASP B 501 -6.01 23.16 -42.73
N ASP B 502 -5.15 22.84 -41.76
CA ASP B 502 -3.73 22.62 -42.02
C ASP B 502 -3.33 21.24 -41.53
N ASP B 503 -2.02 20.97 -41.56
CA ASP B 503 -1.47 19.71 -41.11
C ASP B 503 -1.70 19.50 -39.62
N LEU B 504 -1.81 18.23 -39.21
CA LEU B 504 -2.22 17.90 -37.86
C LEU B 504 -1.14 18.22 -36.82
N GLY B 505 0.13 18.28 -37.21
CA GLY B 505 1.15 18.73 -36.28
C GLY B 505 0.96 20.18 -35.88
N GLU B 506 0.71 21.04 -36.86
CA GLU B 506 0.36 22.43 -36.55
C GLU B 506 -0.95 22.48 -35.77
N LEU B 507 -1.84 21.53 -36.01
CA LEU B 507 -3.07 21.46 -35.21
C LEU B 507 -2.75 21.20 -33.74
N VAL B 508 -1.84 20.27 -33.47
CA VAL B 508 -1.47 20.00 -32.08
C VAL B 508 -0.79 21.21 -31.46
N GLU B 509 0.08 21.88 -32.22
CA GLU B 509 0.71 23.10 -31.69
C GLU B 509 -0.33 24.17 -31.38
N ALA B 510 -1.34 24.31 -32.25
CA ALA B 510 -2.40 25.27 -32.01
C ALA B 510 -3.19 24.89 -30.77
N VAL B 511 -3.47 23.60 -30.58
CA VAL B 511 -4.15 23.15 -29.37
C VAL B 511 -3.35 23.54 -28.14
N LEU B 512 -2.04 23.31 -28.18
CA LEU B 512 -1.19 23.62 -27.04
C LEU B 512 -1.19 25.12 -26.74
N GLU B 513 -1.06 25.95 -27.77
CA GLU B 513 -1.01 27.39 -27.52
C GLU B 513 -2.37 27.94 -27.08
N ARG B 514 -3.47 27.33 -27.53
CA ARG B 514 -4.79 27.79 -27.10
C ARG B 514 -5.09 27.36 -25.68
N THR B 515 -4.74 26.14 -25.30
CA THR B 515 -5.13 25.64 -23.98
C THR B 515 -4.19 26.09 -22.87
N GLY B 516 -3.06 26.71 -23.20
CA GLY B 516 -2.16 27.18 -22.17
C GLY B 516 -1.38 26.10 -21.47
N TYR B 517 -1.42 24.86 -21.98
CA TYR B 517 -0.68 23.77 -21.35
C TYR B 517 0.82 24.04 -21.39
N ARG B 518 1.34 24.49 -22.53
CA ARG B 518 2.77 24.66 -22.68
C ARG B 518 3.32 25.73 -21.76
N ARG B 519 2.62 26.86 -21.63
CA ARG B 519 3.11 27.93 -20.77
C ARG B 519 3.14 27.49 -19.30
N GLU B 520 2.08 26.81 -18.85
CA GLU B 520 2.07 26.29 -17.49
C GLU B 520 3.20 25.30 -17.27
N LEU B 521 3.42 24.40 -18.23
CA LEU B 521 4.46 23.40 -18.11
C LEU B 521 5.84 24.05 -18.03
N GLU B 522 6.07 25.09 -18.83
CA GLU B 522 7.36 25.77 -18.81
C GLU B 522 7.55 26.63 -17.56
N ALA B 523 6.48 27.19 -17.01
CA ALA B 523 6.60 28.06 -15.85
C ALA B 523 6.59 27.31 -14.52
N SER B 524 6.17 26.04 -14.51
CA SER B 524 6.19 25.28 -13.26
C SER B 524 7.62 25.09 -12.77
N THR B 525 8.56 24.82 -13.67
CA THR B 525 9.98 24.68 -13.35
C THR B 525 10.20 23.59 -12.30
N ASP B 526 9.77 22.39 -12.64
CA ASP B 526 9.99 21.20 -11.83
C ASP B 526 10.49 20.07 -12.71
N PRO B 527 11.36 19.21 -12.19
CA PRO B 527 11.88 18.11 -13.03
C PRO B 527 10.79 17.21 -13.58
N GLN B 528 9.76 16.91 -12.77
CA GLN B 528 8.63 16.15 -13.28
C GLN B 528 7.90 16.91 -14.37
N GLU B 529 7.65 18.20 -14.15
CA GLU B 529 6.94 19.00 -15.14
C GLU B 529 7.78 19.21 -16.39
N LEU B 530 9.10 19.37 -16.22
CA LEU B 530 9.97 19.45 -17.39
C LEU B 530 9.95 18.15 -18.19
N ALA B 531 9.96 17.01 -17.50
CA ALA B 531 9.84 15.74 -18.19
C ALA B 531 8.52 15.65 -18.95
N ARG B 532 7.43 16.12 -18.33
CA ARG B 532 6.14 16.12 -19.01
C ARG B 532 6.16 17.01 -20.25
N LEU B 533 6.78 18.19 -20.15
CA LEU B 533 6.85 19.09 -21.29
C LEU B 533 7.65 18.46 -22.43
N ASP B 534 8.80 17.87 -22.12
CA ASP B 534 9.60 17.24 -23.16
C ASP B 534 8.85 16.05 -23.78
N ASN B 535 8.16 15.28 -22.95
CA ASN B 535 7.38 14.15 -23.45
C ASN B 535 6.29 14.62 -24.41
N LEU B 536 5.59 15.71 -24.06
CA LEU B 536 4.53 16.22 -24.92
C LEU B 536 5.09 16.80 -26.22
N ASN B 537 6.22 17.49 -26.15
CA ASN B 537 6.84 17.98 -27.38
C ASN B 537 7.26 16.81 -28.28
N GLU B 538 7.75 15.72 -27.67
CA GLU B 538 8.05 14.54 -28.45
C GLU B 538 6.78 13.97 -29.09
N LEU B 539 5.66 14.02 -28.38
CA LEU B 539 4.39 13.58 -28.96
C LEU B 539 4.04 14.42 -30.18
N VAL B 540 4.25 15.73 -30.10
CA VAL B 540 4.02 16.60 -31.24
C VAL B 540 4.88 16.17 -32.42
N SER B 541 6.16 15.87 -32.14
CA SER B 541 7.05 15.42 -33.21
C SER B 541 6.57 14.11 -33.83
N VAL B 542 6.05 13.20 -32.99
CA VAL B 542 5.55 11.92 -33.50
C VAL B 542 4.34 12.14 -34.40
N ALA B 543 3.45 13.06 -33.99
CA ALA B 543 2.30 13.38 -34.81
C ALA B 543 2.73 13.92 -36.17
N HIS B 544 3.71 14.83 -36.17
CA HIS B 544 4.18 15.36 -37.44
C HIS B 544 4.82 14.28 -38.30
N GLU B 545 5.57 13.36 -37.67
CA GLU B 545 6.20 12.30 -38.44
C GLU B 545 5.16 11.38 -39.08
N PHE B 546 4.11 11.04 -38.33
CA PHE B 546 3.04 10.24 -38.92
C PHE B 546 2.37 10.97 -40.07
N SER B 547 2.13 12.27 -39.89
CA SER B 547 1.52 13.04 -40.97
C SER B 547 2.39 13.03 -42.22
N THR B 548 3.70 13.24 -42.05
CA THR B 548 4.60 13.24 -43.20
C THR B 548 4.63 11.87 -43.88
N ASP B 549 4.69 10.80 -43.09
CA ASP B 549 4.73 9.46 -43.66
C ASP B 549 3.47 9.16 -44.45
N ARG B 550 2.31 9.58 -43.93
CA ARG B 550 1.07 9.36 -44.66
C ARG B 550 1.01 10.25 -45.90
N GLU B 551 1.56 11.45 -45.83
CA GLU B 551 1.43 12.40 -46.93
C GLU B 551 2.34 12.02 -48.09
N ASN B 552 3.54 11.53 -47.81
CA ASN B 552 4.48 11.24 -48.89
C ASN B 552 4.32 9.82 -49.42
N ALA B 553 4.50 8.83 -48.56
CA ALA B 553 4.52 7.44 -49.03
C ALA B 553 3.13 6.99 -49.48
N ALA B 554 2.09 7.34 -48.73
CA ALA B 554 0.76 6.82 -48.99
C ALA B 554 -0.12 7.75 -49.81
N ALA B 555 -0.03 9.05 -49.60
CA ALA B 555 -0.94 9.99 -50.26
C ALA B 555 -0.46 10.35 -51.67
N LEU B 556 0.76 10.87 -51.78
CA LEU B 556 1.31 11.34 -53.05
C LEU B 556 0.39 12.39 -53.65
N GLY B 557 -0.67 11.93 -54.33
CA GLY B 557 -1.78 12.77 -54.73
C GLY B 557 -2.93 12.71 -53.74
N PRO B 558 -2.79 13.37 -52.59
CA PRO B 558 -3.75 13.15 -51.50
C PRO B 558 -5.19 13.50 -51.85
N ASP B 559 -5.41 14.57 -52.63
CA ASP B 559 -6.74 15.12 -52.93
C ASP B 559 -7.69 15.01 -51.75
N ASP B 560 -8.89 14.49 -51.99
CA ASP B 560 -9.90 14.28 -50.94
C ASP B 560 -10.40 12.85 -51.07
N GLU B 561 -9.81 11.94 -50.28
CA GLU B 561 -10.19 10.54 -50.29
C GLU B 561 -11.35 10.30 -49.33
N ASP B 562 -11.62 9.03 -49.04
CA ASP B 562 -12.59 8.70 -47.99
C ASP B 562 -12.16 9.31 -46.66
N VAL B 563 -10.88 9.24 -46.35
CA VAL B 563 -10.28 10.08 -45.32
C VAL B 563 -10.32 11.51 -45.86
N PRO B 564 -10.93 12.46 -45.15
CA PRO B 564 -11.22 13.77 -45.75
C PRO B 564 -9.99 14.53 -46.21
N ASP B 565 -9.06 14.81 -45.29
CA ASP B 565 -7.87 15.57 -45.62
C ASP B 565 -6.64 14.67 -45.50
N THR B 566 -5.46 15.27 -45.69
CA THR B 566 -4.22 14.50 -45.61
C THR B 566 -4.00 13.94 -44.21
N GLY B 567 -4.07 14.81 -43.20
CA GLY B 567 -3.76 14.40 -41.85
C GLY B 567 -4.92 14.47 -40.88
N VAL B 568 -6.09 14.00 -41.29
CA VAL B 568 -7.25 14.07 -40.40
C VAL B 568 -6.99 13.21 -39.16
N LEU B 569 -7.74 13.52 -38.10
CA LEU B 569 -7.54 12.83 -36.84
C LEU B 569 -8.07 11.39 -36.86
N ALA B 570 -8.84 11.03 -37.89
CA ALA B 570 -9.42 9.69 -37.92
C ALA B 570 -8.33 8.62 -37.93
N ASP B 571 -7.50 8.60 -38.97
CA ASP B 571 -6.46 7.59 -39.08
C ASP B 571 -5.42 7.70 -37.98
N PHE B 572 -5.05 8.93 -37.61
CA PHE B 572 -4.06 9.11 -36.56
C PHE B 572 -4.54 8.53 -35.24
N LEU B 573 -5.76 8.90 -34.84
CA LEU B 573 -6.34 8.35 -33.61
C LEU B 573 -6.55 6.86 -33.69
N GLU B 574 -6.92 6.34 -34.86
CA GLU B 574 -7.05 4.89 -35.01
C GLU B 574 -5.72 4.19 -34.76
N ARG B 575 -4.65 4.72 -35.33
CA ARG B 575 -3.33 4.14 -35.11
C ARG B 575 -2.93 4.21 -33.65
N VAL B 576 -3.15 5.37 -33.02
CA VAL B 576 -2.78 5.53 -31.62
C VAL B 576 -3.55 4.55 -30.74
N SER B 577 -4.85 4.41 -30.99
CA SER B 577 -5.67 3.50 -30.20
C SER B 577 -5.24 2.05 -30.42
N LEU B 578 -4.97 1.65 -31.67
CA LEU B 578 -4.62 0.26 -31.92
C LEU B 578 -3.25 -0.07 -31.34
N VAL B 579 -2.32 0.90 -31.33
CA VAL B 579 -1.06 0.67 -30.64
C VAL B 579 -1.28 0.60 -29.13
N ALA B 580 -2.20 1.42 -28.61
CA ALA B 580 -2.53 1.37 -27.20
C ALA B 580 -3.20 0.05 -26.82
N ASP B 581 -4.07 -0.46 -27.68
CA ASP B 581 -4.75 -1.74 -27.43
C ASP B 581 -3.89 -2.92 -27.86
N ALA B 582 -2.63 -2.92 -27.40
CA ALA B 582 -1.70 -3.98 -27.77
C ALA B 582 -0.88 -4.41 -26.56
N ASP B 583 -1.46 -4.34 -25.36
CA ASP B 583 -0.78 -4.70 -24.13
C ASP B 583 -0.73 -6.21 -23.89
N GLU B 584 -1.09 -7.01 -24.89
CA GLU B 584 -1.07 -8.47 -24.74
C GLU B 584 0.34 -9.04 -24.70
N ILE B 585 1.36 -8.20 -24.80
CA ILE B 585 2.74 -8.67 -24.77
C ILE B 585 3.06 -9.24 -23.39
N PRO B 586 3.62 -10.45 -23.30
CA PRO B 586 3.89 -11.05 -21.99
C PRO B 586 4.89 -10.24 -21.18
N GLU B 587 4.75 -10.32 -19.86
CA GLU B 587 5.61 -9.64 -18.92
C GLU B 587 6.81 -10.53 -18.58
N HIS B 588 7.52 -10.22 -17.49
CA HIS B 588 8.75 -10.90 -17.11
C HIS B 588 8.56 -12.38 -16.81
N GLY B 589 7.36 -12.94 -16.97
CA GLY B 589 7.20 -14.37 -16.84
C GLY B 589 8.06 -15.14 -17.83
N ALA B 590 8.16 -14.63 -19.06
CA ALA B 590 9.08 -15.15 -20.05
C ALA B 590 10.28 -14.20 -20.15
N GLY B 591 11.16 -14.46 -21.11
CA GLY B 591 12.30 -13.59 -21.33
C GLY B 591 11.86 -12.24 -21.84
N VAL B 592 12.02 -11.19 -21.03
CA VAL B 592 11.58 -9.85 -21.39
C VAL B 592 12.74 -8.89 -21.19
N VAL B 593 12.73 -7.80 -21.95
CA VAL B 593 13.75 -6.77 -21.84
C VAL B 593 13.21 -5.68 -20.92
N THR B 594 14.13 -4.98 -20.24
CA THR B 594 13.78 -3.97 -19.26
C THR B 594 14.17 -2.59 -19.74
N LEU B 595 13.30 -1.61 -19.51
CA LEU B 595 13.56 -0.21 -19.83
C LEU B 595 13.34 0.64 -18.59
N MET B 596 14.14 1.69 -18.46
CA MET B 596 14.06 2.59 -17.32
C MET B 596 14.85 3.85 -17.65
N THR B 597 14.72 4.85 -16.78
CA THR B 597 15.53 6.05 -16.90
C THR B 597 16.75 5.95 -15.99
N LEU B 598 17.70 6.85 -16.20
CA LEU B 598 18.94 6.79 -15.44
C LEU B 598 18.71 7.00 -13.95
N HIS B 599 17.81 7.91 -13.58
CA HIS B 599 17.63 8.26 -12.17
C HIS B 599 17.13 7.10 -11.34
N THR B 600 16.45 6.11 -11.95
CA THR B 600 15.97 4.96 -11.22
C THR B 600 16.84 3.73 -11.42
N ALA B 601 18.02 3.89 -12.01
CA ALA B 601 18.91 2.76 -12.24
C ALA B 601 19.81 2.45 -11.05
N LYS B 602 19.72 3.23 -9.98
CA LYS B 602 20.61 3.01 -8.84
C LYS B 602 20.16 1.79 -8.04
N GLY B 603 21.11 0.91 -7.74
CA GLY B 603 20.86 -0.25 -6.92
C GLY B 603 20.58 -1.54 -7.67
N LEU B 604 20.56 -1.52 -9.00
CA LEU B 604 20.30 -2.71 -9.79
C LEU B 604 21.59 -3.24 -10.40
N GLU B 605 21.49 -4.41 -11.02
CA GLU B 605 22.62 -5.05 -11.68
C GLU B 605 22.13 -5.78 -12.93
N PHE B 606 22.91 -5.67 -14.02
CA PHE B 606 22.54 -6.31 -15.26
C PHE B 606 23.79 -6.68 -16.04
N PRO B 607 23.80 -7.84 -16.70
CA PRO B 607 25.04 -8.27 -17.38
C PRO B 607 25.29 -7.57 -18.69
N VAL B 608 24.25 -7.24 -19.46
CA VAL B 608 24.38 -6.55 -20.73
C VAL B 608 23.51 -5.31 -20.70
N VAL B 609 24.10 -4.16 -21.00
CA VAL B 609 23.38 -2.89 -20.94
C VAL B 609 23.65 -2.08 -22.19
N PHE B 610 22.62 -1.35 -22.63
CA PHE B 610 22.70 -0.38 -23.71
C PHE B 610 22.34 0.98 -23.15
N VAL B 611 22.96 2.03 -23.69
CA VAL B 611 22.60 3.40 -23.31
C VAL B 611 22.32 4.18 -24.57
N THR B 612 21.24 4.97 -24.54
CA THR B 612 20.77 5.72 -25.69
C THR B 612 20.82 7.21 -25.41
N GLY B 613 21.05 8.00 -26.45
CA GLY B 613 21.03 9.44 -26.32
C GLY B 613 22.32 9.98 -25.74
N TRP B 614 23.45 9.47 -26.22
CA TRP B 614 24.75 9.81 -25.68
C TRP B 614 25.42 10.93 -26.48
N GLU B 615 24.70 12.05 -26.59
CA GLU B 615 25.23 13.22 -27.27
C GLU B 615 24.94 14.45 -26.43
N ASP B 616 25.74 15.50 -26.63
CA ASP B 616 25.58 16.70 -25.85
C ASP B 616 24.29 17.42 -26.24
N GLY B 617 23.84 18.28 -25.36
CA GLY B 617 22.55 18.92 -25.53
C GLY B 617 21.41 18.08 -25.01
N MET B 618 21.42 16.79 -25.31
CA MET B 618 20.38 15.88 -24.83
C MET B 618 20.77 15.22 -23.51
N PHE B 619 21.90 14.51 -23.50
CA PHE B 619 22.30 13.85 -22.26
C PHE B 619 22.80 14.90 -21.26
N PRO B 620 23.73 15.79 -21.63
CA PRO B 620 23.88 17.01 -20.83
C PRO B 620 22.84 18.03 -21.24
N HIS B 621 21.83 18.22 -20.39
CA HIS B 621 20.73 19.10 -20.73
C HIS B 621 21.17 20.56 -20.74
N MET B 622 20.36 21.39 -21.39
CA MET B 622 20.63 22.82 -21.39
C MET B 622 20.63 23.41 -20.00
N ARG B 623 19.91 22.81 -19.06
CA ARG B 623 19.96 23.23 -17.68
C ARG B 623 21.29 22.88 -17.00
N ALA B 624 22.11 22.03 -17.64
CA ALA B 624 23.40 21.66 -17.09
C ALA B 624 24.58 22.19 -17.90
N LEU B 625 24.33 22.79 -19.06
CA LEU B 625 25.43 23.30 -19.88
C LEU B 625 26.08 24.52 -19.25
N ASP B 626 25.39 25.20 -18.33
CA ASP B 626 25.88 26.43 -17.73
C ASP B 626 26.25 26.28 -16.27
N ASN B 627 25.33 25.77 -15.45
CA ASN B 627 25.60 25.64 -14.02
C ASN B 627 26.62 24.53 -13.80
N PRO B 628 27.77 24.83 -13.18
CA PRO B 628 28.76 23.76 -12.93
C PRO B 628 28.23 22.64 -12.05
N THR B 629 27.37 22.98 -11.07
CA THR B 629 26.84 21.95 -10.19
C THR B 629 26.04 20.92 -10.98
N GLU B 630 25.16 21.37 -11.87
CA GLU B 630 24.40 20.45 -12.69
C GLU B 630 25.29 19.63 -13.62
N LEU B 631 26.34 20.26 -14.16
CA LEU B 631 27.27 19.54 -15.02
C LEU B 631 27.93 18.39 -14.26
N SER B 632 28.47 18.67 -13.08
CA SER B 632 29.11 17.62 -12.29
C SER B 632 28.11 16.56 -11.87
N GLU B 633 26.89 16.97 -11.50
CA GLU B 633 25.88 16.00 -11.11
C GLU B 633 25.53 15.06 -12.25
N GLU B 634 25.36 15.59 -13.45
CA GLU B 634 25.05 14.72 -14.58
C GLU B 634 26.24 13.87 -14.99
N ARG B 635 27.47 14.36 -14.75
CA ARG B 635 28.63 13.50 -14.97
C ARG B 635 28.61 12.30 -14.01
N ARG B 636 28.30 12.55 -12.74
CA ARG B 636 28.16 11.45 -11.79
C ARG B 636 27.02 10.52 -12.19
N LEU B 637 25.95 11.08 -12.75
CA LEU B 637 24.86 10.26 -13.25
C LEU B 637 25.33 9.36 -14.38
N ALA B 638 26.16 9.89 -15.27
CA ALA B 638 26.73 9.06 -16.33
C ALA B 638 27.61 7.96 -15.76
N TYR B 639 28.35 8.27 -14.69
CA TYR B 639 29.17 7.26 -14.04
C TYR B 639 28.32 6.13 -13.48
N VAL B 640 27.26 6.47 -12.75
CA VAL B 640 26.41 5.44 -12.16
C VAL B 640 25.66 4.68 -13.23
N GLY B 641 25.39 5.30 -14.38
CA GLY B 641 24.82 4.56 -15.49
C GLY B 641 25.79 3.58 -16.12
N ILE B 642 27.04 4.01 -16.30
CA ILE B 642 28.05 3.14 -16.90
C ILE B 642 28.30 1.93 -16.03
N THR B 643 28.45 2.14 -14.72
CA THR B 643 28.85 1.05 -13.84
C THR B 643 27.75 0.03 -13.60
N ARG B 644 26.64 0.10 -14.33
CA ARG B 644 25.58 -0.90 -14.20
C ARG B 644 25.85 -2.16 -15.00
N ALA B 645 26.81 -2.15 -15.92
CA ALA B 645 27.10 -3.31 -16.74
C ALA B 645 27.96 -4.31 -15.99
N ARG B 646 27.97 -5.54 -16.49
CA ARG B 646 28.81 -6.59 -15.93
C ARG B 646 29.82 -7.12 -16.92
N GLN B 647 29.42 -7.43 -18.16
CA GLN B 647 30.37 -7.85 -19.18
C GLN B 647 30.18 -7.18 -20.54
N ARG B 648 29.02 -6.61 -20.83
CA ARG B 648 28.80 -5.96 -22.12
C ARG B 648 28.04 -4.66 -21.94
N LEU B 649 28.62 -3.58 -22.43
CA LEU B 649 28.01 -2.25 -22.35
C LEU B 649 28.15 -1.59 -23.71
N TYR B 650 27.03 -1.17 -24.29
CA TYR B 650 27.01 -0.57 -25.61
C TYR B 650 26.43 0.83 -25.52
N VAL B 651 26.98 1.74 -26.32
CA VAL B 651 26.63 3.15 -26.30
C VAL B 651 26.12 3.52 -27.69
N SER B 652 25.05 4.30 -27.74
CA SER B 652 24.50 4.72 -29.02
C SER B 652 24.24 6.21 -29.04
N ARG B 653 24.40 6.81 -30.21
CA ARG B 653 24.12 8.23 -30.39
C ARG B 653 23.49 8.43 -31.76
N ALA B 654 22.75 9.53 -31.89
CA ALA B 654 22.06 9.85 -33.12
C ALA B 654 22.54 11.21 -33.63
N ILE B 655 22.87 11.28 -34.92
CA ILE B 655 23.39 12.52 -35.48
C ILE B 655 22.31 13.59 -35.58
N VAL B 656 21.10 13.21 -35.98
CA VAL B 656 19.99 14.15 -36.07
C VAL B 656 18.77 13.54 -35.40
N ARG B 657 18.02 14.38 -34.69
CA ARG B 657 16.81 13.95 -34.01
C ARG B 657 15.75 15.02 -34.15
N SER B 658 14.49 14.58 -34.17
CA SER B 658 13.38 15.50 -34.34
C SER B 658 12.86 15.95 -32.98
N SER B 659 12.57 17.24 -32.87
CA SER B 659 11.96 17.82 -31.68
C SER B 659 11.25 19.10 -32.10
N TRP B 660 10.09 19.35 -31.48
CA TRP B 660 9.24 20.49 -31.82
C TRP B 660 8.81 20.47 -33.27
N GLY B 661 8.82 19.30 -33.90
CA GLY B 661 8.52 19.20 -35.32
C GLY B 661 9.64 19.63 -36.23
N GLN B 662 10.83 19.88 -35.71
CA GLN B 662 11.97 20.31 -36.51
C GLN B 662 13.17 19.42 -36.20
N PRO B 663 14.02 19.19 -37.19
CA PRO B 663 15.23 18.39 -36.96
C PRO B 663 16.35 19.25 -36.37
N MET B 664 16.84 18.85 -35.21
CA MET B 664 17.95 19.55 -34.58
C MET B 664 19.26 18.80 -34.80
N LEU B 665 20.35 19.55 -34.81
CA LEU B 665 21.70 19.00 -34.96
C LEU B 665 22.40 19.05 -33.61
N ASN B 666 22.85 17.88 -33.14
CA ASN B 666 23.52 17.78 -31.86
C ASN B 666 24.84 17.03 -32.04
N PRO B 667 25.98 17.64 -31.70
CA PRO B 667 27.26 16.93 -31.83
C PRO B 667 27.38 15.78 -30.85
N GLU B 668 28.48 15.05 -30.91
CA GLU B 668 28.70 14.01 -29.91
C GLU B 668 28.94 14.65 -28.55
N SER B 669 28.60 13.91 -27.50
CA SER B 669 28.75 14.43 -26.16
C SER B 669 30.22 14.58 -25.80
N ARG B 670 30.49 15.46 -24.84
CA ARG B 670 31.83 15.57 -24.29
C ARG B 670 32.22 14.33 -23.51
N PHE B 671 31.27 13.44 -23.23
CA PHE B 671 31.55 12.22 -22.48
C PHE B 671 32.17 11.12 -23.35
N LEU B 672 32.08 11.22 -24.68
CA LEU B 672 32.73 10.23 -25.52
C LEU B 672 34.25 10.33 -25.48
N ARG B 673 34.79 11.54 -25.35
CA ARG B 673 36.23 11.72 -25.24
C ARG B 673 36.74 11.41 -23.84
N GLU B 674 35.93 11.62 -22.80
CA GLU B 674 36.34 11.28 -21.45
C GLU B 674 36.55 9.78 -21.31
N ILE B 675 35.75 8.97 -22.00
CA ILE B 675 35.91 7.52 -21.98
C ILE B 675 37.27 7.21 -22.58
N PRO B 676 37.94 6.14 -22.15
CA PRO B 676 39.24 5.80 -22.75
C PRO B 676 39.08 5.57 -24.24
N GLN B 677 39.88 6.28 -25.02
CA GLN B 677 39.72 6.24 -26.47
C GLN B 677 39.95 4.83 -27.01
N GLU B 678 41.01 4.16 -26.54
CA GLU B 678 41.37 2.83 -26.98
C GLU B 678 41.40 2.76 -28.51
N LEU B 679 40.96 1.64 -29.08
CA LEU B 679 40.73 1.58 -30.51
C LEU B 679 39.46 2.33 -30.87
N ILE B 680 39.36 2.74 -32.13
CA ILE B 680 38.15 3.40 -32.60
C ILE B 680 36.98 2.44 -32.52
N ASP B 681 36.01 2.76 -31.66
CA ASP B 681 34.91 1.85 -31.37
C ASP B 681 33.53 2.47 -31.54
N TRP B 682 33.42 3.78 -31.76
CA TRP B 682 32.13 4.43 -31.80
C TRP B 682 31.46 4.40 -33.17
N ARG B 683 32.15 3.90 -34.19
CA ARG B 683 31.64 3.89 -35.56
C ARG B 683 31.62 2.47 -36.12
N ARG B 684 31.22 1.52 -35.29
CA ARG B 684 31.26 0.11 -35.67
C ARG B 684 30.00 -0.57 -35.16
N THR B 685 30.00 -1.89 -35.22
CA THR B 685 28.86 -2.67 -34.76
C THR B 685 29.30 -4.06 -34.28
CA LEU B 719 17.00 12.75 -41.13
C LEU B 719 17.48 11.38 -41.59
N VAL B 720 16.71 10.35 -41.25
CA VAL B 720 16.99 8.98 -41.64
C VAL B 720 16.46 8.78 -43.06
N LEU B 721 17.17 7.99 -43.85
CA LEU B 721 16.74 7.63 -45.19
C LEU B 721 16.72 6.12 -45.32
N GLN B 722 15.58 5.51 -44.98
CA GLN B 722 15.41 4.07 -45.03
C GLN B 722 14.73 3.67 -46.33
N VAL B 723 14.71 2.35 -46.58
CA VAL B 723 14.13 1.83 -47.80
C VAL B 723 12.63 2.16 -47.83
N GLY B 724 12.19 2.75 -48.94
CA GLY B 724 10.82 3.13 -49.13
C GLY B 724 10.45 4.50 -48.60
N ASP B 725 11.31 5.09 -47.77
CA ASP B 725 11.01 6.38 -47.19
C ASP B 725 11.11 7.48 -48.24
N ARG B 726 10.13 8.36 -48.24
CA ARG B 726 10.10 9.51 -49.13
C ARG B 726 10.41 10.78 -48.35
N VAL B 727 11.35 11.57 -48.87
CA VAL B 727 11.73 12.83 -48.25
C VAL B 727 11.76 13.92 -49.32
N THR B 728 11.97 15.15 -48.87
CA THR B 728 11.93 16.31 -49.73
C THR B 728 13.20 17.14 -49.59
N HIS B 729 13.70 17.63 -50.72
CA HIS B 729 14.81 18.56 -50.78
C HIS B 729 14.35 19.81 -51.52
N ASP B 730 14.76 20.98 -51.03
CA ASP B 730 14.26 22.23 -51.56
C ASP B 730 14.67 22.44 -53.01
N LYS B 731 15.79 21.85 -53.43
CA LYS B 731 16.30 22.04 -54.78
C LYS B 731 16.04 20.86 -55.70
N TYR B 732 15.93 19.65 -55.16
CA TYR B 732 15.73 18.45 -55.97
C TYR B 732 14.29 17.96 -56.00
N GLY B 733 13.42 18.48 -55.14
CA GLY B 733 12.06 18.00 -55.09
C GLY B 733 11.93 16.78 -54.18
N LEU B 734 10.97 15.93 -54.51
CA LEU B 734 10.70 14.73 -53.73
C LEU B 734 11.61 13.59 -54.18
N GLY B 735 11.91 12.70 -53.24
CA GLY B 735 12.75 11.56 -53.56
C GLY B 735 12.45 10.38 -52.65
N ARG B 736 12.69 9.18 -53.18
CA ARG B 736 12.45 7.94 -52.47
C ARG B 736 13.76 7.19 -52.33
N VAL B 737 14.10 6.80 -51.11
CA VAL B 737 15.36 6.15 -50.83
C VAL B 737 15.30 4.69 -51.25
N GLU B 738 16.37 4.21 -51.88
CA GLU B 738 16.41 2.83 -52.35
C GLU B 738 17.25 1.93 -51.46
N GLU B 739 18.48 2.32 -51.14
CA GLU B 739 19.41 1.46 -50.42
C GLU B 739 19.98 2.21 -49.22
N VAL B 740 20.13 1.49 -48.11
CA VAL B 740 20.76 2.01 -46.90
C VAL B 740 22.03 1.21 -46.67
N SER B 741 23.17 1.88 -46.70
CA SER B 741 24.46 1.23 -46.58
C SER B 741 25.39 2.09 -45.72
N GLY B 742 26.37 1.43 -45.11
CA GLY B 742 27.36 2.11 -44.29
C GLY B 742 26.95 2.18 -42.84
N VAL B 743 27.92 2.56 -42.01
CA VAL B 743 27.74 2.68 -40.57
C VAL B 743 28.17 4.07 -40.14
N GLY B 744 27.30 4.74 -39.39
CA GLY B 744 27.62 6.07 -38.90
C GLY B 744 27.52 7.16 -39.95
N GLU B 745 28.26 8.26 -39.74
CA GLU B 745 28.19 9.39 -40.66
C GLU B 745 28.82 9.08 -42.01
N SER B 746 29.51 7.95 -42.14
CA SER B 746 30.09 7.53 -43.41
C SER B 746 29.02 7.03 -44.39
N ALA B 747 27.78 6.89 -43.94
CA ALA B 747 26.72 6.38 -44.80
C ALA B 747 26.34 7.40 -45.86
N MET B 748 26.26 6.95 -47.11
CA MET B 748 25.78 7.75 -48.23
C MET B 748 24.52 7.09 -48.80
N SER B 749 23.47 7.88 -48.96
CA SER B 749 22.14 7.37 -49.27
C SER B 749 21.82 7.60 -50.74
N LEU B 750 21.26 6.57 -51.39
CA LEU B 750 20.84 6.65 -52.79
C LEU B 750 19.34 6.92 -52.84
N ILE B 751 18.97 8.01 -53.52
CA ILE B 751 17.57 8.43 -53.63
C ILE B 751 17.23 8.49 -55.11
N ASP B 752 16.15 7.82 -55.49
CA ASP B 752 15.58 7.96 -56.83
C ASP B 752 14.54 9.07 -56.79
N PHE B 753 14.66 10.01 -57.72
CA PHE B 753 13.76 11.16 -57.76
C PHE B 753 12.57 10.94 -58.70
N GLY B 754 12.47 9.77 -59.32
CA GLY B 754 11.42 9.53 -60.29
C GLY B 754 11.82 10.00 -61.67
N SER B 755 11.33 11.19 -62.06
CA SER B 755 11.68 11.73 -63.37
C SER B 755 13.11 12.26 -63.40
N SER B 756 13.65 12.65 -62.25
CA SER B 756 14.96 13.29 -62.20
C SER B 756 16.11 12.33 -61.96
N GLY B 757 15.86 11.03 -61.89
CA GLY B 757 16.92 10.06 -61.77
C GLY B 757 17.31 9.75 -60.33
N ARG B 758 18.47 9.11 -60.20
CA ARG B 758 19.00 8.66 -58.91
C ARG B 758 20.23 9.49 -58.56
N VAL B 759 20.32 9.91 -57.31
CA VAL B 759 21.45 10.68 -56.81
C VAL B 759 21.86 10.13 -55.44
N LYS B 760 23.17 10.04 -55.21
CA LYS B 760 23.71 9.60 -53.94
C LYS B 760 24.21 10.82 -53.17
N LEU B 761 23.72 10.99 -51.94
CA LEU B 761 24.00 12.19 -51.17
C LEU B 761 24.31 11.83 -49.72
N MET B 762 24.76 12.83 -48.96
CA MET B 762 25.02 12.70 -47.53
C MET B 762 23.81 13.15 -46.74
N HIS B 763 23.93 13.07 -45.41
CA HIS B 763 22.77 13.29 -44.54
C HIS B 763 22.87 14.61 -43.77
N ASN B 764 24.08 15.04 -43.42
CA ASN B 764 24.23 16.23 -42.59
C ASN B 764 24.44 17.50 -43.40
N HIS B 765 24.87 17.41 -44.66
CA HIS B 765 25.13 18.59 -45.48
C HIS B 765 24.09 18.83 -46.55
N ALA B 766 23.22 17.86 -46.82
CA ALA B 766 22.14 18.05 -47.78
C ALA B 766 20.89 18.53 -47.06
N PRO B 767 20.38 19.72 -47.38
CA PRO B 767 19.20 20.23 -46.66
C PRO B 767 17.94 19.44 -47.01
N VAL B 768 17.80 18.26 -46.39
CA VAL B 768 16.66 17.39 -46.59
C VAL B 768 15.73 17.56 -45.39
N THR B 769 14.44 17.76 -45.67
CA THR B 769 13.46 17.94 -44.60
C THR B 769 12.45 16.80 -44.57
#